data_9F7M
#
_entry.id   9F7M
#
_cell.length_a   79.570
_cell.length_b   117.701
_cell.length_c   99.466
_cell.angle_alpha   90.000
_cell.angle_beta   93.617
_cell.angle_gamma   90.000
#
_symmetry.space_group_name_H-M   'P 1 21 1'
#
loop_
_entity.id
_entity.type
_entity.pdbx_description
1 polymer Oligoribonuclease
2 polymer "RNA (5'-R(P*GP*G)-3')"
3 non-polymer 'SODIUM ION'
4 water water
#
loop_
_entity_poly.entity_id
_entity_poly.type
_entity_poly.pdbx_seq_one_letter_code
_entity_poly.pdbx_strand_id
1 'polypeptide(L)'
;SMADSAGHLVWIDCEMTGLDLVEDKLIEVAVLITDSELNVLDPGLDLIISADDAALDGMNEVVRTMHEKSGLTEEVRAST
LTVAEAEQQVLAYIKRWVPERRTAPLCGNSIGTDRGFLARDMPELDDHLHYRMIDVSSVKELARRWFPRVYFGQPAKGLA
HRALADIIESVRELAYYRRTVFVDSPGPSSSQAKKAAAEVVGGFAALLDGDEKAPAPGA
;
A,B,C,D,E,F,G,H
2 'polyribonucleotide' GG I,J,K,L,M,N,O,P
#
loop_
_chem_comp.id
_chem_comp.type
_chem_comp.name
_chem_comp.formula
G RNA linking GUANOSINE-5'-MONOPHOSPHATE 'C10 H14 N5 O8 P'
NA non-polymer 'SODIUM ION' 'Na 1'
#
# COMPACT_ATOMS: atom_id res chain seq x y z
N ALA A 6 16.92 34.57 2.47
CA ALA A 6 16.54 33.23 2.02
C ALA A 6 16.92 32.18 3.07
N GLY A 7 18.06 32.38 3.71
CA GLY A 7 18.52 31.42 4.67
C GLY A 7 17.88 31.48 6.05
N HIS A 8 16.80 32.26 6.24
CA HIS A 8 16.21 32.41 7.57
C HIS A 8 14.69 32.44 7.50
N LEU A 9 14.06 31.87 8.51
CA LEU A 9 12.62 31.82 8.64
C LEU A 9 12.20 32.48 9.94
N VAL A 10 11.17 33.33 9.89
CA VAL A 10 10.64 33.97 11.10
C VAL A 10 9.38 33.24 11.50
N TRP A 11 9.32 32.80 12.76
CA TRP A 11 8.19 32.06 13.30
C TRP A 11 7.52 32.90 14.37
N ILE A 12 6.21 33.03 14.29
CA ILE A 12 5.47 33.80 15.31
C ILE A 12 4.24 33.03 15.71
N ASP A 13 3.95 33.03 17.00
CA ASP A 13 2.66 32.60 17.52
C ASP A 13 2.09 33.74 18.36
N CYS A 14 0.83 34.06 18.12
CA CYS A 14 0.13 35.10 18.86
C CYS A 14 -0.95 34.49 19.74
N GLU A 15 -1.24 35.16 20.87
CA GLU A 15 -2.42 34.85 21.65
C GLU A 15 -3.30 36.10 21.70
N MET A 16 -4.61 35.87 21.74
CA MET A 16 -5.62 36.92 21.58
C MET A 16 -6.76 36.67 22.55
N THR A 17 -7.57 37.70 22.79
CA THR A 17 -8.80 37.50 23.52
C THR A 17 -9.86 36.77 22.70
N GLY A 18 -9.59 36.55 21.41
CA GLY A 18 -10.53 35.88 20.54
C GLY A 18 -10.08 36.08 19.10
N LEU A 19 -10.89 35.56 18.18
CA LEU A 19 -10.52 35.55 16.76
C LEU A 19 -11.07 36.74 15.97
N ASP A 20 -11.80 37.65 16.61
CA ASP A 20 -12.50 38.74 15.93
C ASP A 20 -11.53 39.91 15.71
N LEU A 21 -11.24 40.22 14.44
CA LEU A 21 -10.33 41.32 14.14
C LEU A 21 -10.95 42.69 14.44
N VAL A 22 -12.26 42.75 14.60
CA VAL A 22 -12.84 44.03 14.97
C VAL A 22 -12.70 44.27 16.47
N GLU A 23 -12.92 43.24 17.29
CA GLU A 23 -13.13 43.43 18.72
C GLU A 23 -12.01 42.88 19.60
N ASP A 24 -11.26 41.89 19.16
CA ASP A 24 -10.35 41.22 20.07
C ASP A 24 -8.98 41.86 20.10
N LYS A 25 -8.29 41.68 21.22
CA LYS A 25 -6.99 42.28 21.47
C LYS A 25 -5.88 41.24 21.37
N LEU A 26 -4.71 41.70 20.91
CA LEU A 26 -3.49 40.92 20.89
C LEU A 26 -2.83 40.99 22.26
N ILE A 27 -2.65 39.85 22.92
CA ILE A 27 -2.14 39.83 24.29
C ILE A 27 -0.82 39.09 24.45
N GLU A 28 -0.36 38.33 23.44
CA GLU A 28 0.95 37.70 23.54
C GLU A 28 1.52 37.54 22.14
N VAL A 29 2.81 37.79 21.99
CA VAL A 29 3.52 37.52 20.74
C VAL A 29 4.83 36.83 21.08
N ALA A 30 5.03 35.62 20.55
CA ALA A 30 6.30 34.93 20.67
C ALA A 30 6.93 34.83 19.29
N VAL A 31 8.25 35.01 19.23
CA VAL A 31 8.97 35.03 17.96
C VAL A 31 10.19 34.11 18.08
N LEU A 32 10.44 33.32 17.05
CA LEU A 32 11.57 32.41 16.99
C LEU A 32 12.19 32.53 15.60
N ILE A 33 13.52 32.39 15.51
CA ILE A 33 14.22 32.39 14.22
C ILE A 33 14.82 31.01 13.99
N THR A 34 14.59 30.46 12.79
CA THR A 34 15.35 29.28 12.36
C THR A 34 16.09 29.59 11.06
N ASP A 35 17.11 28.79 10.77
CA ASP A 35 17.68 28.84 9.44
C ASP A 35 16.77 28.04 8.51
N SER A 36 17.17 27.92 7.24
CA SER A 36 16.33 27.23 6.28
C SER A 36 16.25 25.73 6.52
N GLU A 37 17.13 25.18 7.37
CA GLU A 37 17.08 23.76 7.72
C GLU A 37 16.39 23.50 9.05
N LEU A 38 15.70 24.50 9.60
CA LEU A 38 14.91 24.42 10.82
C LEU A 38 15.76 24.33 12.08
N ASN A 39 17.03 24.72 12.00
CA ASN A 39 17.82 24.89 13.21
C ASN A 39 17.41 26.17 13.94
N VAL A 40 17.07 26.04 15.22
CA VAL A 40 16.65 27.19 16.02
C VAL A 40 17.90 27.99 16.37
N LEU A 41 17.88 29.29 16.05
CA LEU A 41 19.10 30.10 16.12
C LEU A 41 19.26 30.85 17.43
N ASP A 42 18.18 30.94 18.22
CA ASP A 42 18.17 31.67 19.48
C ASP A 42 16.95 31.18 20.27
N PRO A 43 16.97 31.24 21.60
CA PRO A 43 15.85 30.68 22.38
C PRO A 43 14.50 31.33 22.11
N GLY A 44 14.48 32.56 21.61
CA GLY A 44 13.25 33.22 21.21
C GLY A 44 12.84 34.31 22.18
N LEU A 45 11.78 35.01 21.81
CA LEU A 45 11.21 36.10 22.59
C LEU A 45 9.76 35.77 22.89
N ASP A 46 9.29 36.10 24.08
CA ASP A 46 7.88 35.83 24.40
C ASP A 46 7.37 37.05 25.14
N LEU A 47 6.54 37.86 24.47
CA LEU A 47 6.13 39.16 25.00
C LEU A 47 4.67 39.12 25.41
N ILE A 48 4.38 39.57 26.63
CA ILE A 48 3.03 39.62 27.16
C ILE A 48 2.55 41.06 27.11
N ILE A 49 1.48 41.30 26.35
CA ILE A 49 1.00 42.63 26.01
C ILE A 49 -0.23 42.96 26.85
N SER A 50 -0.25 44.17 27.38
CA SER A 50 -1.33 44.57 28.29
C SER A 50 -2.66 44.68 27.55
N ALA A 51 -3.74 44.24 28.23
CA ALA A 51 -5.11 44.49 27.81
C ALA A 51 -5.92 44.75 29.07
N ASP A 52 -6.99 45.54 28.92
CA ASP A 52 -7.75 45.95 30.10
C ASP A 52 -8.63 44.82 30.59
N ASP A 53 -9.10 44.95 31.83
CA ASP A 53 -9.95 43.92 32.42
C ASP A 53 -11.24 43.76 31.64
N ALA A 54 -11.76 44.84 31.05
CA ALA A 54 -12.99 44.73 30.27
C ALA A 54 -12.79 43.84 29.06
N ALA A 55 -11.67 44.03 28.34
CA ALA A 55 -11.36 43.16 27.21
C ALA A 55 -11.22 41.71 27.64
N LEU A 56 -10.53 41.48 28.76
CA LEU A 56 -10.38 40.10 29.23
C LEU A 56 -11.70 39.52 29.69
N ASP A 57 -12.58 40.34 30.27
CA ASP A 57 -13.90 39.87 30.68
C ASP A 57 -14.77 39.49 29.50
N GLY A 58 -14.46 39.97 28.30
CA GLY A 58 -15.23 39.64 27.11
C GLY A 58 -14.89 38.32 26.46
N MET A 59 -13.81 37.66 26.87
CA MET A 59 -13.45 36.38 26.26
C MET A 59 -14.56 35.35 26.44
N ASN A 60 -14.74 34.51 25.42
CA ASN A 60 -15.70 33.43 25.56
C ASN A 60 -15.13 32.33 26.45
N GLU A 61 -15.97 31.35 26.76
CA GLU A 61 -15.60 30.33 27.74
C GLU A 61 -14.34 29.59 27.33
N VAL A 62 -14.23 29.21 26.05
CA VAL A 62 -13.10 28.40 25.61
C VAL A 62 -11.80 29.19 25.70
N VAL A 63 -11.82 30.47 25.29
CA VAL A 63 -10.61 31.27 25.33
C VAL A 63 -10.28 31.69 26.75
N ARG A 64 -11.29 32.11 27.52
CA ARG A 64 -11.03 32.46 28.92
C ARG A 64 -10.41 31.29 29.66
N THR A 65 -10.84 30.07 29.36
CA THR A 65 -10.33 28.91 30.08
C THR A 65 -8.87 28.62 29.73
N MET A 66 -8.50 28.66 28.44
CA MET A 66 -7.11 28.31 28.13
C MET A 66 -6.16 29.35 28.73
N HIS A 67 -6.52 30.63 28.70
CA HIS A 67 -5.62 31.66 29.19
C HIS A 67 -5.60 31.70 30.71
N GLU A 68 -6.63 31.18 31.36
CA GLU A 68 -6.56 31.02 32.82
C GLU A 68 -5.66 29.86 33.20
N LYS A 69 -5.78 28.72 32.49
CA LYS A 69 -4.99 27.54 32.84
C LYS A 69 -3.50 27.76 32.60
N SER A 70 -3.14 28.55 31.59
CA SER A 70 -1.73 28.82 31.31
C SER A 70 -1.14 29.89 32.22
N GLY A 71 -1.97 30.59 32.98
CA GLY A 71 -1.54 31.77 33.71
C GLY A 71 -1.37 33.01 32.88
N LEU A 72 -1.70 32.98 31.59
CA LEU A 72 -1.48 34.14 30.72
C LEU A 72 -2.29 35.34 31.18
N THR A 73 -3.58 35.12 31.48
CA THR A 73 -4.46 36.25 31.82
C THR A 73 -3.91 37.07 32.98
N GLU A 74 -3.49 36.41 34.06
CA GLU A 74 -2.95 37.15 35.20
C GLU A 74 -1.67 37.89 34.82
N GLU A 75 -0.87 37.32 33.91
CA GLU A 75 0.31 38.04 33.45
C GLU A 75 -0.06 39.22 32.57
N VAL A 76 -1.10 39.08 31.74
CA VAL A 76 -1.57 40.21 30.93
C VAL A 76 -2.03 41.35 31.82
N ARG A 77 -2.68 41.03 32.94
CA ARG A 77 -3.18 42.07 33.84
C ARG A 77 -2.04 42.84 34.49
N ALA A 78 -0.89 42.20 34.70
CA ALA A 78 0.22 42.88 35.36
C ALA A 78 1.10 43.62 34.37
N SER A 79 1.01 43.30 33.09
CA SER A 79 1.89 43.88 32.10
C SER A 79 1.54 45.34 31.83
N THR A 80 2.58 46.11 31.50
CA THR A 80 2.41 47.47 31.01
C THR A 80 2.87 47.61 29.56
N LEU A 81 3.23 46.50 28.92
CA LEU A 81 3.75 46.54 27.56
C LEU A 81 2.63 46.83 26.56
N THR A 82 2.84 47.83 25.71
CA THR A 82 1.86 48.17 24.68
C THR A 82 2.19 47.44 23.39
N VAL A 83 1.21 47.44 22.49
CA VAL A 83 1.43 46.81 21.18
C VAL A 83 2.56 47.50 20.44
N ALA A 84 2.62 48.83 20.52
CA ALA A 84 3.67 49.57 19.83
C ALA A 84 5.04 49.26 20.42
N GLU A 85 5.14 49.18 21.76
CA GLU A 85 6.41 48.80 22.35
C GLU A 85 6.80 47.37 21.99
N ALA A 86 5.83 46.45 22.00
CA ALA A 86 6.15 45.07 21.66
C ALA A 86 6.60 44.95 20.21
N GLU A 87 5.97 45.72 19.31
CA GLU A 87 6.36 45.70 17.90
C GLU A 87 7.82 46.11 17.73
N GLN A 88 8.24 47.17 18.41
CA GLN A 88 9.63 47.61 18.28
C GLN A 88 10.57 46.54 18.80
N GLN A 89 10.19 45.86 19.87
CA GLN A 89 11.04 44.81 20.41
C GLN A 89 11.14 43.63 19.45
N VAL A 90 10.01 43.22 18.86
CA VAL A 90 10.02 42.11 17.90
C VAL A 90 10.81 42.49 16.65
N LEU A 91 10.60 43.70 16.13
CA LEU A 91 11.30 44.15 14.93
C LEU A 91 12.81 44.14 15.12
N ALA A 92 13.28 44.71 16.23
CA ALA A 92 14.72 44.74 16.47
C ALA A 92 15.28 43.33 16.60
N TYR A 93 14.54 42.45 17.28
CA TYR A 93 14.97 41.05 17.43
C TYR A 93 15.10 40.36 16.08
N ILE A 94 14.06 40.46 15.25
CA ILE A 94 14.11 39.85 13.93
C ILE A 94 15.28 40.39 13.12
N LYS A 95 15.51 41.71 13.19
CA LYS A 95 16.53 42.33 12.35
C LYS A 95 17.95 41.86 12.68
N ARG A 96 18.17 41.27 13.86
CA ARG A 96 19.48 40.71 14.15
C ARG A 96 19.84 39.59 13.18
N TRP A 97 18.84 38.88 12.66
CA TRP A 97 19.05 37.81 11.70
C TRP A 97 18.48 38.12 10.31
N VAL A 98 17.42 38.93 10.24
CA VAL A 98 16.81 39.31 8.96
C VAL A 98 16.76 40.84 8.87
N PRO A 99 17.88 41.50 8.56
CA PRO A 99 17.86 42.97 8.54
C PRO A 99 17.06 43.57 7.38
N GLU A 100 16.95 42.86 6.26
CA GLU A 100 16.31 43.38 5.07
C GLU A 100 14.81 43.09 5.09
N ARG A 101 14.00 44.09 4.74
CA ARG A 101 12.57 43.92 4.74
C ARG A 101 12.12 43.14 3.50
N ARG A 102 10.99 42.43 3.65
CA ARG A 102 10.34 41.72 2.56
C ARG A 102 11.26 40.63 1.99
N THR A 103 11.98 39.94 2.87
CA THR A 103 12.82 38.83 2.46
C THR A 103 12.51 37.51 3.18
N ALA A 104 12.15 37.54 4.47
CA ALA A 104 11.86 36.31 5.20
C ALA A 104 10.36 36.05 5.27
N PRO A 105 9.90 34.84 4.97
CA PRO A 105 8.48 34.51 5.16
C PRO A 105 8.16 34.35 6.64
N LEU A 106 6.87 34.51 6.96
CA LEU A 106 6.36 34.28 8.31
C LEU A 106 5.82 32.86 8.39
N CYS A 107 6.11 32.16 9.50
CA CYS A 107 5.88 30.72 9.54
C CYS A 107 5.18 30.33 10.83
N GLY A 108 4.32 29.32 10.74
CA GLY A 108 3.55 28.88 11.89
C GLY A 108 2.42 27.96 11.46
N ASN A 109 1.55 27.64 12.43
CA ASN A 109 0.36 26.82 12.20
C ASN A 109 -0.83 27.75 12.01
N SER A 110 -1.47 27.65 10.83
CA SER A 110 -2.60 28.53 10.52
C SER A 110 -2.19 29.98 10.71
N ILE A 111 -0.98 30.29 10.23
CA ILE A 111 -0.28 31.53 10.48
C ILE A 111 -0.99 32.75 9.91
N GLY A 112 -1.90 32.56 8.93
CA GLY A 112 -2.65 33.70 8.42
C GLY A 112 -3.48 34.41 9.48
N THR A 113 -3.93 33.66 10.50
CA THR A 113 -4.66 34.28 11.61
C THR A 113 -3.76 35.24 12.38
N ASP A 114 -2.56 34.78 12.75
CA ASP A 114 -1.62 35.68 13.41
C ASP A 114 -1.33 36.88 12.52
N ARG A 115 -1.07 36.64 11.23
CA ARG A 115 -0.71 37.74 10.33
C ARG A 115 -1.81 38.79 10.29
N GLY A 116 -3.07 38.39 10.37
CA GLY A 116 -4.15 39.37 10.36
C GLY A 116 -4.08 40.32 11.55
N PHE A 117 -3.78 39.79 12.73
CA PHE A 117 -3.65 40.66 13.91
C PHE A 117 -2.39 41.50 13.84
N LEU A 118 -1.30 40.95 13.29
CA LEU A 118 -0.08 41.74 13.11
C LEU A 118 -0.28 42.84 12.08
N ALA A 119 -0.99 42.55 10.98
CA ALA A 119 -1.26 43.61 10.01
C ALA A 119 -2.12 44.72 10.62
N ARG A 120 -3.05 44.34 11.50
CA ARG A 120 -3.92 45.35 12.11
C ARG A 120 -3.16 46.16 13.17
N ASP A 121 -2.35 45.52 13.99
CA ASP A 121 -1.77 46.17 15.17
C ASP A 121 -0.32 46.57 15.02
N MET A 122 0.44 45.90 14.14
CA MET A 122 1.89 46.08 14.02
C MET A 122 2.25 46.25 12.54
N PRO A 123 1.84 47.36 11.92
CA PRO A 123 2.03 47.53 10.48
C PRO A 123 3.49 47.55 10.05
N GLU A 124 4.39 48.08 10.89
CA GLU A 124 5.79 48.11 10.51
C GLU A 124 6.37 46.71 10.46
N LEU A 125 6.02 45.87 11.44
CA LEU A 125 6.43 44.47 11.41
C LEU A 125 5.78 43.73 10.26
N ASP A 126 4.49 43.98 10.02
CA ASP A 126 3.80 43.35 8.91
C ASP A 126 4.50 43.63 7.60
N ASP A 127 5.03 44.85 7.43
CA ASP A 127 5.69 45.19 6.17
C ASP A 127 7.11 44.67 6.13
N HIS A 128 7.75 44.46 7.29
CA HIS A 128 9.11 43.92 7.28
C HIS A 128 9.15 42.48 6.81
N LEU A 129 8.12 41.70 7.14
CA LEU A 129 8.06 40.32 6.71
C LEU A 129 7.59 40.25 5.25
N HIS A 130 8.14 39.29 4.52
CA HIS A 130 7.57 38.92 3.22
C HIS A 130 6.09 38.60 3.36
N TYR A 131 5.31 38.87 2.32
CA TYR A 131 3.91 38.50 2.37
C TYR A 131 3.73 36.99 2.31
N ARG A 132 4.67 36.29 1.68
CA ARG A 132 4.59 34.84 1.66
C ARG A 132 4.73 34.28 3.07
N MET A 133 4.02 33.18 3.30
CA MET A 133 4.17 32.51 4.58
C MET A 133 4.22 31.00 4.41
N ILE A 134 4.85 30.34 5.38
CA ILE A 134 4.90 28.87 5.40
C ILE A 134 3.94 28.41 6.48
N ASP A 135 2.78 27.90 6.06
CA ASP A 135 1.75 27.42 6.96
C ASP A 135 1.98 25.93 7.18
N VAL A 136 2.48 25.57 8.36
CA VAL A 136 2.73 24.16 8.66
C VAL A 136 1.44 23.36 8.57
N SER A 137 0.30 24.00 8.84
CA SER A 137 -0.97 23.30 8.82
C SER A 137 -1.41 22.98 7.40
N SER A 138 -0.85 23.67 6.41
CA SER A 138 -1.08 23.27 5.02
C SER A 138 -0.49 21.90 4.76
N VAL A 139 0.73 21.67 5.24
CA VAL A 139 1.35 20.36 5.12
C VAL A 139 0.59 19.35 5.95
N LYS A 140 0.16 19.74 7.15
CA LYS A 140 -0.64 18.86 7.99
C LYS A 140 -1.85 18.33 7.23
N GLU A 141 -2.58 19.22 6.54
CA GLU A 141 -3.84 18.81 5.93
C GLU A 141 -3.60 18.04 4.64
N LEU A 142 -2.49 18.33 3.95
CA LEU A 142 -2.09 17.48 2.83
C LEU A 142 -1.75 16.08 3.32
N ALA A 143 -0.97 15.97 4.40
CA ALA A 143 -0.62 14.65 4.94
C ALA A 143 -1.87 13.90 5.39
N ARG A 144 -2.83 14.63 5.97
CA ARG A 144 -4.07 14.00 6.42
C ARG A 144 -4.75 13.23 5.31
N ARG A 145 -4.62 13.69 4.07
CA ARG A 145 -5.23 13.05 2.92
C ARG A 145 -4.25 12.16 2.15
N TRP A 146 -3.03 12.63 1.90
CA TRP A 146 -2.08 11.88 1.10
C TRP A 146 -1.32 10.81 1.87
N PHE A 147 -1.08 11.03 3.17
CA PHE A 147 -0.27 10.13 3.99
C PHE A 147 -0.90 10.01 5.38
N PRO A 148 -2.07 9.36 5.47
CA PRO A 148 -2.81 9.42 6.75
C PRO A 148 -2.05 8.87 7.94
N ARG A 149 -1.20 7.85 7.76
CA ARG A 149 -0.48 7.35 8.93
C ARG A 149 0.49 8.39 9.47
N VAL A 150 1.04 9.25 8.60
CA VAL A 150 1.88 10.35 9.06
C VAL A 150 1.07 11.36 9.87
N TYR A 151 -0.14 11.67 9.40
CA TYR A 151 -1.00 12.59 10.14
C TYR A 151 -1.27 12.07 11.53
N PHE A 152 -1.64 10.78 11.65
CA PHE A 152 -1.96 10.24 12.95
C PHE A 152 -0.73 10.04 13.83
N GLY A 153 0.46 9.97 13.23
CA GLY A 153 1.69 9.80 13.96
C GLY A 153 2.38 11.07 14.44
N GLN A 154 1.78 12.24 14.20
CA GLN A 154 2.36 13.52 14.61
C GLN A 154 2.83 13.48 16.06
N PRO A 155 3.93 14.15 16.39
CA PRO A 155 4.25 14.41 17.80
C PRO A 155 3.08 15.07 18.51
N ALA A 156 2.81 14.63 19.75
CA ALA A 156 1.75 15.24 20.54
C ALA A 156 2.18 16.63 20.99
N LYS A 157 1.25 17.58 20.90
CA LYS A 157 1.54 18.94 21.36
C LYS A 157 1.09 19.13 22.80
N GLY A 158 1.66 20.14 23.45
CA GLY A 158 1.64 20.22 24.89
C GLY A 158 0.45 20.97 25.46
N LEU A 159 0.44 21.10 26.79
CA LEU A 159 -0.68 21.65 27.54
C LEU A 159 -0.23 22.85 28.37
N ALA A 160 -1.08 23.87 28.43
CA ALA A 160 -0.99 24.95 29.42
C ALA A 160 0.36 25.67 29.36
N HIS A 161 0.97 25.75 28.19
CA HIS A 161 2.22 26.46 28.02
C HIS A 161 1.98 27.71 27.17
N ARG A 162 3.03 28.49 27.01
CA ARG A 162 2.90 29.83 26.46
C ARG A 162 3.04 29.81 24.93
N ALA A 163 3.08 31.01 24.33
CA ALA A 163 3.18 31.10 22.88
C ALA A 163 4.54 30.63 22.38
N LEU A 164 5.59 30.78 23.18
CA LEU A 164 6.91 30.37 22.71
C LEU A 164 7.00 28.85 22.58
N ALA A 165 6.50 28.12 23.56
CA ALA A 165 6.43 26.67 23.44
C ALA A 165 5.58 26.26 22.24
N ASP A 166 4.49 27.01 21.99
CA ASP A 166 3.65 26.68 20.84
C ASP A 166 4.41 26.82 19.53
N ILE A 167 5.16 27.92 19.36
CA ILE A 167 5.79 28.10 18.07
C ILE A 167 6.95 27.11 17.90
N ILE A 168 7.60 26.73 19.00
CA ILE A 168 8.62 25.68 18.92
C ILE A 168 7.99 24.36 18.47
N GLU A 169 6.79 24.04 18.98
CA GLU A 169 6.13 22.82 18.54
C GLU A 169 5.70 22.90 17.07
N SER A 170 5.50 24.11 16.55
CA SER A 170 5.22 24.27 15.13
C SER A 170 6.43 23.89 14.28
N VAL A 171 7.63 24.36 14.68
CA VAL A 171 8.86 23.96 13.99
C VAL A 171 9.05 22.46 14.08
N ARG A 172 8.83 21.88 15.26
CA ARG A 172 9.00 20.44 15.42
C ARG A 172 8.05 19.66 14.51
N GLU A 173 6.81 20.13 14.37
CA GLU A 173 5.87 19.48 13.45
C GLU A 173 6.38 19.51 12.02
N LEU A 174 6.93 20.65 11.59
CA LEU A 174 7.45 20.71 10.21
C LEU A 174 8.69 19.84 10.05
N ALA A 175 9.55 19.80 11.08
CA ALA A 175 10.69 18.90 11.06
C ALA A 175 10.26 17.44 10.94
N TYR A 176 9.11 17.11 11.55
CA TYR A 176 8.53 15.78 11.43
C TYR A 176 8.09 15.52 9.99
N TYR A 177 7.42 16.49 9.37
CA TYR A 177 7.04 16.31 7.96
C TYR A 177 8.26 16.24 7.04
N ARG A 178 9.32 16.98 7.35
CA ARG A 178 10.50 16.89 6.50
C ARG A 178 11.07 15.49 6.45
N ARG A 179 10.96 14.74 7.56
CA ARG A 179 11.50 13.40 7.67
C ARG A 179 10.57 12.32 7.14
N THR A 180 9.31 12.66 6.83
CA THR A 180 8.30 11.66 6.50
C THR A 180 7.66 11.85 5.13
N VAL A 181 7.17 13.04 4.81
CA VAL A 181 6.38 13.22 3.58
C VAL A 181 7.15 13.90 2.47
N PHE A 182 8.28 14.54 2.76
CA PHE A 182 9.13 15.13 1.72
C PHE A 182 10.28 14.21 1.35
N VAL A 183 10.66 14.23 0.07
CA VAL A 183 11.80 13.46 -0.42
C VAL A 183 13.10 14.03 0.15
N ASP A 184 14.18 13.25 0.08
CA ASP A 184 15.49 13.72 0.51
C ASP A 184 15.95 14.91 -0.34
N SER A 185 16.52 15.91 0.33
CA SER A 185 17.25 16.94 -0.39
C SER A 185 18.49 16.32 -1.05
N PRO A 186 18.93 16.84 -2.21
CA PRO A 186 18.48 18.06 -2.90
C PRO A 186 17.25 17.86 -3.79
N GLY A 187 16.75 16.62 -3.86
CA GLY A 187 15.57 16.33 -4.61
C GLY A 187 15.85 16.06 -6.08
N PRO A 188 14.79 16.08 -6.89
CA PRO A 188 14.94 15.77 -8.32
C PRO A 188 15.99 16.63 -9.03
N SER A 189 16.57 16.05 -10.08
CA SER A 189 17.48 16.79 -10.93
C SER A 189 16.71 17.85 -11.72
N SER A 190 17.46 18.73 -12.36
CA SER A 190 16.82 19.73 -13.23
C SER A 190 16.06 19.06 -14.37
N SER A 191 16.61 18.02 -14.97
CA SER A 191 15.88 17.33 -16.03
C SER A 191 14.60 16.68 -15.50
N GLN A 192 14.67 16.11 -14.29
CA GLN A 192 13.48 15.48 -13.71
C GLN A 192 12.42 16.53 -13.37
N ALA A 193 12.84 17.66 -12.82
CA ALA A 193 11.89 18.73 -12.53
C ALA A 193 11.25 19.26 -13.81
N LYS A 194 12.04 19.46 -14.87
CA LYS A 194 11.48 19.97 -16.12
C LYS A 194 10.47 18.99 -16.71
N LYS A 195 10.73 17.68 -16.59
CA LYS A 195 9.80 16.68 -17.07
C LYS A 195 8.50 16.70 -16.29
N ALA A 196 8.59 16.83 -14.96
CA ALA A 196 7.38 16.87 -14.16
C ALA A 196 6.56 18.13 -14.48
N ALA A 197 7.24 19.25 -14.68
CA ALA A 197 6.54 20.48 -15.00
C ALA A 197 5.83 20.34 -16.34
N ALA A 198 6.52 19.76 -17.33
CA ALA A 198 5.91 19.58 -18.65
C ALA A 198 4.74 18.60 -18.62
N GLU A 199 4.79 17.58 -17.75
CA GLU A 199 3.65 16.68 -17.59
C GLU A 199 2.42 17.42 -17.09
N VAL A 200 2.56 18.19 -16.00
CA VAL A 200 1.36 18.81 -15.45
C VAL A 200 0.87 19.95 -16.34
N VAL A 201 1.77 20.60 -17.08
CA VAL A 201 1.32 21.60 -18.05
C VAL A 201 0.44 20.93 -19.10
N GLY A 202 0.88 19.76 -19.61
CA GLY A 202 0.05 19.02 -20.54
C GLY A 202 -1.26 18.56 -19.93
N GLY A 203 -1.21 18.13 -18.67
CA GLY A 203 -2.41 17.63 -18.02
C GLY A 203 -3.43 18.69 -17.67
N PHE A 204 -3.01 19.95 -17.50
CA PHE A 204 -3.94 21.02 -17.20
C PHE A 204 -4.22 21.92 -18.41
N ALA A 205 -3.66 21.61 -19.58
CA ALA A 205 -3.75 22.54 -20.71
C ALA A 205 -5.18 22.75 -21.18
N ALA A 206 -5.94 21.65 -21.36
CA ALA A 206 -7.29 21.79 -21.89
C ALA A 206 -8.20 22.53 -20.91
N LEU A 207 -8.02 22.29 -19.62
CA LEU A 207 -8.81 23.01 -18.62
C LEU A 207 -8.50 24.50 -18.66
N LEU A 208 -7.22 24.86 -18.79
CA LEU A 208 -6.82 26.26 -18.89
C LEU A 208 -7.35 26.92 -20.16
N ASP A 209 -7.36 26.17 -21.28
CA ASP A 209 -7.84 26.73 -22.54
C ASP A 209 -9.34 26.98 -22.53
N GLY A 210 -10.08 26.26 -21.69
CA GLY A 210 -11.53 26.38 -21.65
C GLY A 210 -12.22 25.55 -22.70
N ALA C 6 -35.74 -12.91 13.11
CA ALA C 6 -35.11 -12.89 11.80
C ALA C 6 -33.94 -11.90 11.76
N GLY C 7 -33.62 -11.32 12.92
CA GLY C 7 -32.50 -10.43 13.00
C GLY C 7 -32.74 -9.06 12.39
N HIS C 8 -34.00 -8.60 12.38
CA HIS C 8 -34.34 -7.29 11.83
C HIS C 8 -33.71 -6.17 12.65
N LEU C 9 -33.57 -5.01 12.02
CA LEU C 9 -32.91 -3.86 12.63
C LEU C 9 -33.86 -2.66 12.71
N VAL C 10 -33.91 -2.01 13.87
CA VAL C 10 -34.70 -0.78 14.05
C VAL C 10 -33.75 0.41 13.94
N TRP C 11 -34.09 1.35 13.07
CA TRP C 11 -33.28 2.54 12.82
C TRP C 11 -34.08 3.76 13.23
N ILE C 12 -33.48 4.66 14.01
CA ILE C 12 -34.17 5.87 14.45
C ILE C 12 -33.22 7.05 14.35
N ASP C 13 -33.74 8.16 13.84
CA ASP C 13 -33.09 9.46 13.96
C ASP C 13 -34.07 10.42 14.62
N CYS C 14 -33.54 11.25 15.52
CA CYS C 14 -34.34 12.23 16.25
C CYS C 14 -33.84 13.64 15.96
N GLU C 15 -34.75 14.61 16.06
CA GLU C 15 -34.37 16.02 16.17
C GLU C 15 -34.81 16.52 17.53
N MET C 16 -34.03 17.45 18.07
CA MET C 16 -34.27 18.02 19.40
C MET C 16 -34.06 19.52 19.38
N THR C 17 -34.49 20.19 20.46
CA THR C 17 -34.17 21.60 20.61
C THR C 17 -32.71 21.81 20.96
N GLY C 18 -31.99 20.73 21.25
CA GLY C 18 -30.60 20.80 21.63
C GLY C 18 -30.19 19.48 22.23
N LEU C 19 -28.95 19.44 22.71
CA LEU C 19 -28.34 18.20 23.16
C LEU C 19 -28.41 17.97 24.66
N ASP C 20 -29.06 18.87 25.41
CA ASP C 20 -29.08 18.85 26.87
C ASP C 20 -30.21 17.93 27.34
N LEU C 21 -29.86 16.82 27.99
CA LEU C 21 -30.87 15.91 28.50
C LEU C 21 -31.69 16.50 29.64
N VAL C 22 -31.22 17.58 30.26
CA VAL C 22 -32.05 18.22 31.28
C VAL C 22 -33.09 19.13 30.64
N GLU C 23 -32.65 20.00 29.73
CA GLU C 23 -33.49 21.11 29.28
C GLU C 23 -34.14 20.89 27.92
N ASP C 24 -33.57 20.06 27.06
CA ASP C 24 -34.01 20.07 25.68
C ASP C 24 -35.13 19.07 25.42
N LYS C 25 -35.88 19.33 24.36
CA LYS C 25 -37.10 18.61 24.03
C LYS C 25 -36.90 17.78 22.77
N LEU C 26 -37.54 16.62 22.75
CA LEU C 26 -37.60 15.77 21.55
C LEU C 26 -38.70 16.30 20.63
N ILE C 27 -38.37 16.67 19.39
CA ILE C 27 -39.32 17.31 18.50
C ILE C 27 -39.55 16.57 17.19
N GLU C 28 -38.74 15.58 16.84
CA GLU C 28 -39.03 14.77 15.66
C GLU C 28 -38.40 13.41 15.86
N VAL C 29 -39.14 12.36 15.50
CA VAL C 29 -38.65 10.98 15.56
C VAL C 29 -38.99 10.31 14.23
N ALA C 30 -37.98 9.80 13.54
CA ALA C 30 -38.18 9.00 12.33
C ALA C 30 -37.72 7.57 12.60
N VAL C 31 -38.50 6.60 12.11
CA VAL C 31 -38.25 5.18 12.37
C VAL C 31 -38.23 4.44 11.04
N LEU C 32 -37.22 3.62 10.85
CA LEU C 32 -37.08 2.80 9.65
C LEU C 32 -36.71 1.37 10.05
N ILE C 33 -37.23 0.38 9.32
CA ILE C 33 -36.96 -1.03 9.59
C ILE C 33 -36.19 -1.61 8.42
N THR C 34 -35.07 -2.29 8.71
CA THR C 34 -34.43 -3.09 7.68
C THR C 34 -34.37 -4.55 8.12
N ASP C 35 -34.25 -5.45 7.14
CA ASP C 35 -33.87 -6.79 7.50
C ASP C 35 -32.37 -6.82 7.81
N SER C 36 -31.86 -8.02 8.09
CA SER C 36 -30.47 -8.15 8.52
C SER C 36 -29.48 -7.82 7.40
N GLU C 37 -29.94 -7.73 6.15
CA GLU C 37 -29.07 -7.40 5.02
C GLU C 37 -29.23 -5.96 4.55
N LEU C 38 -29.86 -5.11 5.37
CA LEU C 38 -30.07 -3.68 5.14
C LEU C 38 -31.07 -3.38 4.02
N ASN C 39 -31.94 -4.32 3.68
CA ASN C 39 -33.06 -4.01 2.81
C ASN C 39 -34.12 -3.27 3.62
N VAL C 40 -34.49 -2.07 3.18
CA VAL C 40 -35.53 -1.29 3.85
C VAL C 40 -36.88 -1.95 3.59
N LEU C 41 -37.62 -2.24 4.66
CA LEU C 41 -38.86 -3.01 4.53
C LEU C 41 -40.12 -2.17 4.38
N ASP C 42 -40.03 -0.85 4.53
CA ASP C 42 -41.17 0.06 4.50
C ASP C 42 -40.65 1.49 4.42
N PRO C 43 -41.40 2.42 3.80
CA PRO C 43 -40.88 3.78 3.63
C PRO C 43 -40.55 4.51 4.92
N GLY C 44 -41.09 4.10 6.05
CA GLY C 44 -40.69 4.66 7.32
C GLY C 44 -41.79 5.54 7.92
N LEU C 45 -41.57 5.89 9.19
CA LEU C 45 -42.50 6.67 9.96
C LEU C 45 -41.79 7.93 10.40
N ASP C 46 -42.45 9.08 10.31
CA ASP C 46 -41.80 10.34 10.63
C ASP C 46 -42.80 11.16 11.45
N LEU C 47 -42.50 11.37 12.73
CA LEU C 47 -43.43 12.00 13.66
C LEU C 47 -42.88 13.32 14.17
N ILE C 48 -43.68 14.38 14.06
CA ILE C 48 -43.30 15.70 14.55
C ILE C 48 -44.02 15.95 15.87
N ILE C 49 -43.24 16.16 16.92
CA ILE C 49 -43.75 16.22 18.29
C ILE C 49 -43.79 17.66 18.76
N SER C 50 -44.90 18.03 19.42
CA SER C 50 -45.14 19.39 19.86
C SER C 50 -44.17 19.79 20.96
N ALA C 51 -43.65 21.02 20.86
CA ALA C 51 -42.95 21.69 21.94
C ALA C 51 -43.47 23.12 22.01
N ASP C 52 -43.52 23.70 23.22
CA ASP C 52 -44.15 25.00 23.33
C ASP C 52 -43.20 26.12 22.90
N ASP C 53 -43.74 27.34 22.83
CA ASP C 53 -43.00 28.46 22.28
C ASP C 53 -41.77 28.80 23.10
N ALA C 54 -41.84 28.65 24.42
CA ALA C 54 -40.66 28.89 25.24
C ALA C 54 -39.52 27.94 24.90
N ALA C 55 -39.82 26.64 24.73
CA ALA C 55 -38.79 25.67 24.39
C ALA C 55 -38.15 26.02 23.05
N LEU C 56 -38.98 26.36 22.06
CA LEU C 56 -38.44 26.73 20.76
C LEU C 56 -37.65 28.03 20.85
N ASP C 57 -38.11 28.97 21.69
CA ASP C 57 -37.43 30.24 21.85
C ASP C 57 -36.08 30.08 22.54
N GLY C 58 -35.93 29.05 23.36
CA GLY C 58 -34.72 28.80 24.10
C GLY C 58 -33.64 28.13 23.30
N MET C 59 -33.89 27.86 22.03
CA MET C 59 -32.95 27.15 21.20
C MET C 59 -31.73 28.03 20.97
N ASN C 60 -30.54 27.44 21.03
CA ASN C 60 -29.36 28.25 20.75
C ASN C 60 -29.34 28.62 19.26
N GLU C 61 -28.44 29.55 18.91
CA GLU C 61 -28.43 30.09 17.56
C GLU C 61 -28.24 29.02 16.51
N VAL C 62 -27.35 28.06 16.78
CA VAL C 62 -27.06 27.02 15.79
C VAL C 62 -28.30 26.17 15.53
N VAL C 63 -28.96 25.73 16.59
CA VAL C 63 -30.09 24.82 16.42
C VAL C 63 -31.32 25.56 15.93
N ARG C 64 -31.60 26.75 16.45
CA ARG C 64 -32.75 27.47 15.94
C ARG C 64 -32.60 27.78 14.45
N THR C 65 -31.36 27.99 13.99
CA THR C 65 -31.13 28.23 12.58
C THR C 65 -31.40 26.98 11.73
N MET C 66 -30.90 25.82 12.16
CA MET C 66 -31.08 24.63 11.32
C MET C 66 -32.54 24.23 11.25
N HIS C 67 -33.28 24.38 12.34
CA HIS C 67 -34.69 24.00 12.37
C HIS C 67 -35.59 25.04 11.72
N GLU C 68 -35.15 26.30 11.64
CA GLU C 68 -35.90 27.26 10.83
C GLU C 68 -35.73 26.96 9.34
N LYS C 69 -34.49 26.68 8.91
CA LYS C 69 -34.24 26.51 7.48
C LYS C 69 -34.95 25.28 6.93
N SER C 70 -35.05 24.21 7.72
CA SER C 70 -35.72 22.99 7.27
C SER C 70 -37.23 23.07 7.38
N GLY C 71 -37.77 24.12 8.02
CA GLY C 71 -39.19 24.19 8.26
C GLY C 71 -39.68 23.40 9.44
N LEU C 72 -38.79 22.73 10.17
CA LEU C 72 -39.22 21.89 11.28
C LEU C 72 -39.87 22.70 12.38
N THR C 73 -39.28 23.85 12.72
CA THR C 73 -39.79 24.66 13.82
C THR C 73 -41.26 24.99 13.62
N GLU C 74 -41.64 25.35 12.40
CA GLU C 74 -43.03 25.72 12.19
C GLU C 74 -43.94 24.50 12.21
N GLU C 75 -43.45 23.34 11.77
CA GLU C 75 -44.22 22.10 11.90
C GLU C 75 -44.38 21.72 13.37
N VAL C 76 -43.33 21.92 14.17
CA VAL C 76 -43.41 21.64 15.61
C VAL C 76 -44.44 22.55 16.26
N ARG C 77 -44.44 23.83 15.90
CA ARG C 77 -45.42 24.78 16.44
C ARG C 77 -46.85 24.35 16.13
N ALA C 78 -47.08 23.84 14.93
CA ALA C 78 -48.41 23.43 14.51
C ALA C 78 -48.84 22.10 15.10
N SER C 79 -47.88 21.27 15.53
CA SER C 79 -48.18 19.92 15.98
C SER C 79 -48.83 19.95 17.36
N THR C 80 -49.71 18.96 17.58
CA THR C 80 -50.25 18.69 18.92
C THR C 80 -49.89 17.28 19.39
N LEU C 81 -48.97 16.61 18.70
CA LEU C 81 -48.59 15.25 19.06
C LEU C 81 -47.64 15.28 20.25
N THR C 82 -48.01 14.56 21.31
CA THR C 82 -47.18 14.43 22.51
C THR C 82 -46.18 13.29 22.35
N VAL C 83 -45.16 13.29 23.23
CA VAL C 83 -44.19 12.19 23.19
C VAL C 83 -44.87 10.89 23.57
N ALA C 84 -45.84 10.92 24.49
CA ALA C 84 -46.55 9.70 24.86
C ALA C 84 -47.32 9.11 23.68
N GLU C 85 -48.01 9.96 22.91
CA GLU C 85 -48.74 9.44 21.76
C GLU C 85 -47.79 8.97 20.67
N ALA C 86 -46.72 9.73 20.42
CA ALA C 86 -45.73 9.29 19.43
C ALA C 86 -45.12 7.96 19.83
N GLU C 87 -44.81 7.78 21.12
CA GLU C 87 -44.32 6.49 21.60
C GLU C 87 -45.20 5.33 21.16
N GLN C 88 -46.51 5.45 21.39
CA GLN C 88 -47.41 4.36 21.09
C GLN C 88 -47.46 4.11 19.59
N GLN C 89 -47.40 5.18 18.80
CA GLN C 89 -47.40 5.04 17.35
C GLN C 89 -46.14 4.33 16.87
N VAL C 90 -45.00 4.66 17.48
CA VAL C 90 -43.75 3.99 17.10
C VAL C 90 -43.78 2.52 17.48
N LEU C 91 -44.25 2.21 18.69
CA LEU C 91 -44.34 0.82 19.14
C LEU C 91 -45.22 -0.01 18.23
N ALA C 92 -46.40 0.51 17.86
CA ALA C 92 -47.30 -0.26 17.00
C ALA C 92 -46.65 -0.52 15.64
N TYR C 93 -45.88 0.45 15.14
CA TYR C 93 -45.24 0.31 13.84
C TYR C 93 -44.10 -0.71 13.87
N ILE C 94 -43.22 -0.60 14.87
CA ILE C 94 -42.05 -1.47 14.95
C ILE C 94 -42.49 -2.92 15.12
N LYS C 95 -43.57 -3.15 15.87
CA LYS C 95 -43.96 -4.50 16.25
C LYS C 95 -44.48 -5.31 15.07
N ARG C 96 -44.76 -4.69 13.93
CA ARG C 96 -45.06 -5.48 12.74
C ARG C 96 -43.88 -6.40 12.40
N TRP C 97 -42.66 -5.93 12.62
CA TRP C 97 -41.45 -6.67 12.27
C TRP C 97 -40.69 -7.15 13.49
N VAL C 98 -40.79 -6.45 14.62
CA VAL C 98 -40.07 -6.82 15.82
C VAL C 98 -41.06 -6.91 16.98
N PRO C 99 -41.89 -7.96 17.03
CA PRO C 99 -42.91 -8.04 18.10
C PRO C 99 -42.34 -8.34 19.48
N GLU C 100 -41.17 -8.99 19.57
CA GLU C 100 -40.63 -9.42 20.86
C GLU C 100 -39.71 -8.36 21.43
N ARG C 101 -39.86 -8.08 22.72
CA ARG C 101 -38.97 -7.11 23.34
C ARG C 101 -37.56 -7.69 23.49
N ARG C 102 -36.58 -6.79 23.45
CA ARG C 102 -35.16 -7.13 23.66
C ARG C 102 -34.62 -8.06 22.58
N THR C 103 -35.11 -7.92 21.34
CA THR C 103 -34.65 -8.76 20.24
C THR C 103 -34.13 -8.01 19.02
N ALA C 104 -34.20 -6.68 19.00
CA ALA C 104 -33.70 -5.91 17.88
C ALA C 104 -32.82 -4.78 18.45
N PRO C 105 -31.61 -4.62 17.94
CA PRO C 105 -30.81 -3.45 18.34
C PRO C 105 -31.30 -2.19 17.65
N LEU C 106 -31.01 -1.05 18.30
CA LEU C 106 -31.29 0.25 17.72
C LEU C 106 -30.08 0.76 16.93
N CYS C 107 -30.34 1.34 15.76
CA CYS C 107 -29.27 1.61 14.80
C CYS C 107 -29.35 3.04 14.28
N GLY C 108 -28.19 3.61 14.01
CA GLY C 108 -28.11 4.96 13.48
C GLY C 108 -26.70 5.49 13.59
N ASN C 109 -26.56 6.81 13.39
CA ASN C 109 -25.29 7.52 13.50
C ASN C 109 -25.21 8.20 14.86
N SER C 110 -24.22 7.84 15.66
CA SER C 110 -24.10 8.35 17.03
C SER C 110 -25.42 8.16 17.77
N ILE C 111 -25.98 6.96 17.59
CA ILE C 111 -27.32 6.60 18.02
C ILE C 111 -27.48 6.62 19.54
N GLY C 112 -26.37 6.56 20.29
CA GLY C 112 -26.45 6.73 21.73
C GLY C 112 -27.07 8.05 22.14
N THR C 113 -26.92 9.09 21.31
CA THR C 113 -27.53 10.37 21.67
C THR C 113 -29.04 10.30 21.59
N ASP C 114 -29.56 9.77 20.47
CA ASP C 114 -31.00 9.50 20.37
C ASP C 114 -31.48 8.61 21.50
N ARG C 115 -30.73 7.55 21.83
CA ARG C 115 -31.20 6.61 22.85
C ARG C 115 -31.34 7.29 24.20
N GLY C 116 -30.48 8.26 24.50
CA GLY C 116 -30.62 8.99 25.75
C GLY C 116 -31.93 9.73 25.85
N PHE C 117 -32.35 10.36 24.74
CA PHE C 117 -33.64 11.05 24.75
C PHE C 117 -34.79 10.06 24.76
N LEU C 118 -34.66 8.94 24.04
CA LEU C 118 -35.70 7.91 24.07
C LEU C 118 -35.85 7.31 25.47
N ALA C 119 -34.73 7.03 26.14
CA ALA C 119 -34.81 6.48 27.49
C ALA C 119 -35.47 7.44 28.45
N ARG C 120 -35.25 8.74 28.25
CA ARG C 120 -35.84 9.73 29.14
C ARG C 120 -37.34 9.93 28.86
N ASP C 121 -37.73 9.96 27.58
CA ASP C 121 -39.07 10.37 27.18
C ASP C 121 -39.97 9.22 26.75
N MET C 122 -39.39 8.09 26.34
CA MET C 122 -40.12 6.99 25.72
C MET C 122 -39.67 5.70 26.37
N PRO C 123 -39.92 5.52 27.67
CA PRO C 123 -39.30 4.40 28.40
C PRO C 123 -39.77 3.05 27.91
N GLU C 124 -41.04 2.94 27.48
CA GLU C 124 -41.54 1.67 26.98
C GLU C 124 -40.85 1.27 25.69
N LEU C 125 -40.65 2.23 24.79
CA LEU C 125 -39.87 1.99 23.57
C LEU C 125 -38.42 1.64 23.90
N ASP C 126 -37.80 2.41 24.80
CA ASP C 126 -36.43 2.12 25.22
C ASP C 126 -36.30 0.69 25.72
N ASP C 127 -37.29 0.21 26.48
CA ASP C 127 -37.25 -1.15 27.01
C ASP C 127 -37.55 -2.19 25.92
N HIS C 128 -38.37 -1.86 24.93
CA HIS C 128 -38.66 -2.83 23.89
C HIS C 128 -37.44 -3.15 23.04
N LEU C 129 -36.57 -2.17 22.83
CA LEU C 129 -35.38 -2.37 22.02
C LEU C 129 -34.32 -3.09 22.85
N HIS C 130 -33.52 -3.90 22.18
CA HIS C 130 -32.34 -4.46 22.85
C HIS C 130 -31.46 -3.32 23.35
N TYR C 131 -30.68 -3.58 24.41
CA TYR C 131 -29.77 -2.52 24.86
C TYR C 131 -28.64 -2.29 23.88
N ARG C 132 -28.27 -3.32 23.11
CA ARG C 132 -27.20 -3.15 22.14
C ARG C 132 -27.65 -2.27 20.98
N MET C 133 -26.69 -1.57 20.40
CA MET C 133 -26.96 -0.66 19.29
C MET C 133 -25.90 -0.86 18.21
N ILE C 134 -26.30 -0.60 16.97
CA ILE C 134 -25.36 -0.58 15.86
C ILE C 134 -25.14 0.88 15.49
N ASP C 135 -24.00 1.42 15.90
CA ASP C 135 -23.64 2.81 15.60
C ASP C 135 -22.81 2.83 14.32
N VAL C 136 -23.39 3.35 13.24
CA VAL C 136 -22.69 3.42 11.97
C VAL C 136 -21.46 4.29 12.10
N SER C 137 -21.50 5.27 12.99
CA SER C 137 -20.36 6.16 13.16
C SER C 137 -19.18 5.47 13.85
N SER C 138 -19.43 4.36 14.54
CA SER C 138 -18.32 3.52 15.01
C SER C 138 -17.53 2.98 13.83
N VAL C 139 -18.24 2.51 12.81
CA VAL C 139 -17.57 2.00 11.61
C VAL C 139 -16.89 3.13 10.86
N LYS C 140 -17.57 4.28 10.76
CA LYS C 140 -17.00 5.50 10.19
C LYS C 140 -15.65 5.83 10.83
N GLU C 141 -15.57 5.81 12.16
CA GLU C 141 -14.31 6.18 12.80
C GLU C 141 -13.25 5.10 12.64
N LEU C 142 -13.63 3.82 12.60
CA LEU C 142 -12.64 2.79 12.27
C LEU C 142 -12.14 2.97 10.86
N ALA C 143 -13.03 3.28 9.92
CA ALA C 143 -12.61 3.49 8.54
C ALA C 143 -11.66 4.67 8.42
N ARG C 144 -11.89 5.73 9.21
CA ARG C 144 -11.00 6.89 9.17
C ARG C 144 -9.55 6.51 9.40
N ARG C 145 -9.32 5.56 10.29
CA ARG C 145 -7.97 5.15 10.66
C ARG C 145 -7.48 3.96 9.86
N TRP C 146 -8.34 2.97 9.65
CA TRP C 146 -7.91 1.73 9.01
C TRP C 146 -8.03 1.76 7.50
N PHE C 147 -8.98 2.53 6.97
CA PHE C 147 -9.31 2.51 5.53
C PHE C 147 -9.57 3.93 5.05
N PRO C 148 -8.54 4.79 5.08
CA PRO C 148 -8.78 6.23 4.84
C PRO C 148 -9.46 6.56 3.52
N ARG C 149 -9.13 5.86 2.43
CA ARG C 149 -9.81 6.21 1.18
C ARG C 149 -11.31 5.91 1.25
N VAL C 150 -11.70 4.86 1.97
CA VAL C 150 -13.13 4.60 2.17
C VAL C 150 -13.75 5.72 3.00
N TYR C 151 -13.06 6.16 4.05
CA TYR C 151 -13.56 7.29 4.83
C TYR C 151 -13.79 8.51 3.94
N PHE C 152 -12.81 8.86 3.11
CA PHE C 152 -12.95 10.06 2.29
C PHE C 152 -13.95 9.86 1.15
N GLY C 153 -14.27 8.62 0.81
CA GLY C 153 -15.19 8.33 -0.27
C GLY C 153 -16.64 8.20 0.12
N GLN C 154 -17.01 8.49 1.37
CA GLN C 154 -18.39 8.27 1.80
C GLN C 154 -19.38 9.03 0.92
N PRO C 155 -20.51 8.43 0.57
CA PRO C 155 -21.57 9.17 -0.12
C PRO C 155 -21.89 10.47 0.63
N ALA C 156 -22.06 11.54 -0.14
CA ALA C 156 -22.36 12.84 0.46
C ALA C 156 -23.74 12.84 1.09
N LYS C 157 -23.84 13.34 2.32
CA LYS C 157 -25.11 13.43 3.01
C LYS C 157 -25.74 14.81 2.84
N GLY C 158 -27.03 14.89 3.12
CA GLY C 158 -27.77 16.12 2.85
C GLY C 158 -27.56 17.22 3.86
N LEU C 159 -27.26 16.86 5.10
CA LEU C 159 -27.02 17.80 6.20
C LEU C 159 -28.15 18.81 6.33
N ALA C 160 -29.38 18.34 6.13
CA ALA C 160 -30.58 19.14 6.27
C ALA C 160 -31.25 19.01 7.63
N HIS C 161 -30.78 18.08 8.47
CA HIS C 161 -31.31 17.85 9.82
C HIS C 161 -32.82 17.60 9.80
N ARG C 162 -33.25 16.76 8.89
CA ARG C 162 -34.61 16.24 8.91
C ARG C 162 -34.51 14.73 9.04
N ALA C 163 -35.37 14.16 9.88
CA ALA C 163 -35.07 12.88 10.51
C ALA C 163 -35.20 11.71 9.54
N LEU C 164 -36.20 11.72 8.67
CA LEU C 164 -36.44 10.54 7.83
C LEU C 164 -35.37 10.41 6.75
N ALA C 165 -35.08 11.50 6.03
CA ALA C 165 -33.99 11.47 5.08
C ALA C 165 -32.69 11.09 5.77
N ASP C 166 -32.47 11.59 6.98
CA ASP C 166 -31.19 11.36 7.62
C ASP C 166 -31.02 9.90 8.05
N ILE C 167 -32.09 9.26 8.54
CA ILE C 167 -31.96 7.87 8.96
C ILE C 167 -31.80 6.96 7.74
N ILE C 168 -32.44 7.30 6.62
CA ILE C 168 -32.21 6.54 5.39
C ILE C 168 -30.74 6.63 5.00
N GLU C 169 -30.17 7.84 5.08
CA GLU C 169 -28.78 8.01 4.72
C GLU C 169 -27.82 7.32 5.70
N SER C 170 -28.25 7.09 6.93
CA SER C 170 -27.48 6.24 7.85
C SER C 170 -27.41 4.80 7.32
N VAL C 171 -28.55 4.26 6.88
CA VAL C 171 -28.54 2.92 6.32
C VAL C 171 -27.65 2.87 5.09
N ARG C 172 -27.75 3.90 4.25
CA ARG C 172 -26.97 3.94 3.01
C ARG C 172 -25.48 3.99 3.31
N GLU C 173 -25.09 4.73 4.36
CA GLU C 173 -23.68 4.75 4.78
C GLU C 173 -23.21 3.37 5.23
N LEU C 174 -24.01 2.65 6.03
CA LEU C 174 -23.61 1.30 6.42
C LEU C 174 -23.56 0.36 5.22
N ALA C 175 -24.48 0.52 4.27
CA ALA C 175 -24.43 -0.30 3.06
C ALA C 175 -23.15 -0.05 2.29
N TYR C 176 -22.68 1.21 2.29
CA TYR C 176 -21.40 1.54 1.67
C TYR C 176 -20.24 0.83 2.37
N TYR C 177 -20.24 0.80 3.71
CA TYR C 177 -19.18 0.08 4.41
C TYR C 177 -19.26 -1.41 4.14
N ARG C 178 -20.48 -1.96 4.08
CA ARG C 178 -20.66 -3.37 3.78
C ARG C 178 -19.94 -3.75 2.49
N ARG C 179 -19.97 -2.87 1.49
CA ARG C 179 -19.41 -3.16 0.17
C ARG C 179 -17.92 -2.86 0.06
N THR C 180 -17.32 -2.25 1.08
CA THR C 180 -15.95 -1.76 1.02
C THR C 180 -15.03 -2.32 2.09
N VAL C 181 -15.39 -2.21 3.37
CA VAL C 181 -14.45 -2.54 4.45
C VAL C 181 -14.75 -3.88 5.11
N PHE C 182 -15.93 -4.45 4.90
CA PHE C 182 -16.23 -5.79 5.41
C PHE C 182 -15.95 -6.83 4.33
N VAL C 183 -15.44 -7.99 4.75
CA VAL C 183 -15.19 -9.10 3.83
C VAL C 183 -16.51 -9.62 3.27
N ASP C 184 -16.45 -10.42 2.22
CA ASP C 184 -17.65 -11.04 1.67
C ASP C 184 -18.26 -12.00 2.68
N SER C 185 -19.60 -11.98 2.80
CA SER C 185 -20.29 -13.02 3.52
C SER C 185 -20.13 -14.33 2.75
N PRO C 186 -20.14 -15.50 3.43
CA PRO C 186 -20.35 -15.76 4.86
C PRO C 186 -19.12 -15.50 5.73
N GLY C 187 -18.00 -15.20 5.10
CA GLY C 187 -16.79 -14.88 5.83
C GLY C 187 -15.99 -16.11 6.24
N PRO C 188 -15.11 -15.94 7.21
CA PRO C 188 -14.27 -17.04 7.68
C PRO C 188 -15.05 -18.31 8.03
N SER C 189 -14.41 -19.44 7.77
CA SER C 189 -14.90 -20.73 8.23
C SER C 189 -14.78 -20.80 9.76
N SER C 190 -15.41 -21.82 10.33
CA SER C 190 -15.34 -21.99 11.78
C SER C 190 -13.90 -22.20 12.24
N SER C 191 -13.11 -22.96 11.48
CA SER C 191 -11.72 -23.18 11.90
C SER C 191 -10.90 -21.89 11.75
N GLN C 192 -11.18 -21.09 10.72
CA GLN C 192 -10.49 -19.82 10.59
C GLN C 192 -10.87 -18.87 11.73
N ALA C 193 -12.16 -18.82 12.08
CA ALA C 193 -12.58 -18.01 13.22
C ALA C 193 -11.91 -18.47 14.50
N LYS C 194 -11.85 -19.79 14.71
CA LYS C 194 -11.28 -20.33 15.93
C LYS C 194 -9.80 -19.99 16.04
N LYS C 195 -9.09 -20.03 14.90
CA LYS C 195 -7.66 -19.72 14.90
C LYS C 195 -7.42 -18.25 15.19
N ALA C 196 -8.23 -17.37 14.59
CA ALA C 196 -8.09 -15.94 14.88
C ALA C 196 -8.37 -15.64 16.35
N ALA C 197 -9.40 -16.29 16.91
CA ALA C 197 -9.69 -16.09 18.33
C ALA C 197 -8.53 -16.53 19.20
N ALA C 198 -7.94 -17.68 18.87
CA ALA C 198 -6.83 -18.19 19.67
C ALA C 198 -5.59 -17.31 19.54
N GLU C 199 -5.35 -16.72 18.36
CA GLU C 199 -4.24 -15.78 18.22
C GLU C 199 -4.41 -14.57 19.12
N VAL C 200 -5.57 -13.92 19.08
CA VAL C 200 -5.70 -12.72 19.91
C VAL C 200 -5.76 -13.06 21.38
N VAL C 201 -6.26 -14.25 21.75
CA VAL C 201 -6.22 -14.64 23.15
C VAL C 201 -4.77 -14.75 23.62
N GLY C 202 -3.91 -15.33 22.77
CA GLY C 202 -2.49 -15.35 23.10
C GLY C 202 -1.89 -13.96 23.15
N GLY C 203 -2.27 -13.09 22.22
CA GLY C 203 -1.70 -11.75 22.17
C GLY C 203 -2.09 -10.85 23.33
N PHE C 204 -3.20 -11.15 23.99
CA PHE C 204 -3.64 -10.35 25.13
C PHE C 204 -3.46 -11.06 26.47
N ALA C 205 -2.98 -12.31 26.48
CA ALA C 205 -2.95 -13.08 27.72
C ALA C 205 -2.09 -12.43 28.79
N ALA C 206 -0.92 -11.92 28.41
CA ALA C 206 -0.01 -11.36 29.43
C ALA C 206 -0.60 -10.09 30.03
N LEU C 207 -1.27 -9.28 29.20
CA LEU C 207 -1.92 -8.08 29.69
C LEU C 207 -3.03 -8.42 30.66
N LEU C 208 -3.75 -9.51 30.39
CA LEU C 208 -4.86 -9.91 31.25
C LEU C 208 -4.35 -10.51 32.55
N ASP C 209 -3.28 -11.30 32.47
CA ASP C 209 -2.55 -11.79 33.63
C ASP C 209 -1.70 -10.65 34.20
N GLY E 7 -14.20 -7.74 -33.75
CA GLY E 7 -12.77 -7.90 -33.55
C GLY E 7 -12.37 -9.24 -32.95
N HIS E 8 -12.62 -10.33 -33.69
CA HIS E 8 -12.28 -11.66 -33.19
C HIS E 8 -10.79 -11.81 -32.97
N LEU E 9 -10.44 -12.73 -32.06
CA LEU E 9 -9.07 -13.07 -31.71
C LEU E 9 -8.80 -14.52 -32.05
N VAL E 10 -7.65 -14.80 -32.67
CA VAL E 10 -7.22 -16.16 -32.93
C VAL E 10 -6.17 -16.55 -31.89
N TRP E 11 -6.41 -17.65 -31.17
CA TRP E 11 -5.51 -18.16 -30.14
C TRP E 11 -4.90 -19.48 -30.59
N ILE E 12 -3.57 -19.58 -30.52
CA ILE E 12 -2.86 -20.80 -30.92
C ILE E 12 -1.84 -21.16 -29.86
N ASP E 13 -1.73 -22.45 -29.54
CA ASP E 13 -0.62 -23.01 -28.80
C ASP E 13 -0.02 -24.14 -29.64
N CYS E 14 1.30 -24.14 -29.74
CA CYS E 14 2.03 -25.15 -30.50
C CYS E 14 2.88 -25.97 -29.54
N GLU E 15 3.09 -27.24 -29.89
CA GLU E 15 4.11 -28.06 -29.25
C GLU E 15 5.13 -28.49 -30.31
N MET E 16 6.37 -28.65 -29.88
CA MET E 16 7.54 -28.80 -30.73
C MET E 16 8.49 -29.79 -30.07
N THR E 17 9.43 -30.30 -30.86
CA THR E 17 10.49 -31.12 -30.27
C THR E 17 11.52 -30.27 -29.54
N GLY E 18 11.42 -28.95 -29.66
CA GLY E 18 12.29 -28.02 -28.98
C GLY E 18 12.09 -26.63 -29.57
N LEU E 19 12.92 -25.69 -29.12
CA LEU E 19 12.77 -24.28 -29.48
C LEU E 19 13.55 -23.86 -30.73
N ASP E 20 14.31 -24.76 -31.36
CA ASP E 20 15.25 -24.41 -32.43
C ASP E 20 14.51 -24.34 -33.77
N LEU E 21 14.50 -23.15 -34.38
CA LEU E 21 13.80 -22.96 -35.65
C LEU E 21 14.49 -23.65 -36.81
N VAL E 22 15.76 -24.02 -36.68
CA VAL E 22 16.42 -24.78 -37.72
C VAL E 22 16.14 -26.26 -37.56
N GLU E 23 16.30 -26.79 -36.35
CA GLU E 23 16.37 -28.23 -36.12
C GLU E 23 15.05 -28.85 -35.64
N ASP E 24 14.18 -28.10 -34.96
CA ASP E 24 13.06 -28.76 -34.30
C ASP E 24 11.82 -28.80 -35.18
N LYS E 25 10.91 -29.72 -34.82
CA LYS E 25 9.70 -29.99 -35.58
C LYS E 25 8.45 -29.55 -34.83
N LEU E 26 7.46 -29.10 -35.60
CA LEU E 26 6.14 -28.77 -35.08
C LEU E 26 5.30 -30.05 -34.96
N ILE E 27 4.86 -30.40 -33.76
CA ILE E 27 4.19 -31.68 -33.53
C ILE E 27 2.78 -31.54 -32.98
N GLU E 28 2.34 -30.35 -32.61
CA GLU E 28 0.96 -30.15 -32.21
C GLU E 28 0.59 -28.69 -32.45
N VAL E 29 -0.62 -28.46 -32.94
CA VAL E 29 -1.18 -27.12 -33.10
C VAL E 29 -2.61 -27.16 -32.57
N ALA E 30 -2.89 -26.31 -31.59
CA ALA E 30 -4.25 -26.12 -31.09
C ALA E 30 -4.70 -24.70 -31.41
N VAL E 31 -5.95 -24.56 -31.80
CA VAL E 31 -6.52 -23.27 -32.19
C VAL E 31 -7.83 -23.05 -31.46
N LEU E 32 -8.03 -21.82 -30.99
CA LEU E 32 -9.24 -21.37 -30.33
C LEU E 32 -9.60 -20.01 -30.89
N ILE E 33 -10.90 -19.76 -31.06
CA ILE E 33 -11.42 -18.46 -31.47
C ILE E 33 -12.19 -17.86 -30.32
N THR E 34 -11.89 -16.60 -29.96
CA THR E 34 -12.77 -15.83 -29.09
C THR E 34 -13.24 -14.56 -29.80
N ASP E 35 -14.33 -13.98 -29.29
CA ASP E 35 -14.69 -12.64 -29.72
C ASP E 35 -13.82 -11.65 -28.96
N SER E 36 -14.09 -10.35 -29.14
CA SER E 36 -13.26 -9.31 -28.53
C SER E 36 -13.41 -9.26 -27.02
N GLU E 37 -14.43 -9.91 -26.46
CA GLU E 37 -14.69 -9.93 -25.03
C GLU E 37 -14.24 -11.23 -24.39
N LEU E 38 -13.43 -12.03 -25.10
CA LEU E 38 -12.86 -13.29 -24.63
C LEU E 38 -13.90 -14.38 -24.44
N ASN E 39 -15.07 -14.25 -25.08
CA ASN E 39 -16.03 -15.34 -25.14
C ASN E 39 -15.54 -16.38 -26.13
N VAL E 40 -15.33 -17.61 -25.65
CA VAL E 40 -14.88 -18.70 -26.52
C VAL E 40 -16.03 -19.12 -27.43
N LEU E 41 -15.77 -19.10 -28.74
CA LEU E 41 -16.84 -19.27 -29.72
C LEU E 41 -17.05 -20.72 -30.16
N ASP E 42 -16.12 -21.63 -29.85
CA ASP E 42 -16.16 -23.02 -30.28
C ASP E 42 -15.17 -23.78 -29.41
N PRO E 43 -15.42 -25.07 -29.13
CA PRO E 43 -14.52 -25.81 -28.22
C PRO E 43 -13.06 -25.85 -28.64
N GLY E 44 -12.75 -25.69 -29.91
CA GLY E 44 -11.38 -25.62 -30.36
C GLY E 44 -10.99 -26.80 -31.24
N LEU E 45 -9.81 -26.68 -31.83
CA LEU E 45 -9.24 -27.70 -32.70
C LEU E 45 -7.86 -28.04 -32.17
N ASP E 46 -7.54 -29.34 -32.10
CA ASP E 46 -6.26 -29.81 -31.58
C ASP E 46 -5.74 -30.85 -32.55
N LEU E 47 -4.62 -30.57 -33.21
CA LEU E 47 -4.10 -31.44 -34.27
C LEU E 47 -2.72 -31.94 -33.91
N ILE E 48 -2.53 -33.25 -33.97
CA ILE E 48 -1.25 -33.87 -33.63
C ILE E 48 -0.52 -34.21 -34.94
N ILE E 49 0.67 -33.63 -35.12
CA ILE E 49 1.36 -33.69 -36.40
C ILE E 49 2.51 -34.69 -36.32
N SER E 50 2.61 -35.57 -37.31
CA SER E 50 3.66 -36.57 -37.29
C SER E 50 5.03 -35.93 -37.35
N ALA E 51 5.99 -36.53 -36.65
CA ALA E 51 7.41 -36.26 -36.83
C ALA E 51 8.14 -37.59 -36.81
N ASP E 52 9.32 -37.60 -37.46
CA ASP E 52 10.18 -38.77 -37.55
C ASP E 52 10.65 -39.26 -36.20
N ASP E 53 10.91 -40.58 -36.11
CA ASP E 53 11.54 -41.14 -34.92
C ASP E 53 12.81 -40.40 -34.56
N ALA E 54 13.64 -40.08 -35.56
CA ALA E 54 14.91 -39.40 -35.28
C ALA E 54 14.68 -38.04 -34.63
N ALA E 55 13.64 -37.32 -35.05
CA ALA E 55 13.35 -36.03 -34.44
C ALA E 55 12.88 -36.20 -33.00
N LEU E 56 11.99 -37.18 -32.78
CA LEU E 56 11.50 -37.43 -31.43
C LEU E 56 12.62 -37.91 -30.50
N ASP E 57 13.46 -38.83 -30.98
CA ASP E 57 14.55 -39.33 -30.14
C ASP E 57 15.60 -38.26 -29.84
N GLY E 58 15.65 -37.18 -30.62
CA GLY E 58 16.62 -36.12 -30.40
C GLY E 58 16.20 -35.05 -29.42
N MET E 59 14.99 -35.17 -28.89
CA MET E 59 14.48 -34.20 -27.92
C MET E 59 15.36 -34.18 -26.68
N ASN E 60 15.57 -32.98 -26.11
CA ASN E 60 16.37 -32.91 -24.90
C ASN E 60 15.60 -33.50 -23.72
N GLU E 61 16.30 -33.63 -22.59
CA GLU E 61 15.71 -34.32 -21.44
C GLU E 61 14.43 -33.66 -20.98
N VAL E 62 14.43 -32.33 -20.85
CA VAL E 62 13.26 -31.63 -20.32
C VAL E 62 12.05 -31.84 -21.24
N VAL E 63 12.25 -31.66 -22.54
CA VAL E 63 11.14 -31.74 -23.48
C VAL E 63 10.68 -33.19 -23.67
N ARG E 64 11.63 -34.14 -23.67
CA ARG E 64 11.24 -35.54 -23.85
C ARG E 64 10.35 -36.02 -22.71
N THR E 65 10.68 -35.66 -21.46
CA THR E 65 9.82 -36.13 -20.38
C THR E 65 8.46 -35.45 -20.41
N MET E 66 8.40 -34.17 -20.78
CA MET E 66 7.11 -33.49 -20.80
C MET E 66 6.21 -34.09 -21.87
N HIS E 67 6.77 -34.45 -23.02
CA HIS E 67 5.95 -35.08 -24.05
C HIS E 67 5.75 -36.58 -23.81
N GLU E 68 6.63 -37.21 -23.03
CA GLU E 68 6.37 -38.55 -22.51
C GLU E 68 5.16 -38.54 -21.59
N LYS E 69 5.22 -37.75 -20.51
CA LYS E 69 4.22 -37.82 -19.45
C LYS E 69 2.85 -37.39 -19.93
N SER E 70 2.78 -36.46 -20.89
CA SER E 70 1.51 -36.02 -21.43
C SER E 70 0.91 -37.00 -22.44
N GLY E 71 1.65 -38.02 -22.85
CA GLY E 71 1.21 -38.90 -23.92
C GLY E 71 1.38 -38.36 -25.32
N LEU E 72 1.96 -37.17 -25.49
CA LEU E 72 2.03 -36.57 -26.82
C LEU E 72 2.95 -37.35 -27.75
N THR E 73 4.13 -37.75 -27.27
CA THR E 73 5.09 -38.43 -28.15
C THR E 73 4.49 -39.71 -28.74
N GLU E 74 3.73 -40.46 -27.96
CA GLU E 74 3.13 -41.69 -28.49
C GLU E 74 2.08 -41.37 -29.56
N GLU E 75 1.30 -40.29 -29.36
CA GLU E 75 0.34 -39.88 -30.38
C GLU E 75 1.05 -39.40 -31.63
N VAL E 76 2.16 -38.66 -31.48
CA VAL E 76 2.90 -38.16 -32.63
C VAL E 76 3.45 -39.31 -33.46
N ARG E 77 3.96 -40.36 -32.80
CA ARG E 77 4.46 -41.52 -33.52
C ARG E 77 3.37 -42.15 -34.36
N ALA E 78 2.16 -42.24 -33.82
CA ALA E 78 1.07 -42.91 -34.53
C ALA E 78 0.40 -42.01 -35.56
N SER E 79 0.60 -40.70 -35.45
CA SER E 79 -0.06 -39.80 -36.38
C SER E 79 0.56 -39.92 -37.77
N THR E 80 -0.28 -39.70 -38.78
CA THR E 80 0.17 -39.58 -40.17
C THR E 80 -0.13 -38.20 -40.73
N LEU E 81 -0.59 -37.28 -39.89
CA LEU E 81 -0.92 -35.94 -40.34
C LEU E 81 0.35 -35.16 -40.67
N THR E 82 0.41 -34.57 -41.87
CA THR E 82 1.55 -33.73 -42.19
C THR E 82 1.28 -32.28 -41.82
N VAL E 83 2.36 -31.49 -41.78
CA VAL E 83 2.24 -30.07 -41.52
C VAL E 83 1.37 -29.38 -42.57
N ALA E 84 1.50 -29.80 -43.84
CA ALA E 84 0.69 -29.17 -44.88
C ALA E 84 -0.80 -29.47 -44.68
N GLU E 85 -1.11 -30.72 -44.37
CA GLU E 85 -2.50 -31.08 -44.11
C GLU E 85 -3.03 -30.35 -42.89
N ALA E 86 -2.22 -30.28 -41.83
CA ALA E 86 -2.67 -29.59 -40.63
C ALA E 86 -2.94 -28.11 -40.92
N GLU E 87 -2.08 -27.49 -41.74
CA GLU E 87 -2.27 -26.07 -42.05
C GLU E 87 -3.61 -25.84 -42.75
N GLN E 88 -3.97 -26.71 -43.69
CA GLN E 88 -5.24 -26.51 -44.38
C GLN E 88 -6.42 -26.64 -43.41
N GLN E 89 -6.32 -27.56 -42.45
CA GLN E 89 -7.39 -27.75 -41.46
C GLN E 89 -7.49 -26.54 -40.52
N VAL E 90 -6.36 -26.02 -40.07
CA VAL E 90 -6.38 -24.86 -39.19
C VAL E 90 -6.88 -23.62 -39.93
N LEU E 91 -6.45 -23.46 -41.18
CA LEU E 91 -6.91 -22.33 -41.99
C LEU E 91 -8.42 -22.41 -42.22
N ALA E 92 -8.91 -23.57 -42.63
CA ALA E 92 -10.35 -23.73 -42.85
C ALA E 92 -11.14 -23.49 -41.57
N TYR E 93 -10.57 -23.86 -40.43
CA TYR E 93 -11.21 -23.65 -39.14
C TYR E 93 -11.28 -22.16 -38.81
N ILE E 94 -10.13 -21.47 -38.86
CA ILE E 94 -10.08 -20.03 -38.57
C ILE E 94 -11.02 -19.26 -39.49
N LYS E 95 -11.07 -19.61 -40.77
CA LYS E 95 -11.81 -18.79 -41.72
C LYS E 95 -13.32 -18.89 -41.53
N ARG E 96 -13.80 -19.82 -40.71
CA ARG E 96 -15.22 -19.83 -40.37
C ARG E 96 -15.63 -18.60 -39.56
N TRP E 97 -14.70 -18.03 -38.79
CA TRP E 97 -14.92 -16.80 -38.05
C TRP E 97 -14.11 -15.62 -38.57
N VAL E 98 -12.92 -15.85 -39.12
CA VAL E 98 -12.08 -14.78 -39.65
C VAL E 98 -11.77 -15.06 -41.12
N PRO E 99 -12.73 -14.86 -42.02
CA PRO E 99 -12.47 -15.18 -43.44
C PRO E 99 -11.48 -14.25 -44.10
N GLU E 100 -11.30 -13.05 -43.60
CA GLU E 100 -10.54 -12.02 -44.30
C GLU E 100 -9.11 -11.98 -43.80
N ARG E 101 -8.18 -11.84 -44.74
CA ARG E 101 -6.76 -11.80 -44.42
C ARG E 101 -6.41 -10.57 -43.59
N ARG E 102 -5.60 -10.77 -42.55
CA ARG E 102 -4.98 -9.71 -41.74
C ARG E 102 -6.02 -8.87 -41.01
N THR E 103 -7.08 -9.52 -40.53
CA THR E 103 -8.10 -8.82 -39.73
C THR E 103 -8.13 -9.27 -38.28
N ALA E 104 -7.35 -10.28 -37.89
CA ALA E 104 -7.30 -10.77 -36.51
C ALA E 104 -5.86 -10.96 -36.06
N PRO E 105 -5.53 -10.56 -34.85
CA PRO E 105 -4.18 -10.85 -34.33
C PRO E 105 -4.12 -12.26 -33.78
N LEU E 106 -2.90 -12.73 -33.57
CA LEU E 106 -2.63 -14.04 -32.98
C LEU E 106 -2.36 -13.83 -31.49
N CYS E 107 -2.87 -14.72 -30.65
CA CYS E 107 -2.83 -14.48 -29.20
C CYS E 107 -2.40 -15.73 -28.44
N GLY E 108 -1.77 -15.51 -27.29
CA GLY E 108 -1.30 -16.61 -26.47
C GLY E 108 -0.22 -16.13 -25.51
N ASN E 109 0.38 -17.09 -24.81
CA ASN E 109 1.51 -16.83 -23.91
C ASN E 109 2.83 -16.99 -24.66
N SER E 110 3.60 -15.91 -24.74
CA SER E 110 4.89 -15.87 -25.45
C SER E 110 4.69 -16.35 -26.89
N ILE E 111 3.63 -15.81 -27.49
CA ILE E 111 3.08 -16.27 -28.75
C ILE E 111 4.01 -16.02 -29.92
N GLY E 112 4.98 -15.12 -29.77
CA GLY E 112 5.98 -14.95 -30.81
C GLY E 112 6.74 -16.22 -31.14
N THR E 113 6.95 -17.10 -30.14
CA THR E 113 7.64 -18.37 -30.42
C THR E 113 6.82 -19.24 -31.36
N ASP E 114 5.52 -19.39 -31.07
CA ASP E 114 4.66 -20.17 -31.98
C ASP E 114 4.66 -19.55 -33.37
N ARG E 115 4.60 -18.22 -33.45
CA ARG E 115 4.52 -17.55 -34.74
C ARG E 115 5.74 -17.85 -35.59
N GLY E 116 6.92 -17.94 -34.97
CA GLY E 116 8.12 -18.30 -35.72
C GLY E 116 8.00 -19.65 -36.39
N PHE E 117 7.46 -20.64 -35.67
CA PHE E 117 7.27 -21.96 -36.26
C PHE E 117 6.16 -21.95 -37.30
N LEU E 118 5.11 -21.17 -37.07
CA LEU E 118 4.06 -21.06 -38.08
C LEU E 118 4.58 -20.39 -39.34
N ALA E 119 5.39 -19.34 -39.21
CA ALA E 119 5.93 -18.69 -40.40
C ALA E 119 6.78 -19.64 -41.21
N ARG E 120 7.55 -20.49 -40.53
CA ARG E 120 8.44 -21.42 -41.20
C ARG E 120 7.68 -22.58 -41.84
N ASP E 121 6.72 -23.15 -41.13
CA ASP E 121 6.08 -24.41 -41.53
C ASP E 121 4.71 -24.25 -42.14
N MET E 122 4.00 -23.18 -41.81
CA MET E 122 2.66 -22.92 -42.32
C MET E 122 2.59 -21.47 -42.80
N PRO E 123 3.24 -21.17 -43.92
CA PRO E 123 3.32 -19.78 -44.39
C PRO E 123 1.98 -19.19 -44.78
N GLU E 124 1.05 -19.99 -45.30
CA GLU E 124 -0.24 -19.44 -45.66
C GLU E 124 -1.04 -19.04 -44.43
N LEU E 125 -0.96 -19.84 -43.37
CA LEU E 125 -1.59 -19.49 -42.11
C LEU E 125 -0.96 -18.25 -41.50
N ASP E 126 0.38 -18.20 -41.48
CA ASP E 126 1.07 -17.02 -40.95
C ASP E 126 0.69 -15.76 -41.70
N ASP E 127 0.54 -15.86 -43.02
CA ASP E 127 0.19 -14.68 -43.81
C ASP E 127 -1.27 -14.28 -43.64
N HIS E 128 -2.12 -15.22 -43.18
CA HIS E 128 -3.53 -14.90 -43.01
C HIS E 128 -3.77 -14.03 -41.79
N LEU E 129 -2.93 -14.17 -40.78
CA LEU E 129 -3.10 -13.45 -39.53
C LEU E 129 -2.46 -12.06 -39.63
N HIS E 130 -3.03 -11.09 -38.93
CA HIS E 130 -2.38 -9.81 -38.81
C HIS E 130 -1.00 -9.98 -38.16
N TYR E 131 -0.10 -9.02 -38.40
CA TYR E 131 1.23 -9.15 -37.79
C TYR E 131 1.19 -8.88 -36.29
N ARG E 132 0.21 -8.13 -35.82
CA ARG E 132 0.14 -7.85 -34.40
C ARG E 132 -0.32 -9.08 -33.62
N MET E 133 0.11 -9.15 -32.36
CA MET E 133 -0.18 -10.27 -31.50
C MET E 133 -0.53 -9.76 -30.12
N ILE E 134 -1.41 -10.47 -29.45
CA ILE E 134 -1.69 -10.21 -28.03
C ILE E 134 -0.98 -11.27 -27.21
N ASP E 135 0.16 -10.88 -26.62
CA ASP E 135 0.96 -11.77 -25.80
C ASP E 135 0.52 -11.64 -24.35
N VAL E 136 -0.21 -12.63 -23.85
CA VAL E 136 -0.72 -12.57 -22.47
C VAL E 136 0.44 -12.44 -21.48
N SER E 137 1.61 -12.97 -21.83
CA SER E 137 2.75 -12.94 -20.92
C SER E 137 3.35 -11.54 -20.81
N SER E 138 3.06 -10.66 -21.78
CA SER E 138 3.43 -9.25 -21.63
C SER E 138 2.65 -8.63 -20.49
N VAL E 139 1.36 -8.96 -20.38
CA VAL E 139 0.55 -8.43 -19.27
C VAL E 139 0.99 -9.06 -17.96
N LYS E 140 1.32 -10.36 -17.99
CA LYS E 140 1.84 -11.05 -16.82
C LYS E 140 3.08 -10.37 -16.27
N GLU E 141 4.03 -10.01 -17.16
CA GLU E 141 5.26 -9.38 -16.68
C GLU E 141 5.01 -7.95 -16.20
N LEU E 142 4.06 -7.24 -16.80
CA LEU E 142 3.69 -5.94 -16.25
C LEU E 142 3.05 -6.11 -14.87
N ALA E 143 2.17 -7.10 -14.72
CA ALA E 143 1.53 -7.31 -13.42
C ALA E 143 2.54 -7.69 -12.35
N ARG E 144 3.56 -8.47 -12.71
CA ARG E 144 4.59 -8.86 -11.74
C ARG E 144 5.20 -7.64 -11.07
N ARG E 145 5.39 -6.57 -11.84
CA ARG E 145 6.03 -5.34 -11.36
C ARG E 145 5.02 -4.36 -10.76
N TRP E 146 3.91 -4.12 -11.47
CA TRP E 146 2.97 -3.08 -11.05
C TRP E 146 1.95 -3.56 -10.04
N PHE E 147 1.61 -4.86 -10.08
CA PHE E 147 0.51 -5.43 -9.30
C PHE E 147 0.92 -6.79 -8.73
N PRO E 148 1.95 -6.81 -7.86
CA PRO E 148 2.50 -8.10 -7.40
C PRO E 148 1.47 -9.09 -6.90
N ARG E 149 0.49 -8.63 -6.11
CA ARG E 149 -0.47 -9.56 -5.53
C ARG E 149 -1.28 -10.26 -6.63
N VAL E 150 -1.59 -9.53 -7.71
CA VAL E 150 -2.31 -10.15 -8.82
C VAL E 150 -1.41 -11.17 -9.53
N TYR E 151 -0.12 -10.86 -9.68
CA TYR E 151 0.79 -11.83 -10.30
C TYR E 151 0.83 -13.14 -9.49
N PHE E 152 0.92 -13.03 -8.16
CA PHE E 152 1.00 -14.24 -7.35
C PHE E 152 -0.34 -14.95 -7.22
N GLY E 153 -1.44 -14.27 -7.54
CA GLY E 153 -2.76 -14.83 -7.39
C GLY E 153 -3.34 -15.45 -8.65
N GLN E 154 -2.55 -15.50 -9.72
CA GLN E 154 -3.02 -16.08 -10.98
C GLN E 154 -3.60 -17.46 -10.75
N PRO E 155 -4.65 -17.84 -11.48
CA PRO E 155 -5.11 -19.22 -11.43
C PRO E 155 -3.96 -20.17 -11.75
N ALA E 156 -3.92 -21.30 -11.03
CA ALA E 156 -2.93 -22.33 -11.31
C ALA E 156 -3.19 -22.92 -12.69
N LYS E 157 -2.14 -23.03 -13.50
CA LYS E 157 -2.28 -23.62 -14.82
C LYS E 157 -1.32 -24.80 -14.96
N GLY E 158 -1.50 -25.57 -16.02
CA GLY E 158 -0.64 -26.73 -16.27
C GLY E 158 -1.17 -28.00 -15.65
N ARG E 162 -2.82 -31.28 -23.00
CA ARG E 162 -2.65 -31.04 -24.42
C ARG E 162 -2.59 -29.54 -24.75
N ALA E 163 -2.22 -29.22 -25.99
CA ALA E 163 -2.10 -27.83 -26.39
C ALA E 163 -3.42 -27.10 -26.30
N LEU E 164 -4.53 -27.80 -26.50
CA LEU E 164 -5.84 -27.13 -26.43
C LEU E 164 -6.10 -26.64 -25.01
N ALA E 165 -5.86 -27.48 -24.01
CA ALA E 165 -6.03 -27.05 -22.63
C ALA E 165 -5.13 -25.86 -22.33
N ASP E 166 -3.91 -25.88 -22.86
CA ASP E 166 -2.95 -24.80 -22.61
C ASP E 166 -3.48 -23.47 -23.16
N ILE E 167 -3.98 -23.48 -24.39
CA ILE E 167 -4.42 -22.21 -24.96
C ILE E 167 -5.68 -21.73 -24.25
N ILE E 168 -6.55 -22.64 -23.81
CA ILE E 168 -7.71 -22.22 -23.02
C ILE E 168 -7.24 -21.56 -21.73
N GLU E 169 -6.21 -22.12 -21.10
CA GLU E 169 -5.68 -21.51 -19.88
C GLU E 169 -5.05 -20.13 -20.15
N SER E 170 -4.56 -19.89 -21.36
CA SER E 170 -4.07 -18.54 -21.72
C SER E 170 -5.21 -17.54 -21.76
N VAL E 171 -6.33 -17.90 -22.41
CA VAL E 171 -7.50 -17.02 -22.41
C VAL E 171 -7.95 -16.74 -20.99
N ARG E 172 -8.02 -17.80 -20.16
CA ARG E 172 -8.45 -17.63 -18.77
C ARG E 172 -7.54 -16.68 -18.03
N GLU E 173 -6.22 -16.78 -18.27
CA GLU E 173 -5.28 -15.87 -17.62
C GLU E 173 -5.55 -14.43 -18.00
N LEU E 174 -5.81 -14.17 -19.30
CA LEU E 174 -6.14 -12.83 -19.71
C LEU E 174 -7.47 -12.37 -19.12
N ALA E 175 -8.46 -13.28 -19.03
CA ALA E 175 -9.73 -12.91 -18.42
C ALA E 175 -9.53 -12.53 -16.96
N TYR E 176 -8.60 -13.20 -16.29
CA TYR E 176 -8.27 -12.86 -14.90
C TYR E 176 -7.67 -11.46 -14.81
N TYR E 177 -6.78 -11.10 -15.74
CA TYR E 177 -6.21 -9.74 -15.71
C TYR E 177 -7.27 -8.71 -16.00
N ARG E 178 -8.19 -9.01 -16.94
CA ARG E 178 -9.28 -8.11 -17.26
C ARG E 178 -10.07 -7.73 -16.01
N ARG E 179 -10.21 -8.67 -15.06
CA ARG E 179 -10.99 -8.52 -13.84
C ARG E 179 -10.20 -7.90 -12.70
N THR E 180 -8.90 -7.67 -12.86
CA THR E 180 -8.06 -7.26 -11.74
C THR E 180 -7.24 -6.01 -12.03
N VAL E 181 -6.48 -6.01 -13.12
CA VAL E 181 -5.53 -4.93 -13.37
C VAL E 181 -6.04 -3.91 -14.39
N PHE E 182 -7.04 -4.26 -15.19
CA PHE E 182 -7.61 -3.31 -16.14
C PHE E 182 -8.81 -2.61 -15.49
N VAL E 183 -8.95 -1.30 -15.78
CA VAL E 183 -10.07 -0.54 -15.24
C VAL E 183 -11.40 -1.08 -15.78
N ASP E 184 -12.48 -0.71 -15.10
CA ASP E 184 -13.81 -1.08 -15.55
C ASP E 184 -14.09 -0.47 -16.93
N SER E 185 -14.70 -1.26 -17.81
CA SER E 185 -15.17 -0.73 -19.07
C SER E 185 -16.35 0.22 -18.80
N PRO E 186 -16.52 1.28 -19.61
CA PRO E 186 -15.83 1.61 -20.85
C PRO E 186 -14.54 2.41 -20.65
N GLY E 187 -14.17 2.66 -19.41
CA GLY E 187 -12.94 3.36 -19.10
C GLY E 187 -13.02 4.86 -19.28
N PRO E 188 -11.86 5.50 -19.40
CA PRO E 188 -11.82 6.96 -19.49
C PRO E 188 -12.68 7.53 -20.62
N SER E 189 -13.25 8.69 -20.35
CA SER E 189 -13.90 9.49 -21.38
C SER E 189 -12.86 9.95 -22.41
N SER E 190 -13.35 10.47 -23.53
CA SER E 190 -12.42 11.05 -24.51
C SER E 190 -11.66 12.22 -23.92
N SER E 191 -12.33 13.03 -23.10
CA SER E 191 -11.62 14.16 -22.50
C SER E 191 -10.54 13.68 -21.55
N GLN E 192 -10.80 12.63 -20.76
CA GLN E 192 -9.77 12.09 -19.88
C GLN E 192 -8.64 11.45 -20.67
N ALA E 193 -8.96 10.76 -21.76
CA ALA E 193 -7.90 10.19 -22.58
C ALA E 193 -7.01 11.28 -23.17
N LYS E 194 -7.60 12.38 -23.65
CA LYS E 194 -6.79 13.47 -24.19
C LYS E 194 -5.86 14.05 -23.14
N LYS E 195 -6.38 14.26 -21.92
CA LYS E 195 -5.56 14.80 -20.85
C LYS E 195 -4.38 13.88 -20.53
N ALA E 196 -4.63 12.57 -20.49
CA ALA E 196 -3.54 11.63 -20.21
C ALA E 196 -2.52 11.60 -21.35
N ALA E 197 -2.99 11.66 -22.60
CA ALA E 197 -2.03 11.72 -23.71
C ALA E 197 -1.23 13.01 -23.65
N ALA E 198 -1.88 14.14 -23.33
CA ALA E 198 -1.15 15.39 -23.27
C ALA E 198 -0.10 15.38 -22.16
N GLU E 199 -0.40 14.70 -21.04
CA GLU E 199 0.57 14.57 -19.95
C GLU E 199 1.82 13.81 -20.39
N VAL E 200 1.63 12.64 -21.01
CA VAL E 200 2.79 11.84 -21.37
C VAL E 200 3.52 12.47 -22.56
N VAL E 201 2.80 13.17 -23.45
CA VAL E 201 3.51 13.91 -24.49
C VAL E 201 4.41 14.96 -23.87
N GLY E 202 3.90 15.65 -22.84
CA GLY E 202 4.74 16.61 -22.13
C GLY E 202 5.91 15.94 -21.43
N GLY E 203 5.68 14.79 -20.80
CA GLY E 203 6.75 14.14 -20.06
C GLY E 203 7.84 13.57 -20.92
N PHE E 204 7.55 13.31 -22.19
CA PHE E 204 8.52 12.70 -23.09
C PHE E 204 9.08 13.67 -24.13
N ALA E 205 8.59 14.91 -24.16
CA ALA E 205 8.98 15.86 -25.21
C ALA E 205 10.48 16.14 -25.18
N ALA E 206 11.04 16.39 -23.99
CA ALA E 206 12.47 16.71 -23.92
C ALA E 206 13.32 15.54 -24.39
N LEU E 207 12.93 14.32 -24.04
CA LEU E 207 13.64 13.14 -24.53
C LEU E 207 13.60 13.05 -26.05
N LEU E 208 12.42 13.28 -26.63
CA LEU E 208 12.26 13.24 -28.07
C LEU E 208 12.92 14.43 -28.76
N ASP E 209 13.15 15.51 -28.02
CA ASP E 209 13.66 16.79 -28.54
C ASP E 209 12.61 17.46 -29.42
N SER G 1 7.07 -21.80 -16.21
CA SER G 1 8.49 -22.14 -16.25
C SER G 1 9.16 -21.62 -15.00
N MET G 2 10.48 -21.85 -14.89
CA MET G 2 11.22 -21.31 -13.75
C MET G 2 11.32 -19.78 -13.80
N ALA G 3 10.91 -19.17 -14.91
CA ALA G 3 10.71 -17.72 -14.91
C ALA G 3 9.71 -17.28 -13.84
N ASP G 4 8.85 -18.18 -13.38
CA ASP G 4 7.79 -17.79 -12.45
C ASP G 4 8.10 -18.20 -11.03
N SER G 5 7.52 -17.45 -10.10
CA SER G 5 7.65 -17.67 -8.67
C SER G 5 6.26 -17.96 -8.13
N ALA G 6 6.10 -19.09 -7.47
CA ALA G 6 4.77 -19.55 -7.13
C ALA G 6 4.17 -18.72 -6.00
N GLY G 7 2.85 -18.56 -6.04
CA GLY G 7 2.14 -17.92 -4.95
C GLY G 7 1.95 -18.79 -3.73
N HIS G 8 2.29 -20.07 -3.82
CA HIS G 8 2.23 -20.96 -2.67
C HIS G 8 3.63 -21.48 -2.34
N LEU G 9 3.82 -21.80 -1.06
CA LEU G 9 5.05 -22.35 -0.53
C LEU G 9 4.85 -23.80 -0.17
N VAL G 10 5.80 -24.64 -0.51
CA VAL G 10 5.76 -26.06 -0.18
C VAL G 10 6.68 -26.29 1.00
N TRP G 11 6.14 -26.90 2.07
CA TRP G 11 6.90 -27.19 3.27
C TRP G 11 7.05 -28.70 3.44
N ILE G 12 8.28 -29.17 3.63
CA ILE G 12 8.51 -30.59 3.84
C ILE G 12 9.46 -30.79 5.01
N ASP G 13 9.12 -31.75 5.87
CA ASP G 13 10.03 -32.28 6.87
C ASP G 13 10.17 -33.78 6.65
N CYS G 14 11.39 -34.29 6.82
CA CYS G 14 11.70 -35.70 6.65
C CYS G 14 12.26 -36.29 7.94
N GLU G 15 12.04 -37.60 8.10
CA GLU G 15 12.80 -38.38 9.07
C GLU G 15 13.59 -39.44 8.34
N MET G 16 14.79 -39.73 8.85
CA MET G 16 15.71 -40.66 8.22
C MET G 16 16.31 -41.59 9.26
N THR G 17 16.91 -42.69 8.80
CA THR G 17 17.66 -43.54 9.72
C THR G 17 18.95 -42.88 10.18
N GLY G 18 19.29 -41.73 9.59
CA GLY G 18 20.49 -41.00 9.96
C GLY G 18 20.76 -39.92 8.93
N LEU G 19 21.90 -39.25 9.08
CA LEU G 19 22.23 -38.10 8.25
C LEU G 19 23.14 -38.45 7.08
N ASP G 20 23.51 -39.71 6.90
CA ASP G 20 24.48 -40.13 5.89
C ASP G 20 23.79 -40.35 4.55
N LEU G 21 24.15 -39.52 3.56
CA LEU G 21 23.52 -39.61 2.25
C LEU G 21 23.88 -40.87 1.48
N VAL G 22 24.92 -41.58 1.90
CA VAL G 22 25.27 -42.82 1.22
C VAL G 22 24.56 -44.00 1.84
N GLU G 23 24.44 -44.01 3.18
CA GLU G 23 23.98 -45.20 3.89
C GLU G 23 22.55 -45.10 4.40
N ASP G 24 22.06 -43.92 4.73
CA ASP G 24 20.80 -43.84 5.46
C ASP G 24 19.58 -43.78 4.54
N LYS G 25 18.44 -44.12 5.11
CA LYS G 25 17.18 -44.31 4.41
C LYS G 25 16.16 -43.26 4.81
N LEU G 26 15.32 -42.87 3.86
CA LEU G 26 14.19 -41.98 4.14
C LEU G 26 13.01 -42.79 4.67
N ILE G 27 12.47 -42.40 5.82
CA ILE G 27 11.44 -43.23 6.46
C ILE G 27 10.16 -42.47 6.82
N GLU G 28 10.19 -41.13 6.77
CA GLU G 28 8.96 -40.37 6.95
C GLU G 28 9.05 -39.06 6.18
N VAL G 29 7.96 -38.68 5.54
CA VAL G 29 7.88 -37.40 4.84
C VAL G 29 6.54 -36.75 5.15
N ALA G 30 6.56 -35.48 5.57
CA ALA G 30 5.35 -34.70 5.73
C ALA G 30 5.41 -33.48 4.83
N VAL G 31 4.26 -33.10 4.28
CA VAL G 31 4.15 -31.98 3.34
C VAL G 31 3.02 -31.07 3.81
N LEU G 32 3.31 -29.77 3.86
CA LEU G 32 2.32 -28.74 4.14
C LEU G 32 2.37 -27.72 3.01
N ILE G 33 1.23 -27.12 2.70
CA ILE G 33 1.15 -26.03 1.72
C ILE G 33 0.67 -24.79 2.43
N THR G 34 1.38 -23.67 2.26
CA THR G 34 0.87 -22.38 2.70
C THR G 34 0.77 -21.42 1.51
N ASP G 35 0.00 -20.36 1.70
CA ASP G 35 0.14 -19.22 0.82
C ASP G 35 1.35 -18.39 1.27
N SER G 36 1.57 -17.25 0.61
CA SER G 36 2.73 -16.43 0.93
C SER G 36 2.62 -15.79 2.30
N GLU G 37 1.42 -15.74 2.87
CA GLU G 37 1.20 -15.12 4.17
C GLU G 37 1.26 -16.15 5.29
N LEU G 38 1.64 -17.39 4.97
CA LEU G 38 1.87 -18.48 5.92
C LEU G 38 0.57 -19.03 6.50
N ASN G 39 -0.53 -18.88 5.77
CA ASN G 39 -1.76 -19.59 6.10
C ASN G 39 -1.66 -21.02 5.59
N VAL G 40 -1.87 -21.99 6.48
CA VAL G 40 -1.80 -23.40 6.11
C VAL G 40 -3.14 -23.78 5.48
N LEU G 41 -3.08 -24.32 4.26
CA LEU G 41 -4.27 -24.46 3.42
C LEU G 41 -4.91 -25.84 3.52
N ASP G 42 -4.27 -26.79 4.20
CA ASP G 42 -4.76 -28.16 4.30
C ASP G 42 -4.05 -28.79 5.49
N PRO G 43 -4.69 -29.71 6.21
CA PRO G 43 -4.05 -30.28 7.41
C PRO G 43 -2.69 -30.90 7.14
N GLY G 44 -2.39 -31.29 5.92
CA GLY G 44 -1.10 -31.83 5.58
C GLY G 44 -1.16 -33.31 5.24
N LEU G 45 -0.05 -33.80 4.71
CA LEU G 45 0.11 -35.19 4.31
C LEU G 45 1.34 -35.75 5.03
N ASP G 46 1.19 -36.93 5.62
CA ASP G 46 2.31 -37.57 6.30
C ASP G 46 2.41 -39.04 5.91
N LEU G 47 3.57 -39.43 5.40
CA LEU G 47 3.78 -40.75 4.82
C LEU G 47 4.90 -41.46 5.56
N ILE G 48 4.64 -42.69 6.01
CA ILE G 48 5.63 -43.53 6.66
C ILE G 48 6.18 -44.51 5.64
N ILE G 49 7.48 -44.42 5.36
CA ILE G 49 8.12 -45.18 4.28
C ILE G 49 8.81 -46.40 4.88
N SER G 50 8.59 -47.56 4.27
CA SER G 50 9.19 -48.79 4.76
C SER G 50 10.70 -48.78 4.56
N ALA G 51 11.41 -49.40 5.50
CA ALA G 51 12.85 -49.60 5.43
C ALA G 51 13.19 -50.97 6.00
N ASP G 52 14.29 -51.54 5.48
CA ASP G 52 14.73 -52.88 5.87
C ASP G 52 14.99 -52.99 7.37
N ASP G 53 14.88 -54.21 7.87
CA ASP G 53 15.25 -54.45 9.27
C ASP G 53 16.72 -54.13 9.50
N ALA G 54 17.57 -54.47 8.53
CA ALA G 54 18.99 -54.14 8.64
C ALA G 54 19.20 -52.64 8.71
N ALA G 55 18.44 -51.87 7.93
CA ALA G 55 18.60 -50.42 7.93
C ALA G 55 18.20 -49.82 9.28
N LEU G 56 17.15 -50.36 9.89
CA LEU G 56 16.74 -49.90 11.21
C LEU G 56 17.72 -50.32 12.28
N ASP G 57 18.34 -51.50 12.12
CA ASP G 57 19.28 -51.99 13.12
C ASP G 57 20.62 -51.25 13.08
N GLY G 58 20.97 -50.66 11.96
CA GLY G 58 22.23 -49.96 11.81
C GLY G 58 22.17 -48.52 12.26
N MET G 59 21.05 -48.12 12.85
CA MET G 59 20.85 -46.77 13.32
C MET G 59 21.80 -46.49 14.48
N ASN G 60 22.39 -45.30 14.52
CA ASN G 60 23.31 -45.05 15.62
C ASN G 60 22.52 -44.91 16.92
N GLU G 61 23.24 -44.80 18.04
CA GLU G 61 22.58 -44.86 19.34
C GLU G 61 21.59 -43.73 19.53
N VAL G 62 21.93 -42.51 19.08
CA VAL G 62 21.04 -41.38 19.27
C VAL G 62 19.78 -41.53 18.41
N VAL G 63 19.94 -41.94 17.15
CA VAL G 63 18.78 -42.02 16.29
C VAL G 63 17.95 -43.26 16.60
N ARG G 64 18.60 -44.37 16.98
CA ARG G 64 17.84 -45.55 17.37
C ARG G 64 16.89 -45.22 18.51
N THR G 65 17.39 -44.48 19.51
CA THR G 65 16.54 -44.11 20.63
C THR G 65 15.46 -43.11 20.22
N MET G 66 15.76 -42.08 19.40
CA MET G 66 14.68 -41.14 19.06
C MET G 66 13.54 -41.85 18.36
N HIS G 67 13.86 -42.71 17.39
CA HIS G 67 12.78 -43.32 16.62
C HIS G 67 12.12 -44.47 17.37
N GLU G 68 12.80 -45.03 18.37
CA GLU G 68 12.12 -45.88 19.33
C GLU G 68 11.09 -45.07 20.12
N LYS G 69 11.53 -43.96 20.73
CA LYS G 69 10.67 -43.21 21.64
C LYS G 69 9.46 -42.60 20.93
N SER G 70 9.61 -42.24 19.66
CA SER G 70 8.55 -41.58 18.91
C SER G 70 7.53 -42.54 18.30
N GLY G 71 7.78 -43.85 18.39
CA GLY G 71 6.97 -44.83 17.70
C GLY G 71 7.28 -44.98 16.23
N LEU G 72 8.21 -44.18 15.68
CA LEU G 72 8.47 -44.22 14.25
C LEU G 72 9.03 -45.57 13.80
N THR G 73 9.98 -46.12 14.54
CA THR G 73 10.60 -47.37 14.10
C THR G 73 9.54 -48.47 13.89
N GLU G 74 8.60 -48.59 14.83
CA GLU G 74 7.61 -49.66 14.72
C GLU G 74 6.66 -49.41 13.56
N GLU G 75 6.25 -48.15 13.33
CA GLU G 75 5.41 -47.84 12.19
C GLU G 75 6.16 -48.11 10.88
N VAL G 76 7.45 -47.80 10.84
CA VAL G 76 8.26 -48.08 9.66
C VAL G 76 8.30 -49.57 9.39
N ARG G 77 8.48 -50.37 10.45
CA ARG G 77 8.50 -51.82 10.30
C ARG G 77 7.20 -52.33 9.69
N ALA G 78 6.07 -51.74 10.07
CA ALA G 78 4.77 -52.21 9.62
C ALA G 78 4.41 -51.67 8.25
N SER G 79 5.06 -50.60 7.79
CA SER G 79 4.68 -50.00 6.52
C SER G 79 5.18 -50.83 5.35
N THR G 80 4.40 -50.79 4.27
CA THR G 80 4.79 -51.36 2.98
C THR G 80 4.92 -50.29 1.91
N LEU G 81 4.93 -49.02 2.29
CA LEU G 81 5.01 -47.94 1.32
C LEU G 81 6.45 -47.78 0.86
N THR G 82 6.66 -47.81 -0.45
CA THR G 82 8.01 -47.62 -0.96
C THR G 82 8.28 -46.14 -1.19
N VAL G 83 9.55 -45.81 -1.39
CA VAL G 83 9.94 -44.44 -1.69
C VAL G 83 9.25 -43.96 -2.97
N ALA G 84 9.20 -44.81 -3.99
CA ALA G 84 8.60 -44.39 -5.25
C ALA G 84 7.10 -44.12 -5.10
N GLU G 85 6.40 -44.96 -4.34
CA GLU G 85 4.97 -44.74 -4.10
C GLU G 85 4.75 -43.46 -3.29
N ALA G 86 5.56 -43.26 -2.25
CA ALA G 86 5.48 -42.02 -1.48
C ALA G 86 5.72 -40.80 -2.35
N GLU G 87 6.72 -40.87 -3.24
CA GLU G 87 7.01 -39.75 -4.12
C GLU G 87 5.79 -39.37 -4.95
N GLN G 88 5.11 -40.37 -5.53
CA GLN G 88 3.94 -40.04 -6.36
C GLN G 88 2.81 -39.44 -5.52
N GLN G 89 2.65 -39.87 -4.27
CA GLN G 89 1.60 -39.29 -3.44
C GLN G 89 1.95 -37.85 -3.08
N VAL G 90 3.22 -37.57 -2.83
CA VAL G 90 3.63 -36.21 -2.49
C VAL G 90 3.43 -35.29 -3.69
N LEU G 91 3.80 -35.76 -4.89
CA LEU G 91 3.63 -34.96 -6.11
C LEU G 91 2.15 -34.66 -6.35
N ALA G 92 1.29 -35.66 -6.22
CA ALA G 92 -0.12 -35.44 -6.49
C ALA G 92 -0.72 -34.48 -5.47
N TYR G 93 -0.25 -34.55 -4.23
CA TYR G 93 -0.69 -33.61 -3.20
C TYR G 93 -0.28 -32.18 -3.54
N ILE G 94 1.02 -32.00 -3.84
CA ILE G 94 1.54 -30.66 -4.12
C ILE G 94 0.86 -30.06 -5.33
N LYS G 95 0.63 -30.89 -6.35
CA LYS G 95 0.09 -30.39 -7.61
C LYS G 95 -1.33 -29.85 -7.47
N ARG G 96 -2.05 -30.20 -6.39
CA ARG G 96 -3.37 -29.60 -6.17
C ARG G 96 -3.27 -28.08 -6.04
N TRP G 97 -2.13 -27.57 -5.57
CA TRP G 97 -1.89 -26.14 -5.42
C TRP G 97 -0.81 -25.60 -6.34
N VAL G 98 0.22 -26.38 -6.64
CA VAL G 98 1.32 -25.92 -7.49
C VAL G 98 1.52 -26.95 -8.60
N PRO G 99 0.69 -26.93 -9.64
CA PRO G 99 0.89 -27.91 -10.73
C PRO G 99 2.13 -27.65 -11.58
N GLU G 100 2.66 -26.43 -11.64
CA GLU G 100 3.77 -26.13 -12.52
C GLU G 100 5.11 -26.35 -11.85
N ARG G 101 5.98 -27.12 -12.52
CA ARG G 101 7.29 -27.45 -11.99
C ARG G 101 8.22 -26.25 -12.02
N ARG G 102 9.17 -26.25 -11.06
CA ARG G 102 10.25 -25.28 -10.97
C ARG G 102 9.79 -23.90 -10.52
N THR G 103 8.66 -23.80 -9.80
CA THR G 103 8.16 -22.50 -9.39
C THR G 103 8.00 -22.30 -7.89
N ALA G 104 7.74 -23.38 -7.10
CA ALA G 104 7.53 -23.18 -5.66
C ALA G 104 8.78 -23.51 -4.87
N PRO G 105 9.26 -22.60 -4.03
CA PRO G 105 10.38 -22.93 -3.14
C PRO G 105 9.99 -23.99 -2.13
N LEU G 106 10.96 -24.83 -1.77
CA LEU G 106 10.81 -25.77 -0.65
C LEU G 106 11.22 -25.07 0.64
N CYS G 107 10.43 -25.27 1.70
CA CYS G 107 10.61 -24.54 2.95
C CYS G 107 10.64 -25.46 4.16
N GLY G 108 11.41 -25.04 5.16
CA GLY G 108 11.52 -25.79 6.40
C GLY G 108 12.73 -25.31 7.20
N ASN G 109 13.07 -26.09 8.23
CA ASN G 109 14.21 -25.79 9.08
C ASN G 109 15.39 -26.65 8.63
N SER G 110 16.51 -26.00 8.28
CA SER G 110 17.70 -26.69 7.79
C SER G 110 17.32 -27.61 6.61
N ILE G 111 16.50 -27.04 5.73
CA ILE G 111 15.82 -27.77 4.68
C ILE G 111 16.78 -28.35 3.66
N GLY G 112 18.02 -27.83 3.58
CA GLY G 112 19.00 -28.45 2.71
C GLY G 112 19.24 -29.92 3.01
N THR G 113 19.08 -30.34 4.28
CA THR G 113 19.27 -31.74 4.61
C THR G 113 18.17 -32.61 4.00
N ASP G 114 16.91 -32.23 4.19
CA ASP G 114 15.81 -32.90 3.48
C ASP G 114 16.05 -32.92 1.97
N ARG G 115 16.42 -31.77 1.40
CA ARG G 115 16.52 -31.69 -0.07
C ARG G 115 17.56 -32.65 -0.60
N GLY G 116 18.66 -32.86 0.13
CA GLY G 116 19.66 -33.82 -0.33
C GLY G 116 19.10 -35.22 -0.43
N PHE G 117 18.28 -35.62 0.56
CA PHE G 117 17.65 -36.94 0.50
C PHE G 117 16.57 -36.99 -0.57
N LEU G 118 15.82 -35.90 -0.75
CA LEU G 118 14.83 -35.86 -1.83
C LEU G 118 15.50 -35.93 -3.20
N ALA G 119 16.62 -35.21 -3.38
CA ALA G 119 17.31 -35.25 -4.67
C ALA G 119 17.86 -36.64 -4.98
N ARG G 120 18.27 -37.38 -3.96
CA ARG G 120 18.82 -38.71 -4.16
C ARG G 120 17.72 -39.73 -4.44
N ASP G 121 16.62 -39.68 -3.66
CA ASP G 121 15.61 -40.73 -3.69
C ASP G 121 14.35 -40.36 -4.46
N MET G 122 14.12 -39.08 -4.72
CA MET G 122 12.83 -38.62 -5.24
C MET G 122 13.10 -37.59 -6.34
N PRO G 123 13.74 -38.01 -7.45
CA PRO G 123 14.22 -37.03 -8.44
C PRO G 123 13.10 -36.27 -9.14
N GLU G 124 11.95 -36.88 -9.34
CA GLU G 124 10.84 -36.16 -9.96
C GLU G 124 10.34 -35.04 -9.06
N LEU G 125 10.24 -35.32 -7.75
CA LEU G 125 9.85 -34.28 -6.80
C LEU G 125 10.91 -33.17 -6.73
N ASP G 126 12.20 -33.56 -6.69
CA ASP G 126 13.28 -32.59 -6.66
C ASP G 126 13.20 -31.64 -7.85
N ASP G 127 12.95 -32.18 -9.04
CA ASP G 127 12.78 -31.32 -10.22
C ASP G 127 11.48 -30.51 -10.15
N HIS G 128 10.44 -31.01 -9.47
CA HIS G 128 9.19 -30.26 -9.46
C HIS G 128 9.31 -29.00 -8.64
N LEU G 129 10.08 -29.04 -7.56
CA LEU G 129 10.29 -27.86 -6.73
C LEU G 129 11.27 -26.90 -7.39
N HIS G 130 11.13 -25.62 -7.05
CA HIS G 130 12.17 -24.65 -7.37
C HIS G 130 13.49 -25.12 -6.77
N TYR G 131 14.61 -24.71 -7.38
CA TYR G 131 15.88 -25.00 -6.72
C TYR G 131 16.06 -24.14 -5.47
N ARG G 132 15.47 -22.95 -5.44
CA ARG G 132 15.61 -22.10 -4.26
C ARG G 132 14.74 -22.61 -3.12
N MET G 133 15.19 -22.35 -1.89
CA MET G 133 14.50 -22.81 -0.68
C MET G 133 14.46 -21.71 0.35
N ILE G 134 13.48 -21.78 1.23
CA ILE G 134 13.35 -20.86 2.34
C ILE G 134 13.66 -21.65 3.62
N ASP G 135 14.86 -21.42 4.15
CA ASP G 135 15.33 -22.09 5.36
C ASP G 135 15.01 -21.20 6.56
N VAL G 136 14.01 -21.60 7.34
CA VAL G 136 13.64 -20.82 8.52
C VAL G 136 14.80 -20.68 9.49
N SER G 137 15.67 -21.68 9.52
CA SER G 137 16.81 -21.62 10.45
C SER G 137 17.82 -20.56 10.03
N SER G 138 17.82 -20.14 8.75
CA SER G 138 18.64 -19.00 8.35
C SER G 138 18.19 -17.75 9.08
N VAL G 139 16.88 -17.53 9.14
CA VAL G 139 16.36 -16.39 9.87
C VAL G 139 16.63 -16.54 11.36
N LYS G 140 16.47 -17.77 11.88
CA LYS G 140 16.77 -18.03 13.30
C LYS G 140 18.19 -17.58 13.65
N GLU G 141 19.16 -17.93 12.81
CA GLU G 141 20.56 -17.60 13.09
C GLU G 141 20.83 -16.11 12.92
N LEU G 142 20.14 -15.45 11.98
CA LEU G 142 20.21 -13.99 11.93
C LEU G 142 19.64 -13.37 13.20
N ALA G 143 18.48 -13.85 13.66
CA ALA G 143 17.91 -13.33 14.91
C ALA G 143 18.86 -13.52 16.08
N ARG G 144 19.55 -14.66 16.14
CA ARG G 144 20.49 -14.90 17.24
C ARG G 144 21.52 -13.78 17.33
N ARG G 145 21.95 -13.27 16.18
CA ARG G 145 23.02 -12.27 16.11
C ARG G 145 22.52 -10.84 16.13
N TRP G 146 21.38 -10.56 15.49
CA TRP G 146 20.87 -9.21 15.35
C TRP G 146 19.74 -8.87 16.30
N PHE G 147 18.98 -9.86 16.77
CA PHE G 147 17.79 -9.62 17.59
C PHE G 147 17.75 -10.65 18.70
N PRO G 148 18.71 -10.59 19.63
CA PRO G 148 18.82 -11.66 20.65
C PRO G 148 17.55 -11.89 21.44
N ARG G 149 16.81 -10.83 21.80
CA ARG G 149 15.61 -11.06 22.60
C ARG G 149 14.55 -11.81 21.83
N VAL G 150 14.46 -11.57 20.52
CA VAL G 150 13.58 -12.36 19.67
C VAL G 150 14.06 -13.81 19.57
N TYR G 151 15.38 -14.01 19.41
CA TYR G 151 15.92 -15.37 19.38
C TYR G 151 15.53 -16.13 20.65
N PHE G 152 15.69 -15.50 21.81
CA PHE G 152 15.40 -16.24 23.02
C PHE G 152 13.90 -16.41 23.28
N GLY G 153 13.07 -15.57 22.68
CA GLY G 153 11.64 -15.65 22.86
C GLY G 153 10.90 -16.56 21.90
N GLN G 154 11.61 -17.31 21.05
CA GLN G 154 10.99 -18.23 20.10
C GLN G 154 10.00 -19.15 20.80
N PRO G 155 8.86 -19.48 20.19
CA PRO G 155 8.00 -20.53 20.75
C PRO G 155 8.77 -21.83 20.94
N ALA G 156 8.58 -22.44 22.10
CA ALA G 156 9.26 -23.69 22.39
C ALA G 156 8.75 -24.79 21.45
N LYS G 157 9.68 -25.51 20.84
CA LYS G 157 9.31 -26.60 19.95
C LYS G 157 9.23 -27.92 20.69
N GLY G 158 8.42 -28.84 20.15
CA GLY G 158 8.28 -30.14 20.76
C GLY G 158 9.44 -31.08 20.52
N LEU G 159 10.16 -30.89 19.41
CA LEU G 159 11.33 -31.71 19.06
C LEU G 159 10.95 -33.18 19.09
N ALA G 160 9.81 -33.47 18.44
CA ALA G 160 9.23 -34.80 18.47
C ALA G 160 9.91 -35.73 17.48
N HIS G 161 10.61 -35.17 16.49
CA HIS G 161 11.22 -35.94 15.40
C HIS G 161 10.17 -36.81 14.71
N ARG G 162 8.97 -36.25 14.59
CA ARG G 162 7.91 -36.79 13.73
C ARG G 162 7.56 -35.70 12.73
N ALA G 163 7.46 -36.06 11.45
CA ALA G 163 7.58 -35.08 10.37
C ALA G 163 6.46 -34.04 10.41
N LEU G 164 5.21 -34.45 10.68
CA LEU G 164 4.09 -33.52 10.52
C LEU G 164 4.08 -32.46 11.62
N ALA G 165 4.20 -32.87 12.88
CA ALA G 165 4.27 -31.89 13.96
C ALA G 165 5.43 -30.92 13.74
N ASP G 166 6.60 -31.46 13.35
CA ASP G 166 7.76 -30.58 13.25
C ASP G 166 7.64 -29.59 12.09
N ILE G 167 7.08 -30.01 10.95
CA ILE G 167 6.96 -29.04 9.86
C ILE G 167 5.95 -27.95 10.20
N ILE G 168 4.91 -28.28 10.97
CA ILE G 168 3.98 -27.24 11.41
C ILE G 168 4.69 -26.24 12.31
N GLU G 169 5.57 -26.73 13.19
CA GLU G 169 6.32 -25.82 14.05
C GLU G 169 7.31 -24.99 13.25
N SER G 170 7.76 -25.48 12.09
CA SER G 170 8.59 -24.68 11.20
C SER G 170 7.83 -23.46 10.68
N VAL G 171 6.60 -23.67 10.19
CA VAL G 171 5.78 -22.56 9.70
C VAL G 171 5.52 -21.58 10.84
N ARG G 172 5.17 -22.12 12.02
CA ARG G 172 4.91 -21.28 13.19
C ARG G 172 6.13 -20.43 13.54
N GLU G 173 7.33 -21.01 13.46
CA GLU G 173 8.53 -20.23 13.73
C GLU G 173 8.70 -19.10 12.73
N LEU G 174 8.51 -19.36 11.44
CA LEU G 174 8.62 -18.26 10.49
C LEU G 174 7.54 -17.21 10.73
N ALA G 175 6.33 -17.63 11.12
CA ALA G 175 5.26 -16.68 11.41
C ALA G 175 5.64 -15.80 12.59
N TYR G 176 6.33 -16.38 13.57
CA TYR G 176 6.87 -15.60 14.69
C TYR G 176 7.86 -14.56 14.20
N TYR G 177 8.78 -14.94 13.30
CA TYR G 177 9.74 -13.95 12.80
C TYR G 177 9.05 -12.87 11.99
N ARG G 178 8.00 -13.23 11.25
CA ARG G 178 7.31 -12.24 10.43
C ARG G 178 6.77 -11.10 11.30
N ARG G 179 6.32 -11.44 12.51
CA ARG G 179 5.74 -10.48 13.45
C ARG G 179 6.76 -9.74 14.30
N THR G 180 8.05 -10.09 14.22
CA THR G 180 9.04 -9.55 15.15
C THR G 180 10.23 -8.91 14.46
N VAL G 181 10.88 -9.60 13.51
CA VAL G 181 12.13 -9.12 12.95
C VAL G 181 11.98 -8.54 11.55
N PHE G 182 10.87 -8.76 10.87
CA PHE G 182 10.62 -8.17 9.56
C PHE G 182 9.71 -6.96 9.68
N VAL G 183 9.97 -5.95 8.85
CA VAL G 183 9.12 -4.76 8.80
C VAL G 183 7.76 -5.14 8.24
N ASP G 184 6.78 -4.25 8.34
CA ASP G 184 5.48 -4.56 7.74
C ASP G 184 5.53 -4.49 6.22
N SER G 185 4.76 -5.36 5.59
CA SER G 185 4.50 -5.23 4.16
C SER G 185 3.68 -3.96 3.91
N PRO G 186 3.85 -3.30 2.74
CA PRO G 186 4.67 -3.72 1.58
C PRO G 186 6.14 -3.34 1.66
N GLY G 187 6.55 -2.69 2.75
CA GLY G 187 7.94 -2.42 2.99
C GLY G 187 8.39 -1.07 2.44
N PRO G 188 9.69 -0.87 2.37
CA PRO G 188 10.25 0.41 1.91
C PRO G 188 9.74 0.83 0.53
N SER G 189 9.74 2.13 0.30
CA SER G 189 9.44 2.68 -1.02
C SER G 189 10.56 2.32 -1.99
N SER G 190 10.31 2.54 -3.28
CA SER G 190 11.35 2.27 -4.25
C SER G 190 12.54 3.21 -4.07
N SER G 191 12.29 4.48 -3.71
CA SER G 191 13.42 5.38 -3.46
C SER G 191 14.19 4.97 -2.21
N GLN G 192 13.51 4.49 -1.18
CA GLN G 192 14.22 4.00 0.00
C GLN G 192 15.05 2.75 -0.34
N ALA G 193 14.48 1.83 -1.13
CA ALA G 193 15.24 0.66 -1.54
C ALA G 193 16.43 1.05 -2.40
N LYS G 194 16.25 2.00 -3.33
CA LYS G 194 17.35 2.47 -4.16
C LYS G 194 18.43 3.12 -3.30
N LYS G 195 18.05 3.86 -2.27
CA LYS G 195 19.04 4.50 -1.41
C LYS G 195 19.83 3.46 -0.63
N ALA G 196 19.15 2.40 -0.15
CA ALA G 196 19.84 1.35 0.59
C ALA G 196 20.76 0.54 -0.31
N ALA G 197 20.35 0.29 -1.55
CA ALA G 197 21.20 -0.45 -2.47
C ALA G 197 22.49 0.32 -2.75
N ALA G 198 22.37 1.63 -2.97
CA ALA G 198 23.54 2.45 -3.29
C ALA G 198 24.50 2.50 -2.11
N GLU G 199 23.97 2.55 -0.90
CA GLU G 199 24.81 2.56 0.30
C GLU G 199 25.65 1.29 0.40
N VAL G 200 25.04 0.11 0.24
CA VAL G 200 25.83 -1.11 0.34
C VAL G 200 26.72 -1.30 -0.88
N VAL G 201 26.31 -0.81 -2.05
CA VAL G 201 27.20 -0.89 -3.21
C VAL G 201 28.45 -0.06 -2.95
N GLY G 202 28.26 1.15 -2.43
CA GLY G 202 29.42 1.95 -2.06
C GLY G 202 30.23 1.33 -0.95
N GLY G 203 29.58 0.63 -0.02
CA GLY G 203 30.29 0.00 1.07
C GLY G 203 31.17 -1.16 0.64
N PHE G 204 30.76 -1.91 -0.38
CA PHE G 204 31.48 -3.09 -0.81
C PHE G 204 32.29 -2.86 -2.09
N ALA G 205 32.24 -1.64 -2.67
CA ALA G 205 32.86 -1.40 -3.97
C ALA G 205 34.36 -1.67 -3.95
N ALA G 206 35.05 -1.25 -2.87
CA ALA G 206 36.48 -1.45 -2.82
C ALA G 206 36.85 -2.93 -2.76
N LEU G 207 36.05 -3.72 -2.05
CA LEU G 207 36.27 -5.18 -2.05
C LEU G 207 36.03 -5.78 -3.42
N LEU G 208 35.04 -5.27 -4.14
CA LEU G 208 34.69 -5.85 -5.43
C LEU G 208 35.57 -5.33 -6.57
N ASP G 209 36.21 -4.18 -6.37
CA ASP G 209 37.06 -3.61 -7.41
C ASP G 209 38.28 -4.49 -7.64
N GLY G 210 38.61 -4.69 -8.91
CA GLY G 210 39.69 -5.59 -9.26
C GLY G 210 39.14 -6.77 -10.05
N ASP G 211 38.09 -7.37 -9.52
CA ASP G 211 37.37 -8.42 -10.24
C ASP G 211 36.42 -7.78 -11.24
N SER I 1 -6.65 21.14 17.79
CA SER I 1 -7.93 21.81 18.03
C SER I 1 -9.05 20.79 17.83
N MET I 2 -10.32 21.25 17.85
CA MET I 2 -11.35 20.26 17.59
C MET I 2 -11.44 19.91 16.10
N ALA I 3 -10.59 20.53 15.29
CA ALA I 3 -10.46 20.14 13.89
C ALA I 3 -9.72 18.82 13.72
N ASP I 4 -9.08 18.30 14.77
CA ASP I 4 -8.21 17.15 14.66
C ASP I 4 -8.92 15.87 15.11
N SER I 5 -8.41 14.75 14.60
CA SER I 5 -8.88 13.42 14.97
C SER I 5 -7.70 12.64 15.54
N ALA I 6 -7.85 12.17 16.78
CA ALA I 6 -6.74 11.58 17.49
C ALA I 6 -6.36 10.24 16.89
N GLY I 7 -5.05 10.02 16.73
CA GLY I 7 -4.58 8.69 16.40
C GLY I 7 -4.66 7.69 17.55
N HIS I 8 -4.96 8.16 18.75
CA HIS I 8 -5.08 7.26 19.91
C HIS I 8 -6.55 7.12 20.29
N LEU I 9 -6.91 5.93 20.76
CA LEU I 9 -8.27 5.61 21.16
C LEU I 9 -8.36 5.51 22.68
N VAL I 10 -9.44 6.02 23.25
CA VAL I 10 -9.66 5.97 24.69
C VAL I 10 -10.70 4.90 24.96
N TRP I 11 -10.34 3.94 25.80
CA TRP I 11 -11.19 2.80 26.15
C TRP I 11 -11.57 2.92 27.62
N ILE I 12 -12.86 2.84 27.92
CA ILE I 12 -13.31 2.91 29.31
C ILE I 12 -14.34 1.81 29.55
N ASP I 13 -14.22 1.11 30.68
CA ASP I 13 -15.28 0.27 31.21
C ASP I 13 -15.58 0.69 32.63
N CYS I 14 -16.86 0.71 32.99
CA CYS I 14 -17.31 1.11 34.31
C CYS I 14 -18.08 -0.01 34.99
N GLU I 15 -18.02 -0.05 36.32
CA GLU I 15 -19.01 -0.79 37.11
C GLU I 15 -19.88 0.21 37.84
N MET I 16 -21.13 -0.16 38.05
CA MET I 16 -22.13 0.75 38.61
C MET I 16 -22.93 0.01 39.67
N THR I 17 -23.63 0.75 40.53
CA THR I 17 -24.60 0.09 41.39
C THR I 17 -25.82 -0.40 40.62
N GLY I 18 -25.93 -0.04 39.35
CA GLY I 18 -27.05 -0.46 38.54
C GLY I 18 -27.09 0.40 37.28
N LEU I 19 -28.13 0.18 36.49
CA LEU I 19 -28.26 0.84 35.21
C LEU I 19 -29.10 2.12 35.25
N ASP I 20 -29.61 2.53 36.41
CA ASP I 20 -30.54 3.64 36.49
C ASP I 20 -29.77 4.95 36.59
N LEU I 21 -29.96 5.84 35.60
CA LEU I 21 -29.18 7.07 35.57
C LEU I 21 -29.55 8.02 36.68
N VAL I 22 -30.73 7.89 37.28
CA VAL I 22 -31.09 8.75 38.40
C VAL I 22 -30.53 8.21 39.71
N GLU I 23 -30.72 6.92 39.98
CA GLU I 23 -30.42 6.38 41.30
C GLU I 23 -29.00 5.86 41.42
N ASP I 24 -28.43 5.29 40.36
CA ASP I 24 -27.24 4.47 40.51
C ASP I 24 -25.97 5.30 40.40
N LYS I 25 -24.89 4.76 40.94
CA LYS I 25 -23.63 5.48 41.06
C LYS I 25 -22.50 4.67 40.42
N LEU I 26 -21.48 5.40 39.97
CA LEU I 26 -20.25 4.79 39.49
C LEU I 26 -19.43 4.25 40.65
N ILE I 27 -18.99 2.99 40.58
CA ILE I 27 -18.14 2.43 41.62
C ILE I 27 -16.80 1.90 41.12
N GLU I 28 -16.63 1.71 39.81
CA GLU I 28 -15.33 1.37 39.26
C GLU I 28 -15.23 2.00 37.87
N VAL I 29 -14.06 2.55 37.57
CA VAL I 29 -13.75 3.03 36.22
C VAL I 29 -12.36 2.53 35.84
N ALA I 30 -12.26 1.88 34.69
CA ALA I 30 -10.97 1.51 34.13
C ALA I 30 -10.79 2.21 32.79
N VAL I 31 -9.56 2.67 32.53
CA VAL I 31 -9.20 3.38 31.31
C VAL I 31 -8.00 2.70 30.69
N LEU I 32 -8.06 2.49 29.38
CA LEU I 32 -6.98 1.95 28.59
C LEU I 32 -6.78 2.87 27.38
N ILE I 33 -5.53 3.02 26.95
CA ILE I 33 -5.21 3.77 25.74
C ILE I 33 -4.61 2.80 24.73
N THR I 34 -5.11 2.82 23.49
CA THR I 34 -4.48 2.12 22.38
C THR I 34 -4.13 3.11 21.28
N ASP I 35 -3.20 2.71 20.39
CA ASP I 35 -3.04 3.42 19.15
C ASP I 35 -4.12 2.95 18.18
N SER I 36 -4.08 3.42 16.93
CA SER I 36 -5.14 3.05 16.01
C SER I 36 -5.05 1.58 15.59
N GLU I 37 -3.90 0.94 15.81
CA GLU I 37 -3.70 -0.46 15.50
C GLU I 37 -4.05 -1.36 16.67
N LEU I 38 -4.64 -0.81 17.73
CA LEU I 38 -5.10 -1.55 18.90
C LEU I 38 -3.95 -2.08 19.76
N ASN I 39 -2.77 -1.48 19.64
CA ASN I 39 -1.69 -1.75 20.58
C ASN I 39 -1.98 -1.02 21.87
N VAL I 40 -1.94 -1.74 22.99
CA VAL I 40 -2.19 -1.16 24.30
C VAL I 40 -0.91 -0.48 24.76
N LEU I 41 -0.99 0.83 25.03
CA LEU I 41 0.20 1.62 25.28
C LEU I 41 0.62 1.70 26.75
N ASP I 42 -0.23 1.25 27.67
CA ASP I 42 0.07 1.34 29.10
C ASP I 42 -0.83 0.31 29.79
N PRO I 43 -0.37 -0.30 30.89
CA PRO I 43 -1.17 -1.37 31.53
C PRO I 43 -2.58 -0.97 31.92
N GLY I 44 -2.86 0.33 32.06
CA GLY I 44 -4.20 0.82 32.30
C GLY I 44 -4.36 1.40 33.69
N LEU I 45 -5.44 2.14 33.86
CA LEU I 45 -5.81 2.76 35.14
C LEU I 45 -7.09 2.10 35.64
N ASP I 46 -7.15 1.76 36.92
CA ASP I 46 -8.32 1.09 37.47
C ASP I 46 -8.64 1.73 38.82
N LEU I 47 -9.77 2.45 38.89
CA LEU I 47 -10.12 3.24 40.06
C LEU I 47 -11.39 2.69 40.70
N ILE I 48 -11.32 2.39 41.99
CA ILE I 48 -12.47 1.94 42.74
C ILE I 48 -13.00 3.13 43.52
N ILE I 49 -14.28 3.45 43.34
CA ILE I 49 -14.86 4.71 43.77
C ILE I 49 -15.82 4.44 44.92
N SER I 50 -15.65 5.18 46.01
CA SER I 50 -16.58 5.09 47.12
C SER I 50 -17.97 5.55 46.70
N ALA I 51 -18.99 4.86 47.20
CA ALA I 51 -20.38 5.28 47.03
C ALA I 51 -21.04 5.32 48.38
N ASP I 52 -22.08 6.14 48.50
CA ASP I 52 -22.74 6.29 49.79
C ASP I 52 -23.65 5.09 50.07
N ASP I 53 -24.18 5.07 51.30
CA ASP I 53 -24.99 3.95 51.75
C ASP I 53 -26.23 3.77 50.88
N ALA I 54 -26.91 4.87 50.56
CA ALA I 54 -28.18 4.77 49.82
C ALA I 54 -27.98 4.08 48.48
N ALA I 55 -26.86 4.35 47.80
CA ALA I 55 -26.60 3.73 46.51
C ALA I 55 -26.34 2.23 46.65
N LEU I 56 -25.51 1.85 47.63
CA LEU I 56 -25.22 0.43 47.83
C LEU I 56 -26.42 -0.32 48.37
N ASP I 57 -27.08 0.23 49.40
CA ASP I 57 -28.30 -0.38 49.92
C ASP I 57 -29.33 -0.58 48.82
N GLY I 58 -29.33 0.31 47.84
CA GLY I 58 -30.33 0.25 46.80
C GLY I 58 -30.04 -0.70 45.65
N MET I 59 -28.87 -1.33 45.56
CA MET I 59 -28.67 -2.18 44.39
C MET I 59 -29.62 -3.37 44.41
N ASN I 60 -30.02 -3.79 43.21
CA ASN I 60 -30.91 -4.93 43.07
C ASN I 60 -30.11 -6.22 43.25
N GLU I 61 -30.83 -7.34 43.31
CA GLU I 61 -30.18 -8.60 43.69
C GLU I 61 -29.14 -9.03 42.66
N VAL I 62 -29.42 -8.82 41.37
CA VAL I 62 -28.49 -9.23 40.33
C VAL I 62 -27.17 -8.48 40.46
N VAL I 63 -27.23 -7.16 40.61
CA VAL I 63 -26.00 -6.37 40.67
C VAL I 63 -25.30 -6.59 42.01
N ARG I 64 -26.07 -6.66 43.09
CA ARG I 64 -25.49 -6.88 44.43
C ARG I 64 -24.68 -8.18 44.46
N THR I 65 -25.25 -9.27 43.95
CA THR I 65 -24.58 -10.56 43.98
C THR I 65 -23.33 -10.57 43.10
N MET I 66 -23.39 -9.94 41.93
CA MET I 66 -22.20 -9.89 41.09
C MET I 66 -21.06 -9.13 41.76
N HIS I 67 -21.36 -8.03 42.44
CA HIS I 67 -20.28 -7.26 43.03
C HIS I 67 -19.82 -7.83 44.37
N GLU I 68 -20.67 -8.63 45.02
CA GLU I 68 -20.19 -9.45 46.14
C GLU I 68 -19.22 -10.51 45.65
N LYS I 69 -19.56 -11.19 44.56
CA LYS I 69 -18.78 -12.34 44.10
C LYS I 69 -17.37 -11.94 43.70
N SER I 70 -17.21 -10.77 43.11
CA SER I 70 -15.91 -10.30 42.63
C SER I 70 -15.11 -9.59 43.72
N GLY I 71 -15.69 -9.33 44.88
CA GLY I 71 -15.03 -8.55 45.91
C GLY I 71 -15.10 -7.05 45.72
N LEU I 72 -15.76 -6.56 44.66
CA LEU I 72 -15.79 -5.12 44.41
C LEU I 72 -16.47 -4.35 45.54
N THR I 73 -17.57 -4.89 46.07
CA THR I 73 -18.31 -4.18 47.11
C THR I 73 -17.42 -3.91 48.33
N GLU I 74 -16.62 -4.89 48.74
CA GLU I 74 -15.73 -4.68 49.88
C GLU I 74 -14.68 -3.61 49.56
N GLU I 75 -14.16 -3.62 48.32
CA GLU I 75 -13.21 -2.60 47.91
C GLU I 75 -13.86 -1.22 47.87
N VAL I 76 -15.13 -1.15 47.46
CA VAL I 76 -15.83 0.13 47.43
C VAL I 76 -16.03 0.66 48.84
N ARG I 77 -16.45 -0.22 49.74
CA ARG I 77 -16.63 0.16 51.14
C ARG I 77 -15.34 0.70 51.74
N ALA I 78 -14.19 0.15 51.32
CA ALA I 78 -12.92 0.57 51.87
C ALA I 78 -12.33 1.79 51.18
N SER I 79 -12.81 2.10 49.97
CA SER I 79 -12.28 3.21 49.20
C SER I 79 -12.67 4.54 49.82
N THR I 80 -11.74 5.49 49.76
CA THR I 80 -12.03 6.89 50.07
C THR I 80 -12.04 7.76 48.83
N LEU I 81 -11.88 7.18 47.64
CA LEU I 81 -11.80 7.95 46.40
C LEU I 81 -13.20 8.36 45.96
N THR I 82 -13.42 9.65 45.78
CA THR I 82 -14.73 10.12 45.34
C THR I 82 -14.78 10.28 43.83
N VAL I 83 -15.99 10.47 43.30
CA VAL I 83 -16.15 10.57 41.86
C VAL I 83 -15.45 11.82 41.30
N ALA I 84 -15.45 12.92 42.06
CA ALA I 84 -14.78 14.13 41.57
C ALA I 84 -13.27 13.96 41.53
N GLU I 85 -12.69 13.32 42.55
CA GLU I 85 -11.27 13.01 42.54
C GLU I 85 -10.94 12.01 41.43
N ALA I 86 -11.76 10.96 41.29
CA ALA I 86 -11.51 9.98 40.23
C ALA I 86 -11.53 10.65 38.86
N GLU I 87 -12.43 11.61 38.66
CA GLU I 87 -12.52 12.28 37.37
C GLU I 87 -11.21 13.00 37.03
N GLN I 88 -10.64 13.72 37.99
CA GLN I 88 -9.38 14.40 37.73
C GLN I 88 -8.24 13.42 37.45
N GLN I 89 -8.26 12.24 38.05
CA GLN I 89 -7.20 11.28 37.78
C GLN I 89 -7.35 10.66 36.40
N VAL I 90 -8.60 10.36 35.99
CA VAL I 90 -8.82 9.83 34.66
C VAL I 90 -8.41 10.87 33.60
N LEU I 91 -8.80 12.13 33.80
CA LEU I 91 -8.44 13.19 32.87
C LEU I 91 -6.92 13.32 32.73
N ALA I 92 -6.22 13.38 33.86
CA ALA I 92 -4.76 13.53 33.81
C ALA I 92 -4.13 12.35 33.08
N TYR I 93 -4.64 11.14 33.30
CA TYR I 93 -4.12 9.96 32.64
C TYR I 93 -4.34 10.02 31.12
N ILE I 94 -5.57 10.31 30.69
CA ILE I 94 -5.86 10.37 29.26
C ILE I 94 -5.01 11.41 28.57
N LYS I 95 -4.84 12.57 29.21
CA LYS I 95 -4.13 13.68 28.59
C LYS I 95 -2.67 13.38 28.31
N ARG I 96 -2.11 12.30 28.89
CA ARG I 96 -0.76 11.91 28.55
C ARG I 96 -0.65 11.50 27.08
N TRP I 97 -1.74 11.02 26.50
CA TRP I 97 -1.77 10.59 25.10
C TRP I 97 -2.76 11.36 24.23
N VAL I 98 -3.85 11.84 24.79
CA VAL I 98 -4.86 12.60 24.05
C VAL I 98 -5.04 13.95 24.75
N PRO I 99 -4.14 14.89 24.49
CA PRO I 99 -4.20 16.17 25.21
C PRO I 99 -5.36 17.08 24.78
N GLU I 100 -5.82 16.98 23.54
CA GLU I 100 -6.81 17.89 22.99
C GLU I 100 -8.22 17.39 23.21
N ARG I 101 -9.09 18.26 23.73
CA ARG I 101 -10.48 17.91 23.94
C ARG I 101 -11.20 17.73 22.60
N ARG I 102 -12.16 16.80 22.60
CA ARG I 102 -13.06 16.53 21.48
C ARG I 102 -12.33 15.96 20.26
N THR I 103 -11.23 15.25 20.47
CA THR I 103 -10.50 14.65 19.35
C THR I 103 -10.47 13.12 19.36
N ALA I 104 -10.65 12.48 20.51
CA ALA I 104 -10.60 11.02 20.58
C ALA I 104 -11.98 10.45 20.89
N PRO I 105 -12.42 9.45 20.15
CA PRO I 105 -13.68 8.78 20.48
C PRO I 105 -13.51 7.89 21.72
N LEU I 106 -14.63 7.63 22.38
CA LEU I 106 -14.66 6.69 23.49
C LEU I 106 -15.04 5.31 22.95
N CYS I 107 -14.35 4.27 23.45
CA CYS I 107 -14.47 2.91 22.90
C CYS I 107 -14.73 1.88 23.97
N GLY I 108 -15.53 0.88 23.63
CA GLY I 108 -15.85 -0.19 24.55
C GLY I 108 -17.00 -1.02 24.02
N ASN I 109 -17.53 -1.89 24.88
CA ASN I 109 -18.71 -2.70 24.56
C ASN I 109 -19.95 -2.02 25.13
N SER I 110 -20.90 -1.66 24.26
CA SER I 110 -22.14 -0.97 24.65
C SER I 110 -21.80 0.26 25.48
N ILE I 111 -20.76 0.96 25.00
CA ILE I 111 -20.11 2.08 25.67
C ILE I 111 -21.05 3.27 25.87
N GLY I 112 -22.17 3.32 25.15
CA GLY I 112 -23.17 4.34 25.42
C GLY I 112 -23.68 4.33 26.85
N THR I 113 -23.76 3.15 27.47
CA THR I 113 -24.20 3.10 28.86
C THR I 113 -23.19 3.77 29.78
N ASP I 114 -21.90 3.46 29.61
CA ASP I 114 -20.88 4.13 30.41
C ASP I 114 -20.90 5.64 30.15
N ARG I 115 -21.01 6.05 28.89
CA ARG I 115 -21.00 7.47 28.57
C ARG I 115 -22.13 8.21 29.28
N GLY I 116 -23.31 7.61 29.37
CA GLY I 116 -24.41 8.26 30.07
C GLY I 116 -24.06 8.57 31.52
N PHE I 117 -23.37 7.65 32.19
CA PHE I 117 -22.95 7.90 33.56
C PHE I 117 -21.82 8.93 33.62
N LEU I 118 -20.89 8.87 32.66
CA LEU I 118 -19.82 9.87 32.64
C LEU I 118 -20.38 11.26 32.36
N ALA I 119 -21.35 11.35 31.45
CA ALA I 119 -21.95 12.65 31.16
C ALA I 119 -22.63 13.23 32.39
N ARG I 120 -23.27 12.38 33.18
CA ARG I 120 -23.98 12.84 34.38
C ARG I 120 -23.00 13.23 35.49
N ASP I 121 -22.02 12.37 35.77
CA ASP I 121 -21.20 12.49 36.97
C ASP I 121 -19.78 12.98 36.74
N MET I 122 -19.27 12.91 35.50
CA MET I 122 -17.92 13.36 35.19
C MET I 122 -17.99 14.25 33.95
N PRO I 123 -18.59 15.44 34.07
CA PRO I 123 -18.86 16.26 32.87
C PRO I 123 -17.61 16.74 32.18
N GLU I 124 -16.54 17.02 32.91
CA GLU I 124 -15.31 17.47 32.27
C GLU I 124 -14.71 16.36 31.43
N LEU I 125 -14.76 15.13 31.93
CA LEU I 125 -14.27 14.00 31.15
C LEU I 125 -15.16 13.76 29.95
N ASP I 126 -16.47 13.86 30.14
CA ASP I 126 -17.38 13.72 29.00
C ASP I 126 -17.09 14.75 27.92
N ASP I 127 -16.84 16.00 28.32
CA ASP I 127 -16.50 17.04 27.34
C ASP I 127 -15.15 16.78 26.68
N HIS I 128 -14.22 16.14 27.38
CA HIS I 128 -12.89 15.95 26.80
C HIS I 128 -12.92 14.95 25.66
N LEU I 129 -13.79 13.95 25.73
CA LEU I 129 -13.86 12.95 24.68
C LEU I 129 -14.70 13.48 23.51
N HIS I 130 -14.35 13.04 22.31
CA HIS I 130 -15.21 13.32 21.15
C HIS I 130 -16.60 12.74 21.41
N TYR I 131 -17.64 13.34 20.79
CA TYR I 131 -18.97 12.78 21.00
C TYR I 131 -19.13 11.42 20.36
N ARG I 132 -18.34 11.12 19.34
CA ARG I 132 -18.44 9.83 18.70
C ARG I 132 -17.82 8.73 19.54
N MET I 133 -18.28 7.52 19.30
CA MET I 133 -17.89 6.39 20.11
C MET I 133 -17.64 5.21 19.18
N ILE I 134 -16.72 4.33 19.56
CA ILE I 134 -16.51 3.09 18.81
C ILE I 134 -17.06 1.97 19.69
N ASP I 135 -18.26 1.49 19.36
CA ASP I 135 -18.93 0.45 20.11
C ASP I 135 -18.58 -0.90 19.50
N VAL I 136 -17.77 -1.67 20.21
CA VAL I 136 -17.37 -2.98 19.72
C VAL I 136 -18.58 -3.89 19.56
N SER I 137 -19.62 -3.68 20.38
CA SER I 137 -20.82 -4.50 20.27
C SER I 137 -21.63 -4.18 19.01
N SER I 138 -21.41 -3.02 18.40
CA SER I 138 -21.98 -2.75 17.09
C SER I 138 -21.42 -3.71 16.06
N VAL I 139 -20.10 -3.93 16.09
CA VAL I 139 -19.48 -4.87 15.15
C VAL I 139 -19.89 -6.30 15.49
N LYS I 140 -19.98 -6.61 16.79
CA LYS I 140 -20.48 -7.91 17.23
C LYS I 140 -21.84 -8.22 16.61
N GLU I 141 -22.76 -7.24 16.62
CA GLU I 141 -24.11 -7.50 16.12
C GLU I 141 -24.14 -7.56 14.59
N LEU I 142 -23.24 -6.84 13.92
CA LEU I 142 -23.11 -7.03 12.47
C LEU I 142 -22.56 -8.42 12.16
N ALA I 143 -21.62 -8.89 12.98
CA ALA I 143 -21.07 -10.24 12.78
C ALA I 143 -22.14 -11.30 12.98
N ARG I 144 -23.02 -11.12 13.98
CA ARG I 144 -24.09 -12.07 14.21
C ARG I 144 -24.89 -12.30 12.93
N ARG I 145 -25.13 -11.24 12.17
CA ARG I 145 -26.01 -11.31 11.01
C ARG I 145 -25.26 -11.64 9.73
N TRP I 146 -24.04 -11.11 9.57
CA TRP I 146 -23.33 -11.23 8.30
C TRP I 146 -22.26 -12.30 8.31
N PHE I 147 -21.72 -12.63 9.48
CA PHE I 147 -20.60 -13.56 9.60
C PHE I 147 -20.84 -14.47 10.80
N PRO I 148 -21.90 -15.29 10.76
CA PRO I 148 -22.31 -16.06 11.96
C PRO I 148 -21.18 -16.89 12.56
N ARG I 149 -20.33 -17.50 11.73
CA ARG I 149 -19.29 -18.33 12.30
C ARG I 149 -18.27 -17.50 13.06
N VAL I 150 -18.01 -16.26 12.62
CA VAL I 150 -17.16 -15.36 13.40
C VAL I 150 -17.84 -14.97 14.71
N TYR I 151 -19.14 -14.69 14.65
CA TYR I 151 -19.87 -14.36 15.87
C TYR I 151 -19.78 -15.50 16.89
N PHE I 152 -19.93 -16.74 16.42
CA PHE I 152 -19.89 -17.85 17.36
C PHE I 152 -18.47 -18.20 17.79
N GLY I 153 -17.47 -17.74 17.05
CA GLY I 153 -16.07 -17.99 17.36
C GLY I 153 -15.41 -16.97 18.26
N GLN I 154 -16.13 -15.98 18.74
CA GLN I 154 -15.56 -14.93 19.58
C GLN I 154 -14.77 -15.52 20.75
N PRO I 155 -13.64 -14.93 21.12
CA PRO I 155 -12.93 -15.35 22.35
C PRO I 155 -13.87 -15.32 23.55
N ALA I 156 -13.78 -16.35 24.39
CA ALA I 156 -14.58 -16.40 25.61
C ALA I 156 -14.15 -15.29 26.57
N LYS I 157 -15.11 -14.63 27.20
CA LYS I 157 -14.82 -13.56 28.13
C LYS I 157 -14.86 -14.06 29.57
N GLY I 158 -14.32 -13.24 30.48
CA GLY I 158 -14.09 -13.66 31.85
C GLY I 158 -15.32 -13.72 32.74
N LEU I 159 -16.36 -12.93 32.44
CA LEU I 159 -17.63 -12.90 33.17
C LEU I 159 -17.49 -12.45 34.62
N ALA I 160 -16.45 -11.70 34.96
CA ALA I 160 -16.20 -11.31 36.35
C ALA I 160 -16.76 -9.93 36.71
N HIS I 161 -17.25 -9.15 35.73
CA HIS I 161 -17.70 -7.77 35.93
C HIS I 161 -16.72 -6.95 36.76
N ARG I 162 -15.45 -6.95 36.34
CA ARG I 162 -14.45 -6.05 36.89
C ARG I 162 -13.87 -5.26 35.72
N ALA I 163 -13.61 -3.98 35.96
CA ALA I 163 -13.53 -3.04 34.85
C ALA I 163 -12.27 -3.21 34.02
N LEU I 164 -11.11 -3.43 34.66
CA LEU I 164 -9.87 -3.45 33.89
C LEU I 164 -9.80 -4.67 32.98
N ALA I 165 -10.07 -5.86 33.52
CA ALA I 165 -10.10 -7.05 32.68
C ALA I 165 -11.11 -6.90 31.56
N ASP I 166 -12.31 -6.39 31.88
CA ASP I 166 -13.35 -6.31 30.86
C ASP I 166 -12.98 -5.32 29.76
N ILE I 167 -12.32 -4.20 30.07
CA ILE I 167 -12.00 -3.28 28.98
C ILE I 167 -10.88 -3.86 28.11
N ILE I 168 -9.93 -4.58 28.71
CA ILE I 168 -8.92 -5.28 27.92
C ILE I 168 -9.59 -6.28 26.99
N GLU I 169 -10.59 -7.01 27.50
CA GLU I 169 -11.28 -8.00 26.67
C GLU I 169 -12.13 -7.33 25.58
N SER I 170 -12.55 -6.07 25.77
CA SER I 170 -13.19 -5.32 24.69
C SER I 170 -12.20 -5.06 23.55
N VAL I 171 -10.98 -4.60 23.87
CA VAL I 171 -9.98 -4.39 22.81
C VAL I 171 -9.69 -5.71 22.12
N ARG I 172 -9.58 -6.80 22.89
CA ARG I 172 -9.29 -8.10 22.30
C ARG I 172 -10.39 -8.52 21.34
N GLU I 173 -11.64 -8.28 21.72
CA GLU I 173 -12.75 -8.60 20.81
C GLU I 173 -12.65 -7.80 19.52
N LEU I 174 -12.33 -6.50 19.59
CA LEU I 174 -12.21 -5.72 18.35
C LEU I 174 -11.02 -6.21 17.52
N ALA I 175 -9.93 -6.59 18.17
CA ALA I 175 -8.78 -7.13 17.46
C ALA I 175 -9.17 -8.42 16.75
N TYR I 176 -10.07 -9.19 17.35
CA TYR I 176 -10.56 -10.42 16.70
C TYR I 176 -11.34 -10.09 15.44
N TYR I 177 -12.21 -9.07 15.50
CA TYR I 177 -12.97 -8.67 14.31
C TYR I 177 -12.04 -8.09 13.25
N ARG I 178 -11.02 -7.34 13.66
CA ARG I 178 -10.08 -6.77 12.71
C ARG I 178 -9.47 -7.85 11.82
N ARG I 179 -9.23 -9.02 12.39
CA ARG I 179 -8.59 -10.17 11.73
C ARG I 179 -9.55 -11.04 10.94
N THR I 180 -10.86 -10.85 11.10
CA THR I 180 -11.83 -11.80 10.56
C THR I 180 -12.85 -11.16 9.63
N VAL I 181 -13.49 -10.07 10.03
CA VAL I 181 -14.60 -9.51 9.25
C VAL I 181 -14.23 -8.25 8.48
N PHE I 182 -13.07 -7.65 8.76
CA PHE I 182 -12.62 -6.48 8.02
C PHE I 182 -11.57 -6.88 7.00
N VAL I 183 -11.57 -6.18 5.87
CA VAL I 183 -10.55 -6.38 4.85
C VAL I 183 -9.21 -5.86 5.35
N ASP I 184 -8.13 -6.23 4.65
CA ASP I 184 -6.80 -5.77 5.04
C ASP I 184 -6.69 -4.26 4.88
N SER I 185 -6.04 -3.59 5.83
CA SER I 185 -5.64 -2.22 5.59
C SER I 185 -4.62 -2.17 4.45
N PRO I 186 -4.61 -1.10 3.65
CA PRO I 186 -5.39 0.14 3.76
C PRO I 186 -6.77 0.13 3.08
N GLY I 187 -7.24 -1.04 2.65
CA GLY I 187 -8.57 -1.15 2.10
C GLY I 187 -8.63 -0.83 0.61
N PRO I 188 -9.85 -0.68 0.10
CA PRO I 188 -10.04 -0.50 -1.35
C PRO I 188 -9.40 0.78 -1.87
N SER I 189 -9.15 0.77 -3.18
CA SER I 189 -8.67 1.96 -3.86
C SER I 189 -9.73 3.04 -3.87
N SER I 190 -9.30 4.27 -4.17
CA SER I 190 -10.26 5.36 -4.29
C SER I 190 -11.23 5.13 -5.44
N SER I 191 -10.77 4.49 -6.53
CA SER I 191 -11.68 4.15 -7.61
C SER I 191 -12.74 3.15 -7.15
N GLN I 192 -12.32 2.13 -6.38
CA GLN I 192 -13.27 1.17 -5.85
C GLN I 192 -14.23 1.82 -4.87
N ALA I 193 -13.73 2.72 -4.02
CA ALA I 193 -14.60 3.39 -3.06
C ALA I 193 -15.63 4.26 -3.78
N LYS I 194 -15.20 5.00 -4.80
CA LYS I 194 -16.11 5.80 -5.60
C LYS I 194 -17.21 4.95 -6.21
N LYS I 195 -16.84 3.79 -6.78
CA LYS I 195 -17.83 2.90 -7.39
C LYS I 195 -18.85 2.40 -6.37
N ALA I 196 -18.38 1.98 -5.18
CA ALA I 196 -19.30 1.49 -4.16
C ALA I 196 -20.24 2.60 -3.69
N ALA I 197 -19.73 3.82 -3.53
CA ALA I 197 -20.59 4.92 -3.13
C ALA I 197 -21.67 5.17 -4.18
N ALA I 198 -21.27 5.15 -5.46
CA ALA I 198 -22.24 5.38 -6.53
C ALA I 198 -23.29 4.28 -6.57
N GLU I 199 -22.89 3.04 -6.26
CA GLU I 199 -23.86 1.94 -6.23
C GLU I 199 -24.93 2.18 -5.16
N VAL I 200 -24.51 2.49 -3.93
CA VAL I 200 -25.52 2.61 -2.89
C VAL I 200 -26.31 3.90 -3.06
N VAL I 201 -25.70 4.95 -3.61
CA VAL I 201 -26.49 6.14 -3.89
C VAL I 201 -27.60 5.80 -4.88
N GLY I 202 -27.27 5.02 -5.91
CA GLY I 202 -28.30 4.60 -6.84
C GLY I 202 -29.35 3.72 -6.19
N GLY I 203 -28.93 2.84 -5.29
CA GLY I 203 -29.85 1.89 -4.69
C GLY I 203 -30.82 2.52 -3.71
N PHE I 204 -30.43 3.63 -3.11
CA PHE I 204 -31.26 4.34 -2.14
C PHE I 204 -31.92 5.58 -2.72
N ALA I 205 -31.68 5.88 -4.00
CA ALA I 205 -32.15 7.13 -4.59
C ALA I 205 -33.67 7.24 -4.57
N ALA I 206 -34.36 6.15 -4.94
CA ALA I 206 -35.83 6.21 -5.03
C ALA I 206 -36.46 6.39 -3.66
N LEU I 207 -35.90 5.73 -2.64
CA LEU I 207 -36.39 5.90 -1.28
C LEU I 207 -36.25 7.35 -0.83
N LEU I 208 -35.10 7.98 -1.11
CA LEU I 208 -34.87 9.38 -0.82
C LEU I 208 -35.57 10.31 -1.80
N ASP I 209 -36.46 9.78 -2.64
CA ASP I 209 -37.24 10.54 -3.61
C ASP I 209 -36.36 11.36 -4.54
N SER K 5 24.18 -12.98 19.64
CA SER K 5 25.45 -13.65 19.41
C SER K 5 26.40 -12.75 18.64
N ALA K 6 27.68 -12.86 18.99
CA ALA K 6 28.76 -12.26 18.22
C ALA K 6 29.48 -13.30 17.37
N GLY K 7 28.80 -14.38 17.02
CA GLY K 7 29.47 -15.50 16.34
C GLY K 7 29.77 -15.16 14.89
N HIS K 8 31.02 -15.43 14.47
CA HIS K 8 31.45 -15.18 13.10
C HIS K 8 30.69 -16.07 12.12
N LEU K 9 30.68 -15.61 10.87
CA LEU K 9 30.00 -16.30 9.77
C LEU K 9 31.03 -16.75 8.74
N VAL K 10 30.91 -17.99 8.29
CA VAL K 10 31.75 -18.49 7.20
C VAL K 10 30.93 -18.45 5.92
N TRP K 11 31.49 -17.83 4.88
CA TRP K 11 30.86 -17.70 3.56
C TRP K 11 31.66 -18.47 2.53
N ILE K 12 30.99 -19.31 1.74
CA ILE K 12 31.66 -20.09 0.71
C ILE K 12 30.83 -20.05 -0.56
N ASP K 13 31.51 -19.93 -1.69
CA ASP K 13 30.89 -20.09 -2.99
C ASP K 13 31.74 -21.08 -3.77
N CYS K 14 31.07 -22.01 -4.46
CA CYS K 14 31.73 -23.05 -5.22
C CYS K 14 31.38 -22.92 -6.69
N GLU K 15 32.32 -23.31 -7.55
CA GLU K 15 31.99 -23.60 -8.94
C GLU K 15 32.22 -25.08 -9.23
N MET K 16 31.51 -25.57 -10.25
CA MET K 16 31.34 -26.99 -10.45
C MET K 16 31.27 -27.23 -11.95
N THR K 17 31.54 -28.47 -12.39
CA THR K 17 31.25 -28.80 -13.79
C THR K 17 29.76 -29.00 -14.03
N GLY K 18 28.95 -28.87 -12.99
CA GLY K 18 27.52 -29.09 -13.12
C GLY K 18 26.93 -29.33 -11.74
N LEU K 19 25.63 -29.59 -11.73
CA LEU K 19 24.90 -29.69 -10.48
C LEU K 19 24.69 -31.13 -10.00
N ASP K 20 25.18 -32.11 -10.76
CA ASP K 20 24.93 -33.51 -10.47
C ASP K 20 25.95 -34.00 -9.45
N LEU K 21 25.48 -34.42 -8.27
CA LEU K 21 26.38 -34.79 -7.19
C LEU K 21 27.10 -36.13 -7.41
N VAL K 22 26.68 -36.94 -8.38
CA VAL K 22 27.36 -38.21 -8.56
C VAL K 22 28.38 -38.08 -9.69
N GLU K 23 28.11 -37.16 -10.62
CA GLU K 23 28.93 -37.05 -11.82
C GLU K 23 29.84 -35.84 -11.85
N ASP K 24 29.46 -34.72 -11.24
CA ASP K 24 30.17 -33.48 -11.48
C ASP K 24 31.27 -33.25 -10.44
N LYS K 25 32.20 -32.36 -10.77
CA LYS K 25 33.39 -32.14 -9.98
C LYS K 25 33.43 -30.70 -9.46
N LEU K 26 34.06 -30.54 -8.30
CA LEU K 26 34.33 -29.23 -7.72
C LEU K 26 35.58 -28.63 -8.36
N ILE K 27 35.48 -27.40 -8.86
CA ILE K 27 36.59 -26.82 -9.62
C ILE K 27 36.99 -25.45 -9.09
N GLU K 28 36.21 -24.89 -8.17
CA GLU K 28 36.59 -23.63 -7.53
C GLU K 28 35.91 -23.52 -6.18
N VAL K 29 36.65 -23.06 -5.17
CA VAL K 29 36.11 -22.79 -3.85
C VAL K 29 36.65 -21.43 -3.40
N ALA K 30 35.73 -20.52 -3.02
CA ALA K 30 36.11 -19.25 -2.45
C ALA K 30 35.55 -19.18 -1.04
N VAL K 31 36.31 -18.59 -0.12
CA VAL K 31 35.86 -18.51 1.27
C VAL K 31 36.14 -17.11 1.80
N LEU K 32 35.21 -16.60 2.59
CA LEU K 32 35.25 -15.27 3.17
C LEU K 32 34.73 -15.37 4.61
N ILE K 33 35.31 -14.61 5.53
CA ILE K 33 34.84 -14.56 6.91
C ILE K 33 34.31 -13.16 7.19
N THR K 34 33.11 -13.08 7.77
CA THR K 34 32.58 -11.85 8.34
C THR K 34 32.33 -12.02 9.83
N ASP K 35 32.29 -10.90 10.55
CA ASP K 35 31.72 -10.97 11.89
C ASP K 35 30.20 -11.03 11.80
N SER K 36 29.56 -11.02 12.97
CA SER K 36 28.12 -11.16 13.02
C SER K 36 27.40 -9.94 12.45
N GLU K 37 28.11 -8.84 12.25
CA GLU K 37 27.51 -7.64 11.69
C GLU K 37 27.83 -7.45 10.21
N LEU K 38 28.33 -8.50 9.56
CA LEU K 38 28.64 -8.53 8.12
C LEU K 38 29.86 -7.70 7.73
N ASN K 39 30.72 -7.36 8.69
CA ASN K 39 32.01 -6.76 8.34
C ASN K 39 32.96 -7.85 7.85
N VAL K 40 33.49 -7.68 6.65
CA VAL K 40 34.43 -8.64 6.09
C VAL K 40 35.76 -8.50 6.83
N LEU K 41 36.27 -9.61 7.36
CA LEU K 41 37.47 -9.57 8.19
C LEU K 41 38.77 -9.73 7.39
N ASP K 42 38.69 -10.12 6.13
CA ASP K 42 39.88 -10.39 5.33
C ASP K 42 39.46 -10.47 3.88
N PRO K 43 40.31 -10.13 2.90
CA PRO K 43 39.89 -10.12 1.49
C PRO K 43 39.34 -11.45 0.98
N GLY K 44 39.76 -12.58 1.53
CA GLY K 44 39.19 -13.87 1.17
C GLY K 44 40.22 -14.76 0.50
N LEU K 45 39.81 -16.01 0.27
CA LEU K 45 40.59 -16.99 -0.48
C LEU K 45 39.79 -17.49 -1.66
N ASP K 46 40.48 -17.74 -2.77
CA ASP K 46 39.83 -18.23 -3.98
C ASP K 46 40.74 -19.29 -4.57
N LEU K 47 40.29 -20.55 -4.55
CA LEU K 47 41.12 -21.68 -4.95
C LEU K 47 40.55 -22.32 -6.20
N ILE K 48 41.39 -22.51 -7.21
CA ILE K 48 40.99 -23.16 -8.44
C ILE K 48 41.51 -24.59 -8.40
N ILE K 49 40.58 -25.54 -8.44
CA ILE K 49 40.87 -26.95 -8.24
C ILE K 49 40.96 -27.64 -9.60
N SER K 50 41.96 -28.49 -9.76
CA SER K 50 42.18 -29.22 -11.00
C SER K 50 41.10 -30.27 -11.21
N ALA K 51 40.68 -30.44 -12.46
CA ALA K 51 39.77 -31.50 -12.85
C ALA K 51 40.18 -32.02 -14.23
N ASP K 52 39.72 -33.25 -14.53
CA ASP K 52 40.10 -33.95 -15.76
C ASP K 52 39.74 -33.17 -17.01
N ASP K 53 40.47 -33.45 -18.09
CA ASP K 53 40.02 -33.02 -19.40
C ASP K 53 38.67 -33.63 -19.73
N ALA K 54 38.42 -34.85 -19.25
CA ALA K 54 37.15 -35.52 -19.49
C ALA K 54 36.01 -34.83 -18.73
N ALA K 55 36.22 -34.57 -17.44
CA ALA K 55 35.19 -33.89 -16.65
C ALA K 55 34.85 -32.54 -17.26
N LEU K 56 35.86 -31.83 -17.76
CA LEU K 56 35.61 -30.52 -18.35
C LEU K 56 34.84 -30.66 -19.67
N ASP K 57 35.19 -31.66 -20.48
CA ASP K 57 34.52 -31.85 -21.75
C ASP K 57 33.08 -32.30 -21.60
N GLY K 58 32.75 -32.94 -20.48
CA GLY K 58 31.39 -33.40 -20.23
C GLY K 58 30.43 -32.34 -19.74
N MET K 59 30.92 -31.12 -19.47
CA MET K 59 30.04 -30.05 -19.05
C MET K 59 28.94 -29.85 -20.08
N ASN K 60 27.73 -29.52 -19.61
CA ASN K 60 26.66 -29.27 -20.56
C ASN K 60 26.85 -27.90 -21.20
N GLU K 61 25.96 -27.59 -22.14
CA GLU K 61 26.06 -26.36 -22.93
C GLU K 61 26.16 -25.11 -22.06
N VAL K 62 25.20 -24.91 -21.14
CA VAL K 62 25.16 -23.66 -20.38
C VAL K 62 26.38 -23.55 -19.47
N VAL K 63 26.76 -24.65 -18.81
CA VAL K 63 27.89 -24.59 -17.88
C VAL K 63 29.20 -24.44 -18.62
N ARG K 64 29.37 -25.15 -19.75
CA ARG K 64 30.58 -24.99 -20.52
C ARG K 64 30.70 -23.55 -21.03
N THR K 65 29.57 -22.94 -21.38
CA THR K 65 29.60 -21.56 -21.86
C THR K 65 29.97 -20.57 -20.74
N MET K 66 29.38 -20.71 -19.54
CA MET K 66 29.75 -19.74 -18.51
C MET K 66 31.22 -19.85 -18.13
N HIS K 67 31.75 -21.07 -18.07
CA HIS K 67 33.13 -21.24 -17.63
C HIS K 67 34.13 -21.01 -18.74
N GLU K 68 33.70 -21.10 -20.01
CA GLU K 68 34.55 -20.62 -21.08
C GLU K 68 34.63 -19.10 -21.06
N LYS K 69 33.47 -18.43 -20.93
CA LYS K 69 33.46 -16.98 -21.07
C LYS K 69 34.22 -16.31 -19.93
N SER K 70 34.12 -16.86 -18.72
CA SER K 70 34.84 -16.33 -17.57
C SER K 70 36.31 -16.73 -17.55
N GLY K 71 36.72 -17.67 -18.39
CA GLY K 71 38.08 -18.16 -18.35
C GLY K 71 38.37 -19.15 -17.25
N LEU K 72 37.36 -19.55 -16.47
CA LEU K 72 37.60 -20.52 -15.39
C LEU K 72 38.11 -21.84 -15.94
N THR K 73 37.54 -22.31 -17.05
CA THR K 73 37.94 -23.62 -17.58
C THR K 73 39.44 -23.66 -17.87
N GLU K 74 39.98 -22.59 -18.46
CA GLU K 74 41.40 -22.57 -18.77
C GLU K 74 42.26 -22.55 -17.51
N GLU K 75 41.81 -21.83 -16.48
CA GLU K 75 42.56 -21.85 -15.23
C GLU K 75 42.50 -23.23 -14.57
N VAL K 76 41.36 -23.90 -14.66
CA VAL K 76 41.24 -25.25 -14.12
C VAL K 76 42.18 -26.20 -14.85
N ARG K 77 42.28 -26.06 -16.16
CA ARG K 77 43.19 -26.89 -16.94
C ARG K 77 44.63 -26.70 -16.49
N ALA K 78 44.97 -25.52 -16.00
CA ALA K 78 46.34 -25.20 -15.61
C ALA K 78 46.62 -25.47 -14.14
N SER K 79 45.61 -25.83 -13.36
CA SER K 79 45.80 -26.01 -11.92
C SER K 79 46.38 -27.39 -11.61
N THR K 80 47.14 -27.47 -10.51
CA THR K 80 47.57 -28.74 -9.95
C THR K 80 47.02 -28.93 -8.53
N LEU K 81 46.17 -28.02 -8.08
CA LEU K 81 45.59 -28.09 -6.74
C LEU K 81 44.51 -29.16 -6.71
N THR K 82 44.66 -30.15 -5.84
CA THR K 82 43.64 -31.19 -5.69
C THR K 82 42.58 -30.78 -4.68
N VAL K 83 41.47 -31.52 -4.72
CA VAL K 83 40.38 -31.29 -3.77
C VAL K 83 40.88 -31.43 -2.33
N ALA K 84 41.69 -32.46 -2.06
CA ALA K 84 42.17 -32.69 -0.69
C ALA K 84 43.07 -31.54 -0.23
N GLU K 85 43.94 -31.08 -1.13
CA GLU K 85 44.82 -29.94 -0.82
C GLU K 85 44.00 -28.68 -0.57
N ALA K 86 43.02 -28.40 -1.42
CA ALA K 86 42.18 -27.21 -1.25
C ALA K 86 41.42 -27.26 0.07
N GLU K 87 40.96 -28.46 0.46
CA GLU K 87 40.26 -28.59 1.73
C GLU K 87 41.14 -28.17 2.90
N GLN K 88 42.41 -28.60 2.90
CA GLN K 88 43.30 -28.24 4.00
C GLN K 88 43.55 -26.74 4.01
N GLN K 89 43.66 -26.12 2.84
CA GLN K 89 43.92 -24.68 2.80
C GLN K 89 42.70 -23.89 3.29
N VAL K 90 41.50 -24.34 2.91
CA VAL K 90 40.28 -23.67 3.35
C VAL K 90 40.09 -23.84 4.85
N LEU K 91 40.36 -25.04 5.36
CA LEU K 91 40.25 -25.29 6.80
C LEU K 91 41.20 -24.40 7.58
N ALA K 92 42.47 -24.36 7.16
CA ALA K 92 43.45 -23.55 7.88
C ALA K 92 43.04 -22.08 7.89
N TYR K 93 42.46 -21.62 6.77
CA TYR K 93 42.04 -20.23 6.67
C TYR K 93 40.90 -19.95 7.63
N ILE K 94 39.85 -20.79 7.61
CA ILE K 94 38.71 -20.59 8.50
C ILE K 94 39.15 -20.62 9.96
N LYS K 95 40.07 -21.53 10.31
CA LYS K 95 40.47 -21.69 11.70
C LYS K 95 41.24 -20.49 12.24
N ARG K 96 41.67 -19.56 11.37
CA ARG K 96 42.30 -18.35 11.86
C ARG K 96 41.31 -17.49 12.65
N TRP K 97 40.02 -17.54 12.29
CA TRP K 97 38.97 -16.81 12.98
C TRP K 97 37.98 -17.71 13.71
N VAL K 98 37.80 -18.94 13.26
CA VAL K 98 36.84 -19.87 13.86
C VAL K 98 37.57 -21.18 14.17
N PRO K 99 38.41 -21.20 15.21
CA PRO K 99 39.17 -22.43 15.49
C PRO K 99 38.29 -23.58 15.97
N GLU K 100 37.15 -23.29 16.62
CA GLU K 100 36.32 -24.31 17.23
C GLU K 100 35.36 -24.90 16.21
N ARG K 101 35.28 -26.24 16.15
CA ARG K 101 34.38 -26.86 15.20
C ARG K 101 32.93 -26.73 15.64
N ARG K 102 32.03 -26.71 14.65
CA ARG K 102 30.59 -26.69 14.87
C ARG K 102 30.15 -25.44 15.65
N THR K 103 30.81 -24.30 15.38
CA THR K 103 30.42 -23.05 16.04
C THR K 103 30.05 -21.94 15.06
N ALA K 104 30.25 -22.14 13.77
CA ALA K 104 29.91 -21.12 12.78
C ALA K 104 29.04 -21.70 11.68
N PRO K 105 27.99 -20.99 11.29
CA PRO K 105 27.17 -21.41 10.15
C PRO K 105 27.88 -21.11 8.84
N LEU K 106 27.49 -21.88 7.81
CA LEU K 106 27.93 -21.61 6.45
C LEU K 106 26.89 -20.75 5.74
N CYS K 107 27.36 -19.75 4.99
CA CYS K 107 26.46 -18.74 4.46
C CYS K 107 26.71 -18.49 2.97
N GLY K 108 25.63 -18.16 2.25
CA GLY K 108 25.72 -17.85 0.83
C GLY K 108 24.35 -17.87 0.19
N ASN K 109 24.33 -17.78 -1.16
CA ASN K 109 23.10 -17.87 -1.93
C ASN K 109 22.87 -19.31 -2.36
N SER K 110 21.72 -19.87 -1.98
CA SER K 110 21.39 -21.28 -2.24
C SER K 110 22.53 -22.18 -1.82
N ILE K 111 23.05 -21.90 -0.61
CA ILE K 111 24.26 -22.49 -0.07
C ILE K 111 24.11 -23.99 0.14
N GLY K 112 22.89 -24.51 0.17
CA GLY K 112 22.71 -25.95 0.28
C GLY K 112 23.36 -26.72 -0.86
N THR K 113 23.41 -26.14 -2.05
CA THR K 113 24.08 -26.79 -3.17
C THR K 113 25.58 -26.94 -2.92
N ASP K 114 26.23 -25.85 -2.52
CA ASP K 114 27.64 -25.92 -2.15
C ASP K 114 27.87 -26.93 -1.04
N ARG K 115 27.02 -26.90 0.01
CA ARG K 115 27.21 -27.80 1.14
C ARG K 115 27.17 -29.25 0.70
N GLY K 116 26.31 -29.58 -0.26
CA GLY K 116 26.26 -30.94 -0.78
C GLY K 116 27.58 -31.39 -1.39
N PHE K 117 28.24 -30.49 -2.14
CA PHE K 117 29.52 -30.86 -2.73
C PHE K 117 30.62 -30.90 -1.66
N LEU K 118 30.55 -29.98 -0.70
CA LEU K 118 31.53 -30.00 0.40
C LEU K 118 31.39 -31.26 1.24
N ALA K 119 30.15 -31.69 1.52
CA ALA K 119 29.94 -32.92 2.26
C ALA K 119 30.45 -34.13 1.49
N ARG K 120 30.31 -34.11 0.18
CA ARG K 120 30.77 -35.23 -0.63
C ARG K 120 32.28 -35.27 -0.75
N ASP K 121 32.92 -34.11 -1.00
CA ASP K 121 34.33 -34.05 -1.36
C ASP K 121 35.26 -33.63 -0.23
N MET K 122 34.75 -32.86 0.73
CA MET K 122 35.57 -32.25 1.79
C MET K 122 34.92 -32.51 3.14
N PRO K 123 34.88 -33.77 3.59
CA PRO K 123 34.15 -34.09 4.82
C PRO K 123 34.73 -33.45 6.06
N GLU K 124 36.04 -33.22 6.11
CA GLU K 124 36.61 -32.60 7.30
C GLU K 124 36.16 -31.15 7.42
N LEU K 125 36.14 -30.42 6.30
CA LEU K 125 35.61 -29.06 6.31
C LEU K 125 34.12 -29.05 6.63
N ASP K 126 33.37 -29.99 6.07
CA ASP K 126 31.94 -30.06 6.32
C ASP K 126 31.67 -30.29 7.80
N ASP K 127 32.49 -31.12 8.45
CA ASP K 127 32.35 -31.40 9.88
C ASP K 127 32.73 -30.19 10.74
N HIS K 128 33.65 -29.35 10.26
CA HIS K 128 34.06 -28.21 11.05
C HIS K 128 32.96 -27.16 11.13
N LEU K 129 32.14 -27.04 10.10
CA LEU K 129 31.09 -26.04 10.10
C LEU K 129 29.87 -26.56 10.83
N HIS K 130 29.14 -25.65 11.47
CA HIS K 130 27.85 -26.03 12.05
C HIS K 130 26.93 -26.49 10.93
N TYR K 131 25.99 -27.40 11.26
CA TYR K 131 25.07 -27.85 10.21
C TYR K 131 24.13 -26.75 9.74
N ARG K 132 23.87 -25.74 10.56
CA ARG K 132 22.99 -24.67 10.15
C ARG K 132 23.67 -23.73 9.17
N MET K 133 22.86 -23.15 8.27
CA MET K 133 23.34 -22.30 7.21
C MET K 133 22.45 -21.07 7.08
N ILE K 134 23.05 -19.97 6.67
CA ILE K 134 22.30 -18.76 6.37
C ILE K 134 22.23 -18.62 4.87
N ASP K 135 21.06 -18.92 4.31
CA ASP K 135 20.85 -18.87 2.87
C ASP K 135 20.25 -17.52 2.52
N VAL K 136 21.08 -16.65 1.94
CA VAL K 136 20.60 -15.31 1.59
C VAL K 136 19.44 -15.40 0.62
N SER K 137 19.40 -16.45 -0.21
CA SER K 137 18.30 -16.57 -1.16
C SER K 137 16.97 -16.90 -0.51
N SER K 138 17.00 -17.43 0.73
CA SER K 138 15.77 -17.56 1.50
C SER K 138 15.16 -16.19 1.79
N VAL K 139 15.99 -15.24 2.22
CA VAL K 139 15.51 -13.88 2.45
C VAL K 139 15.08 -13.23 1.14
N LYS K 140 15.83 -13.50 0.06
CA LYS K 140 15.47 -12.97 -1.25
C LYS K 140 14.07 -13.37 -1.66
N GLU K 141 13.74 -14.66 -1.50
CA GLU K 141 12.44 -15.15 -1.92
C GLU K 141 11.32 -14.73 -0.98
N LEU K 142 11.62 -14.54 0.32
CA LEU K 142 10.63 -13.91 1.19
C LEU K 142 10.39 -12.48 0.75
N ALA K 143 11.46 -11.73 0.48
CA ALA K 143 11.29 -10.34 0.05
C ALA K 143 10.50 -10.26 -1.25
N ARG K 144 10.70 -11.20 -2.16
CA ARG K 144 9.99 -11.15 -3.44
C ARG K 144 8.48 -11.09 -3.23
N ARG K 145 7.99 -11.79 -2.21
CA ARG K 145 6.57 -11.88 -1.91
C ARG K 145 6.11 -10.82 -0.93
N TRP K 146 6.85 -10.65 0.17
CA TRP K 146 6.43 -9.73 1.24
C TRP K 146 6.78 -8.27 0.96
N PHE K 147 7.88 -8.02 0.24
CA PHE K 147 8.40 -6.66 0.00
C PHE K 147 8.85 -6.55 -1.44
N PRO K 148 7.92 -6.63 -2.40
CA PRO K 148 8.31 -6.66 -3.82
C PRO K 148 9.24 -5.55 -4.25
N ARG K 149 9.00 -4.32 -3.81
CA ARG K 149 9.88 -3.21 -4.20
C ARG K 149 11.32 -3.44 -3.73
N VAL K 150 11.50 -4.04 -2.55
CA VAL K 150 12.85 -4.36 -2.09
C VAL K 150 13.51 -5.39 -3.00
N TYR K 151 12.76 -6.43 -3.37
CA TYR K 151 13.30 -7.44 -4.28
C TYR K 151 13.77 -6.81 -5.59
N PHE K 152 12.94 -5.94 -6.19
CA PHE K 152 13.32 -5.35 -7.47
C PHE K 152 14.41 -4.30 -7.33
N GLY K 153 14.64 -3.79 -6.13
CA GLY K 153 15.66 -2.78 -5.88
C GLY K 153 17.01 -3.31 -5.47
N GLN K 154 17.21 -4.62 -5.45
CA GLN K 154 18.48 -5.24 -5.07
C GLN K 154 19.66 -4.64 -5.84
N PRO K 155 20.84 -4.57 -5.23
CA PRO K 155 22.05 -4.28 -6.01
C PRO K 155 22.20 -5.27 -7.16
N ALA K 156 22.59 -4.76 -8.32
CA ALA K 156 22.74 -5.60 -9.50
C ALA K 156 23.90 -6.58 -9.32
N LYS K 157 23.62 -7.86 -9.53
CA LYS K 157 24.64 -8.89 -9.67
C LYS K 157 24.88 -9.21 -11.13
N GLY K 158 25.93 -9.98 -11.39
CA GLY K 158 26.19 -10.48 -12.73
C GLY K 158 27.55 -10.07 -13.30
N LEU K 159 28.33 -9.26 -12.59
CA LEU K 159 29.63 -8.83 -13.10
C LEU K 159 30.78 -9.60 -12.51
N ALA K 160 30.52 -10.49 -11.55
CA ALA K 160 31.58 -11.24 -10.89
C ALA K 160 32.28 -12.17 -11.87
N HIS K 161 33.61 -12.12 -11.87
CA HIS K 161 34.46 -12.96 -12.71
C HIS K 161 34.81 -14.28 -12.02
N ARG K 162 35.03 -14.26 -10.71
CA ARG K 162 35.41 -15.46 -9.97
C ARG K 162 34.50 -15.65 -8.75
N ALA K 163 34.72 -16.78 -8.07
CA ALA K 163 33.84 -17.15 -6.97
C ALA K 163 33.96 -16.20 -5.80
N LEU K 164 35.10 -15.54 -5.64
CA LEU K 164 35.26 -14.64 -4.50
C LEU K 164 34.38 -13.40 -4.65
N ALA K 165 34.33 -12.82 -5.84
CA ALA K 165 33.43 -11.68 -6.05
C ALA K 165 31.98 -12.10 -5.86
N ASP K 166 31.64 -13.32 -6.27
CA ASP K 166 30.26 -13.79 -6.17
C ASP K 166 29.86 -13.92 -4.70
N ILE K 167 30.75 -14.46 -3.84
CA ILE K 167 30.39 -14.59 -2.44
C ILE K 167 30.37 -13.21 -1.76
N ILE K 168 31.22 -12.29 -2.21
CA ILE K 168 31.15 -10.93 -1.66
C ILE K 168 29.82 -10.28 -2.02
N GLU K 169 29.32 -10.54 -3.23
CA GLU K 169 28.01 -10.01 -3.61
C GLU K 169 26.89 -10.67 -2.81
N SER K 170 27.09 -11.91 -2.32
CA SER K 170 26.11 -12.51 -1.42
C SER K 170 26.04 -11.75 -0.10
N VAL K 171 27.20 -11.42 0.49
CA VAL K 171 27.21 -10.62 1.72
C VAL K 171 26.55 -9.27 1.48
N ARG K 172 26.87 -8.63 0.36
CA ARG K 172 26.29 -7.33 0.03
C ARG K 172 24.77 -7.43 -0.08
N GLU K 173 24.27 -8.50 -0.68
CA GLU K 173 22.82 -8.68 -0.78
C GLU K 173 22.20 -8.77 0.61
N LEU K 174 22.82 -9.54 1.51
CA LEU K 174 22.29 -9.64 2.87
C LEU K 174 22.37 -8.30 3.58
N ALA K 175 23.48 -7.57 3.40
CA ALA K 175 23.59 -6.24 3.99
C ALA K 175 22.47 -5.32 3.49
N TYR K 176 22.10 -5.46 2.22
CA TYR K 176 20.97 -4.70 1.70
C TYR K 176 19.66 -5.06 2.41
N TYR K 177 19.41 -6.37 2.63
CA TYR K 177 18.19 -6.77 3.34
C TYR K 177 18.20 -6.28 4.78
N ARG K 178 19.38 -6.25 5.41
CA ARG K 178 19.48 -5.74 6.78
C ARG K 178 18.92 -4.31 6.90
N ARG K 179 19.16 -3.49 5.89
CA ARG K 179 18.74 -2.09 5.88
C ARG K 179 17.34 -1.87 5.32
N THR K 180 16.65 -2.93 4.86
CA THR K 180 15.36 -2.73 4.21
C THR K 180 14.24 -3.56 4.84
N VAL K 181 14.41 -4.88 4.91
CA VAL K 181 13.31 -5.76 5.30
C VAL K 181 13.37 -6.15 6.77
N PHE K 182 14.51 -5.97 7.43
CA PHE K 182 14.64 -6.26 8.85
C PHE K 182 14.49 -4.99 9.67
N VAL K 183 13.85 -5.13 10.83
CA VAL K 183 13.72 -4.00 11.75
C VAL K 183 15.10 -3.60 12.27
N ASP K 184 15.16 -2.42 12.87
CA ASP K 184 16.41 -1.97 13.48
C ASP K 184 16.79 -2.86 14.65
N SER K 185 18.08 -3.20 14.74
CA SER K 185 18.60 -3.81 15.97
C SER K 185 18.55 -2.77 17.10
N PRO K 186 18.31 -3.21 18.35
CA PRO K 186 18.22 -4.59 18.86
C PRO K 186 16.85 -5.26 18.70
N GLY K 187 15.87 -4.56 18.12
CA GLY K 187 14.56 -5.15 17.85
C GLY K 187 13.64 -5.15 19.04
N PRO K 188 12.58 -5.97 18.99
CA PRO K 188 11.56 -5.97 20.04
C PRO K 188 12.13 -6.24 21.43
N SER K 189 11.43 -5.70 22.44
CA SER K 189 11.70 -6.04 23.82
C SER K 189 11.29 -7.49 24.11
N SER K 190 11.68 -7.97 25.28
CA SER K 190 11.31 -9.32 25.68
C SER K 190 9.80 -9.47 25.82
N SER K 191 9.12 -8.46 26.36
CA SER K 191 7.67 -8.54 26.46
C SER K 191 7.00 -8.59 25.08
N GLN K 192 7.52 -7.80 24.11
CA GLN K 192 6.94 -7.85 22.77
C GLN K 192 7.22 -9.19 22.09
N ALA K 193 8.42 -9.74 22.29
CA ALA K 193 8.72 -11.05 21.72
C ALA K 193 7.85 -12.13 22.33
N LYS K 194 7.64 -12.11 23.66
CA LYS K 194 6.77 -13.10 24.29
C LYS K 194 5.34 -13.00 23.76
N LYS K 195 4.88 -11.78 23.50
CA LYS K 195 3.52 -11.57 23.01
C LYS K 195 3.36 -12.13 21.61
N ALA K 196 4.37 -11.90 20.76
CA ALA K 196 4.32 -12.45 19.41
C ALA K 196 4.36 -13.98 19.43
N ALA K 197 5.21 -14.55 20.29
CA ALA K 197 5.27 -16.01 20.44
C ALA K 197 3.93 -16.55 20.88
N ALA K 198 3.32 -15.91 21.88
CA ALA K 198 2.02 -16.38 22.37
C ALA K 198 0.95 -16.30 21.29
N GLU K 199 0.99 -15.27 20.42
CA GLU K 199 0.00 -15.19 19.34
C GLU K 199 0.14 -16.35 18.37
N VAL K 200 1.35 -16.65 17.93
CA VAL K 200 1.47 -17.70 16.93
C VAL K 200 1.27 -19.06 17.55
N VAL K 201 1.60 -19.23 18.83
CA VAL K 201 1.29 -20.50 19.47
C VAL K 201 -0.22 -20.70 19.46
N GLY K 202 -0.97 -19.64 19.77
CA GLY K 202 -2.42 -19.74 19.73
C GLY K 202 -2.93 -20.02 18.33
N GLY K 203 -2.36 -19.35 17.32
CA GLY K 203 -2.82 -19.52 15.96
C GLY K 203 -2.55 -20.90 15.39
N PHE K 204 -1.50 -21.58 15.85
CA PHE K 204 -1.13 -22.88 15.30
C PHE K 204 -1.54 -24.04 16.20
N ALA K 205 -2.14 -23.76 17.36
CA ALA K 205 -2.37 -24.80 18.36
C ALA K 205 -3.30 -25.89 17.84
N ALA K 206 -4.42 -25.50 17.21
CA ALA K 206 -5.39 -26.48 16.74
C ALA K 206 -4.83 -27.34 15.61
N LEU K 207 -4.04 -26.73 14.73
CA LEU K 207 -3.37 -27.50 13.67
C LEU K 207 -2.42 -28.53 14.29
N LEU K 208 -1.61 -28.11 15.26
CA LEU K 208 -0.60 -28.99 15.84
C LEU K 208 -1.22 -30.16 16.56
N ASP K 209 -2.41 -29.98 17.11
CA ASP K 209 -3.12 -31.06 17.78
C ASP K 209 -3.83 -31.95 16.77
N SER M 1 -18.97 16.25 11.93
CA SER M 1 -18.38 16.93 13.08
C SER M 1 -17.19 17.75 12.60
N MET M 2 -16.74 18.67 13.43
CA MET M 2 -15.59 19.47 13.04
C MET M 2 -14.29 18.66 13.05
N ALA M 3 -14.27 17.45 13.61
CA ALA M 3 -13.13 16.57 13.46
C ALA M 3 -13.04 15.97 12.06
N ASP M 4 -14.16 15.93 11.36
CA ASP M 4 -14.17 15.39 10.01
C ASP M 4 -13.50 16.34 9.04
N SER M 5 -12.64 15.80 8.19
CA SER M 5 -12.08 16.55 7.08
C SER M 5 -12.69 16.05 5.78
N ALA M 6 -13.13 16.99 4.96
CA ALA M 6 -13.71 16.65 3.67
C ALA M 6 -12.67 16.09 2.72
N GLY M 7 -13.07 15.10 1.93
CA GLY M 7 -12.19 14.61 0.88
C GLY M 7 -12.10 15.51 -0.34
N HIS M 8 -12.82 16.60 -0.35
CA HIS M 8 -12.74 17.56 -1.43
C HIS M 8 -12.08 18.83 -0.92
N LEU M 9 -11.40 19.53 -1.82
CA LEU M 9 -10.71 20.77 -1.49
C LEU M 9 -11.36 21.92 -2.25
N VAL M 10 -11.53 23.05 -1.58
CA VAL M 10 -12.08 24.25 -2.20
C VAL M 10 -10.93 25.18 -2.56
N TRP M 11 -10.87 25.59 -3.83
CA TRP M 11 -9.85 26.49 -4.33
C TRP M 11 -10.49 27.82 -4.73
N ILE M 12 -9.93 28.93 -4.27
CA ILE M 12 -10.45 30.25 -4.60
C ILE M 12 -9.31 31.20 -4.93
N ASP M 13 -9.50 31.98 -6.00
CA ASP M 13 -8.63 33.12 -6.27
C ASP M 13 -9.49 34.36 -6.45
N CYS M 14 -9.07 35.46 -5.84
CA CYS M 14 -9.81 36.72 -5.90
C CYS M 14 -9.00 37.79 -6.61
N GLU M 15 -9.72 38.74 -7.23
CA GLU M 15 -9.14 40.00 -7.65
C GLU M 15 -9.81 41.13 -6.88
N MET M 16 -9.02 42.17 -6.59
CA MET M 16 -9.44 43.30 -5.77
C MET M 16 -8.90 44.61 -6.35
N THR M 17 -9.49 45.73 -5.91
CA THR M 17 -8.95 47.04 -6.31
C THR M 17 -7.60 47.32 -5.66
N GLY M 18 -7.19 46.50 -4.72
CA GLY M 18 -5.92 46.65 -4.05
C GLY M 18 -5.86 45.71 -2.85
N LEU M 19 -4.80 45.84 -2.06
CA LEU M 19 -4.55 44.94 -0.95
C LEU M 19 -5.03 45.50 0.39
N ASP M 20 -5.61 46.69 0.42
CA ASP M 20 -5.96 47.35 1.67
C ASP M 20 -7.33 46.85 2.15
N LEU M 21 -7.34 46.12 3.27
CA LEU M 21 -8.57 45.55 3.81
C LEU M 21 -9.57 46.63 4.26
N VAL M 22 -9.12 47.85 4.50
CA VAL M 22 -10.06 48.89 4.90
C VAL M 22 -10.72 49.51 3.69
N GLU M 23 -9.95 49.77 2.62
CA GLU M 23 -10.40 50.63 1.55
C GLU M 23 -10.73 49.94 0.24
N ASP M 24 -10.19 48.75 -0.02
CA ASP M 24 -10.31 48.16 -1.33
C ASP M 24 -11.51 47.21 -1.43
N LYS M 25 -11.93 46.95 -2.66
CA LYS M 25 -13.13 46.19 -2.99
C LYS M 25 -12.76 44.84 -3.61
N LEU M 26 -13.54 43.81 -3.28
CA LEU M 26 -13.49 42.53 -3.96
C LEU M 26 -14.24 42.64 -5.28
N ILE M 27 -13.58 42.32 -6.41
CA ILE M 27 -14.19 42.53 -7.73
C ILE M 27 -14.23 41.28 -8.59
N GLU M 28 -13.54 40.20 -8.21
CA GLU M 28 -13.66 38.92 -8.91
C GLU M 28 -13.39 37.79 -7.93
N VAL M 29 -14.19 36.73 -8.02
CA VAL M 29 -13.99 35.51 -7.24
C VAL M 29 -14.15 34.31 -8.16
N ALA M 30 -13.13 33.47 -8.24
CA ALA M 30 -13.19 32.21 -8.96
C ALA M 30 -13.08 31.05 -7.99
N VAL M 31 -13.88 30.01 -8.21
CA VAL M 31 -13.94 28.85 -7.32
C VAL M 31 -13.79 27.59 -8.15
N LEU M 32 -12.96 26.68 -7.65
CA LEU M 32 -12.68 25.39 -8.25
C LEU M 32 -12.76 24.32 -7.16
N ILE M 33 -13.25 23.14 -7.52
CA ILE M 33 -13.32 22.01 -6.58
C ILE M 33 -12.42 20.90 -7.11
N THR M 34 -11.59 20.32 -6.23
CA THR M 34 -10.85 19.11 -6.54
C THR M 34 -11.15 18.04 -5.50
N ASP M 35 -10.92 16.79 -5.90
CA ASP M 35 -10.80 15.74 -4.91
C ASP M 35 -9.41 15.84 -4.26
N SER M 36 -9.10 14.92 -3.35
CA SER M 36 -7.82 14.97 -2.66
C SER M 36 -6.65 14.70 -3.59
N GLU M 37 -6.90 14.07 -4.74
CA GLU M 37 -5.84 13.77 -5.69
C GLU M 37 -5.67 14.86 -6.74
N LEU M 38 -6.29 16.02 -6.56
CA LEU M 38 -6.13 17.21 -7.39
C LEU M 38 -6.78 17.06 -8.75
N ASN M 39 -7.73 16.13 -8.89
CA ASN M 39 -8.57 16.09 -10.08
C ASN M 39 -9.61 17.18 -9.98
N VAL M 40 -9.68 18.05 -10.98
CA VAL M 40 -10.63 19.15 -11.01
C VAL M 40 -11.99 18.59 -11.42
N LEU M 41 -12.99 18.77 -10.56
CA LEU M 41 -14.26 18.07 -10.72
C LEU M 41 -15.27 18.82 -11.59
N ASP M 42 -15.04 20.08 -11.89
CA ASP M 42 -16.00 20.92 -12.62
C ASP M 42 -15.23 22.10 -13.20
N PRO M 43 -15.64 22.63 -14.36
CA PRO M 43 -14.85 23.71 -14.99
C PRO M 43 -14.63 24.93 -14.11
N GLY M 44 -15.46 25.14 -13.10
CA GLY M 44 -15.25 26.22 -12.15
C GLY M 44 -16.27 27.32 -12.31
N LEU M 45 -16.31 28.19 -11.29
CA LEU M 45 -17.21 29.32 -11.25
C LEU M 45 -16.38 30.60 -11.24
N ASP M 46 -16.78 31.61 -12.01
CA ASP M 46 -15.99 32.84 -12.09
C ASP M 46 -16.96 34.01 -12.05
N LEU M 47 -16.93 34.77 -10.96
CA LEU M 47 -17.92 35.80 -10.70
C LEU M 47 -17.28 37.18 -10.71
N ILE M 48 -17.84 38.08 -11.53
CA ILE M 48 -17.39 39.47 -11.62
C ILE M 48 -18.34 40.32 -10.78
N ILE M 49 -17.79 40.98 -9.77
CA ILE M 49 -18.57 41.69 -8.76
C ILE M 49 -18.48 43.17 -9.03
N SER M 50 -19.63 43.84 -9.05
CA SER M 50 -19.68 45.27 -9.35
C SER M 50 -18.95 46.08 -8.29
N ALA M 51 -18.31 47.17 -8.73
CA ALA M 51 -17.69 48.13 -7.84
C ALA M 51 -17.90 49.53 -8.41
N ASP M 52 -18.10 50.50 -7.51
CA ASP M 52 -18.45 51.86 -7.91
C ASP M 52 -17.33 52.50 -8.73
N ASP M 53 -17.72 53.48 -9.54
CA ASP M 53 -16.76 54.20 -10.37
C ASP M 53 -15.68 54.86 -9.52
N ALA M 54 -16.03 55.30 -8.31
CA ALA M 54 -15.04 55.89 -7.42
C ALA M 54 -13.97 54.88 -7.03
N ALA M 55 -14.40 53.69 -6.58
CA ALA M 55 -13.44 52.65 -6.18
C ALA M 55 -12.50 52.28 -7.32
N LEU M 56 -13.01 52.28 -8.55
CA LEU M 56 -12.16 51.92 -9.69
C LEU M 56 -11.20 53.05 -10.03
N ASP M 57 -11.67 54.29 -9.94
CA ASP M 57 -10.77 55.42 -10.21
C ASP M 57 -9.74 55.62 -9.10
N GLY M 58 -9.98 55.07 -7.92
CA GLY M 58 -9.05 55.13 -6.82
C GLY M 58 -8.02 54.04 -6.79
N MET M 59 -7.96 53.22 -7.83
CA MET M 59 -6.99 52.14 -7.90
C MET M 59 -5.61 52.74 -8.13
N ASN M 60 -4.59 52.19 -7.47
CA ASN M 60 -3.26 52.71 -7.73
C ASN M 60 -2.82 52.31 -9.15
N GLU M 61 -1.74 52.93 -9.61
CA GLU M 61 -1.35 52.80 -11.02
C GLU M 61 -1.03 51.35 -11.38
N VAL M 62 -0.41 50.61 -10.48
CA VAL M 62 -0.07 49.21 -10.76
C VAL M 62 -1.35 48.39 -10.94
N VAL M 63 -2.32 48.57 -10.04
CA VAL M 63 -3.52 47.75 -10.09
C VAL M 63 -4.46 48.22 -11.20
N ARG M 64 -4.61 49.54 -11.35
CA ARG M 64 -5.38 50.08 -12.47
C ARG M 64 -4.88 49.54 -13.80
N THR M 65 -3.55 49.48 -13.97
CA THR M 65 -2.99 48.98 -15.23
C THR M 65 -3.31 47.51 -15.44
N MET M 66 -3.13 46.68 -14.41
CA MET M 66 -3.33 45.24 -14.62
C MET M 66 -4.78 44.91 -14.92
N HIS M 67 -5.73 45.58 -14.25
CA HIS M 67 -7.13 45.29 -14.48
C HIS M 67 -7.67 45.95 -15.76
N GLU M 68 -7.03 47.01 -16.23
CA GLU M 68 -7.36 47.50 -17.56
C GLU M 68 -6.89 46.52 -18.63
N LYS M 69 -5.65 46.06 -18.54
CA LYS M 69 -5.08 45.23 -19.60
C LYS M 69 -5.80 43.89 -19.71
N SER M 70 -6.31 43.36 -18.60
CA SER M 70 -7.00 42.08 -18.62
C SER M 70 -8.46 42.19 -19.01
N GLY M 71 -8.99 43.41 -19.11
CA GLY M 71 -10.40 43.63 -19.35
C GLY M 71 -11.27 43.57 -18.11
N LEU M 72 -10.69 43.33 -16.93
CA LEU M 72 -11.49 43.16 -15.73
C LEU M 72 -12.24 44.44 -15.36
N THR M 73 -11.57 45.60 -15.51
CA THR M 73 -12.19 46.86 -15.09
C THR M 73 -13.48 47.13 -15.85
N GLU M 74 -13.48 46.91 -17.17
CA GLU M 74 -14.69 47.11 -17.95
C GLU M 74 -15.77 46.12 -17.57
N GLU M 75 -15.38 44.89 -17.25
CA GLU M 75 -16.33 43.88 -16.77
C GLU M 75 -16.94 44.25 -15.43
N VAL M 76 -16.11 44.78 -14.53
CA VAL M 76 -16.62 45.23 -13.23
C VAL M 76 -17.61 46.37 -13.43
N ARG M 77 -17.30 47.29 -14.35
CA ARG M 77 -18.17 48.43 -14.60
C ARG M 77 -19.53 47.97 -15.12
N ALA M 78 -19.53 46.91 -15.94
CA ALA M 78 -20.76 46.40 -16.53
C ALA M 78 -21.54 45.50 -15.59
N SER M 79 -20.88 44.94 -14.58
CA SER M 79 -21.52 43.96 -13.71
C SER M 79 -22.53 44.63 -12.80
N THR M 80 -23.57 43.85 -12.46
CA THR M 80 -24.56 44.26 -11.47
C THR M 80 -24.58 43.32 -10.28
N LEU M 81 -23.65 42.37 -10.21
CA LEU M 81 -23.61 41.42 -9.12
C LEU M 81 -23.07 42.06 -7.85
N THR M 82 -23.78 41.89 -6.74
CA THR M 82 -23.29 42.38 -5.46
C THR M 82 -22.49 41.29 -4.75
N VAL M 83 -21.79 41.70 -3.69
CA VAL M 83 -21.01 40.75 -2.92
C VAL M 83 -21.91 39.72 -2.24
N ALA M 84 -23.07 40.16 -1.74
CA ALA M 84 -23.99 39.24 -1.09
C ALA M 84 -24.54 38.22 -2.08
N GLU M 85 -24.90 38.66 -3.30
CA GLU M 85 -25.35 37.72 -4.32
C GLU M 85 -24.24 36.76 -4.72
N ALA M 86 -23.03 37.30 -4.95
CA ALA M 86 -21.91 36.43 -5.31
C ALA M 86 -21.64 35.41 -4.22
N GLU M 87 -21.75 35.82 -2.95
CA GLU M 87 -21.51 34.92 -1.84
C GLU M 87 -22.47 33.73 -1.86
N GLN M 88 -23.76 34.00 -2.12
CA GLN M 88 -24.73 32.91 -2.12
C GLN M 88 -24.52 31.99 -3.30
N GLN M 89 -24.11 32.52 -4.45
CA GLN M 89 -23.77 31.67 -5.57
C GLN M 89 -22.58 30.78 -5.26
N VAL M 90 -21.55 31.34 -4.61
CA VAL M 90 -20.37 30.56 -4.27
C VAL M 90 -20.74 29.45 -3.29
N LEU M 91 -21.56 29.77 -2.29
CA LEU M 91 -21.97 28.77 -1.30
C LEU M 91 -22.73 27.62 -1.96
N ALA M 92 -23.73 27.96 -2.79
CA ALA M 92 -24.52 26.93 -3.46
C ALA M 92 -23.65 26.03 -4.33
N TYR M 93 -22.64 26.63 -4.98
CA TYR M 93 -21.72 25.85 -5.81
C TYR M 93 -20.90 24.89 -4.96
N ILE M 94 -20.25 25.37 -3.90
CA ILE M 94 -19.40 24.49 -3.10
C ILE M 94 -20.20 23.39 -2.43
N LYS M 95 -21.42 23.70 -1.97
CA LYS M 95 -22.16 22.71 -1.19
C LYS M 95 -22.56 21.50 -2.01
N ARG M 96 -22.43 21.55 -3.33
CA ARG M 96 -22.64 20.34 -4.13
C ARG M 96 -21.61 19.27 -3.79
N TRP M 97 -20.41 19.68 -3.35
CA TRP M 97 -19.35 18.76 -2.95
C TRP M 97 -19.03 18.79 -1.47
N VAL M 98 -19.18 19.95 -0.83
CA VAL M 98 -18.80 20.09 0.57
C VAL M 98 -20.00 20.65 1.33
N PRO M 99 -20.96 19.82 1.68
CA PRO M 99 -22.16 20.35 2.34
C PRO M 99 -21.94 20.71 3.81
N GLU M 100 -20.98 20.09 4.50
CA GLU M 100 -20.82 20.34 5.92
C GLU M 100 -19.85 21.49 6.16
N ARG M 101 -20.26 22.42 7.01
CA ARG M 101 -19.40 23.56 7.29
C ARG M 101 -18.16 23.12 8.06
N ARG M 102 -17.08 23.87 7.89
CA ARG M 102 -15.85 23.73 8.67
C ARG M 102 -15.13 22.41 8.39
N THR M 103 -15.36 21.77 7.24
CA THR M 103 -14.71 20.51 6.91
C THR M 103 -13.74 20.58 5.74
N ALA M 104 -13.90 21.53 4.81
CA ALA M 104 -13.03 21.60 3.62
C ALA M 104 -12.06 22.76 3.74
N PRO M 105 -10.76 22.50 3.65
CA PRO M 105 -9.79 23.61 3.61
C PRO M 105 -9.98 24.48 2.38
N LEU M 106 -9.67 25.75 2.53
CA LEU M 106 -9.55 26.65 1.39
C LEU M 106 -8.11 26.63 0.87
N CYS M 107 -7.94 26.59 -0.46
CA CYS M 107 -6.64 26.36 -1.07
C CYS M 107 -6.33 27.38 -2.14
N GLY M 108 -5.06 27.75 -2.26
CA GLY M 108 -4.63 28.68 -3.28
C GLY M 108 -3.19 29.08 -3.04
N ASN M 109 -2.77 30.16 -3.71
CA ASN M 109 -1.43 30.73 -3.54
C ASN M 109 -1.55 31.99 -2.69
N SER M 110 -0.86 31.98 -1.55
CA SER M 110 -0.94 33.10 -0.59
C SER M 110 -2.40 33.38 -0.23
N ILE M 111 -3.15 32.29 -0.02
CA ILE M 111 -4.59 32.30 0.12
C ILE M 111 -5.05 33.05 1.37
N GLY M 112 -4.16 33.33 2.32
CA GLY M 112 -4.53 34.14 3.46
C GLY M 112 -4.99 35.53 3.07
N THR M 113 -4.47 36.07 1.96
CA THR M 113 -4.93 37.37 1.50
C THR M 113 -6.38 37.31 1.04
N ASP M 114 -6.70 36.31 0.19
CA ASP M 114 -8.10 36.11 -0.20
C ASP M 114 -8.98 35.90 1.03
N ARG M 115 -8.51 35.11 1.98
CA ARG M 115 -9.35 34.77 3.13
C ARG M 115 -9.69 36.01 3.94
N GLY M 116 -8.78 36.98 4.00
CA GLY M 116 -9.08 38.21 4.72
C GLY M 116 -10.22 38.99 4.09
N PHE M 117 -10.25 39.05 2.75
CA PHE M 117 -11.34 39.72 2.06
C PHE M 117 -12.64 38.93 2.16
N LEU M 118 -12.56 37.60 2.13
CA LEU M 118 -13.76 36.78 2.32
C LEU M 118 -14.32 36.93 3.72
N ALA M 119 -13.45 36.94 4.73
CA ALA M 119 -13.90 37.14 6.10
C ALA M 119 -14.57 38.51 6.28
N ARG M 120 -14.04 39.53 5.60
CA ARG M 120 -14.62 40.86 5.70
C ARG M 120 -15.98 40.94 4.98
N ASP M 121 -16.05 40.41 3.76
CA ASP M 121 -17.18 40.66 2.88
C ASP M 121 -18.16 39.51 2.78
N MET M 122 -17.74 38.28 3.07
CA MET M 122 -18.55 37.08 2.86
C MET M 122 -18.48 36.19 4.10
N PRO M 123 -19.06 36.65 5.21
CA PRO M 123 -18.90 35.92 6.49
C PRO M 123 -19.49 34.52 6.49
N GLU M 124 -20.62 34.31 5.80
CA GLU M 124 -21.19 32.96 5.75
C GLU M 124 -20.29 32.00 5.00
N LEU M 125 -19.69 32.47 3.89
CA LEU M 125 -18.75 31.62 3.17
C LEU M 125 -17.49 31.38 4.02
N ASP M 126 -17.00 32.44 4.66
CA ASP M 126 -15.86 32.31 5.56
C ASP M 126 -16.11 31.26 6.65
N ASP M 127 -17.34 31.22 7.17
CA ASP M 127 -17.68 30.25 8.21
C ASP M 127 -17.83 28.84 7.65
N HIS M 128 -18.31 28.72 6.41
CA HIS M 128 -18.49 27.40 5.81
C HIS M 128 -17.16 26.71 5.56
N LEU M 129 -16.14 27.48 5.18
CA LEU M 129 -14.84 26.88 4.93
C LEU M 129 -14.17 26.52 6.25
N HIS M 130 -13.37 25.45 6.21
CA HIS M 130 -12.46 25.17 7.33
C HIS M 130 -11.61 26.40 7.61
N TYR M 131 -11.23 26.62 8.87
CA TYR M 131 -10.28 27.70 9.08
C TYR M 131 -8.90 27.35 8.55
N ARG M 132 -8.59 26.07 8.46
CA ARG M 132 -7.30 25.64 7.91
C ARG M 132 -7.28 25.79 6.39
N MET M 133 -6.09 26.07 5.87
CA MET M 133 -5.92 26.44 4.48
C MET M 133 -4.71 25.70 3.94
N ILE M 134 -4.74 25.33 2.67
CA ILE M 134 -3.59 24.76 1.99
C ILE M 134 -3.02 25.84 1.07
N ASP M 135 -1.94 26.47 1.52
CA ASP M 135 -1.23 27.50 0.78
C ASP M 135 -0.15 26.85 -0.08
N VAL M 136 -0.39 26.78 -1.39
CA VAL M 136 0.62 26.20 -2.27
C VAL M 136 1.92 26.97 -2.19
N SER M 137 1.87 28.28 -1.93
CA SER M 137 3.10 29.05 -1.85
C SER M 137 3.93 28.69 -0.62
N SER M 138 3.31 28.10 0.42
CA SER M 138 4.11 27.56 1.52
C SER M 138 5.00 26.43 1.03
N VAL M 139 4.46 25.56 0.16
CA VAL M 139 5.26 24.49 -0.44
C VAL M 139 6.30 25.08 -1.38
N LYS M 140 5.92 26.09 -2.16
CA LYS M 140 6.89 26.80 -3.00
C LYS M 140 8.07 27.31 -2.20
N GLU M 141 7.81 27.95 -1.05
CA GLU M 141 8.91 28.45 -0.24
C GLU M 141 9.75 27.34 0.38
N LEU M 142 9.14 26.21 0.72
CA LEU M 142 9.93 25.07 1.18
C LEU M 142 10.79 24.53 0.05
N ALA M 143 10.25 24.49 -1.18
CA ALA M 143 11.04 23.99 -2.31
C ALA M 143 12.23 24.89 -2.58
N ARG M 144 12.04 26.21 -2.44
CA ARG M 144 13.13 27.15 -2.64
C ARG M 144 14.32 26.78 -1.78
N ARG M 145 14.06 26.34 -0.55
CA ARG M 145 15.12 26.09 0.42
C ARG M 145 15.61 24.65 0.41
N TRP M 146 14.72 23.68 0.21
CA TRP M 146 15.08 22.27 0.33
C TRP M 146 15.30 21.59 -1.00
N PHE M 147 14.68 22.10 -2.07
CA PHE M 147 14.71 21.45 -3.38
C PHE M 147 14.84 22.53 -4.46
N PRO M 148 15.98 23.24 -4.50
CA PRO M 148 16.06 24.43 -5.38
C PRO M 148 15.84 24.12 -6.84
N ARG M 149 16.30 22.96 -7.34
CA ARG M 149 16.07 22.67 -8.76
C ARG M 149 14.58 22.49 -9.07
N VAL M 150 13.80 21.96 -8.13
CA VAL M 150 12.34 21.93 -8.30
C VAL M 150 11.79 23.34 -8.25
N TYR M 151 12.28 24.17 -7.34
CA TYR M 151 11.83 25.56 -7.28
C TYR M 151 12.02 26.25 -8.62
N PHE M 152 13.20 26.11 -9.23
CA PHE M 152 13.48 26.78 -10.49
C PHE M 152 12.80 26.11 -11.67
N GLY M 153 12.24 24.91 -11.49
CA GLY M 153 11.56 24.23 -12.56
C GLY M 153 10.06 24.40 -12.58
N GLN M 154 9.50 25.20 -11.67
CA GLN M 154 8.04 25.40 -11.61
C GLN M 154 7.48 25.73 -12.99
N PRO M 155 6.34 25.18 -13.36
CA PRO M 155 5.69 25.61 -14.60
C PRO M 155 5.42 27.11 -14.60
N ALA M 156 5.71 27.73 -15.75
CA ALA M 156 5.52 29.16 -15.93
C ALA M 156 4.04 29.52 -15.84
N LYS M 157 3.71 30.51 -15.02
CA LYS M 157 2.34 30.96 -14.90
C LYS M 157 2.03 32.13 -15.84
N GLY M 158 0.76 32.23 -16.21
CA GLY M 158 0.31 33.39 -16.96
C GLY M 158 0.32 34.63 -16.10
N LEU M 159 0.44 35.78 -16.74
CA LEU M 159 0.58 37.03 -16.00
C LEU M 159 -0.68 37.89 -16.05
N ALA M 160 -1.83 37.28 -16.36
CA ALA M 160 -3.01 38.03 -16.72
C ALA M 160 -3.80 38.58 -15.53
N HIS M 161 -3.56 38.08 -14.32
CA HIS M 161 -4.31 38.49 -13.14
C HIS M 161 -5.82 38.34 -13.35
N ARG M 162 -6.22 37.20 -13.88
CA ARG M 162 -7.63 36.83 -14.02
C ARG M 162 -7.86 35.57 -13.19
N ALA M 163 -8.99 35.54 -12.49
CA ALA M 163 -9.09 34.68 -11.30
C ALA M 163 -9.20 33.21 -11.65
N LEU M 164 -9.95 32.85 -12.71
CA LEU M 164 -10.17 31.43 -12.97
C LEU M 164 -8.91 30.75 -13.49
N ALA M 165 -8.24 31.36 -14.48
CA ALA M 165 -6.98 30.81 -14.95
C ALA M 165 -5.97 30.71 -13.81
N ASP M 166 -5.95 31.73 -12.94
CA ASP M 166 -4.93 31.75 -11.91
C ASP M 166 -5.16 30.67 -10.86
N ILE M 167 -6.42 30.39 -10.49
CA ILE M 167 -6.65 29.31 -9.52
C ILE M 167 -6.39 27.95 -10.15
N ILE M 168 -6.66 27.77 -11.45
CA ILE M 168 -6.29 26.53 -12.11
C ILE M 168 -4.77 26.34 -12.07
N GLU M 169 -4.02 27.41 -12.30
CA GLU M 169 -2.56 27.30 -12.23
C GLU M 169 -2.07 27.04 -10.81
N SER M 170 -2.84 27.43 -9.78
CA SER M 170 -2.47 27.06 -8.42
C SER M 170 -2.56 25.56 -8.19
N VAL M 171 -3.65 24.94 -8.69
CA VAL M 171 -3.77 23.48 -8.60
C VAL M 171 -2.64 22.81 -9.38
N ARG M 172 -2.38 23.31 -10.59
CA ARG M 172 -1.30 22.75 -11.40
C ARG M 172 0.04 22.83 -10.67
N GLU M 173 0.28 23.93 -9.95
CA GLU M 173 1.52 24.05 -9.17
C GLU M 173 1.61 22.99 -8.08
N LEU M 174 0.50 22.77 -7.35
CA LEU M 174 0.54 21.75 -6.31
C LEU M 174 0.68 20.36 -6.90
N ALA M 175 0.10 20.12 -8.08
CA ALA M 175 0.28 18.83 -8.74
C ALA M 175 1.73 18.62 -9.13
N TYR M 176 2.43 19.70 -9.50
CA TYR M 176 3.85 19.64 -9.78
C TYR M 176 4.64 19.22 -8.54
N TYR M 177 4.34 19.84 -7.39
CA TYR M 177 5.03 19.45 -6.16
C TYR M 177 4.72 18.01 -5.75
N ARG M 178 3.47 17.56 -5.94
CA ARG M 178 3.12 16.19 -5.56
C ARG M 178 4.00 15.17 -6.29
N ARG M 179 4.37 15.45 -7.54
CA ARG M 179 5.23 14.57 -8.33
C ARG M 179 6.72 14.78 -8.12
N THR M 180 7.15 15.76 -7.31
CA THR M 180 8.57 16.09 -7.27
C THR M 180 9.13 16.06 -5.85
N VAL M 181 8.45 16.71 -4.91
CA VAL M 181 9.01 16.90 -3.58
C VAL M 181 8.29 16.09 -2.51
N PHE M 182 7.14 15.51 -2.80
CA PHE M 182 6.47 14.60 -1.87
C PHE M 182 6.76 13.15 -2.24
N VAL M 183 6.95 12.30 -1.21
CA VAL M 183 7.21 10.88 -1.42
C VAL M 183 6.00 10.19 -2.05
N ASP M 184 6.23 9.02 -2.62
CA ASP M 184 5.15 8.25 -3.21
C ASP M 184 4.12 7.87 -2.15
N SER M 185 2.84 7.94 -2.52
CA SER M 185 1.81 7.42 -1.63
C SER M 185 1.96 5.89 -1.55
N PRO M 186 1.55 5.27 -0.43
CA PRO M 186 0.87 5.75 0.78
C PRO M 186 1.81 6.37 1.82
N GLY M 187 3.10 6.34 1.53
CA GLY M 187 4.07 6.97 2.39
C GLY M 187 4.55 6.04 3.49
N PRO M 188 5.22 6.62 4.49
CA PRO M 188 5.80 5.83 5.59
C PRO M 188 4.81 4.91 6.27
N SER M 189 5.32 3.76 6.71
CA SER M 189 4.57 2.87 7.58
C SER M 189 4.34 3.54 8.94
N SER M 190 3.45 2.94 9.72
CA SER M 190 3.23 3.40 11.10
C SER M 190 4.54 3.42 11.88
N SER M 191 5.36 2.38 11.73
CA SER M 191 6.62 2.27 12.46
C SER M 191 7.59 3.37 12.05
N GLN M 192 7.68 3.67 10.75
CA GLN M 192 8.56 4.74 10.29
C GLN M 192 8.09 6.10 10.80
N ALA M 193 6.78 6.34 10.80
CA ALA M 193 6.27 7.60 11.32
C ALA M 193 6.56 7.74 12.81
N LYS M 194 6.39 6.66 13.58
CA LYS M 194 6.71 6.68 15.00
C LYS M 194 8.18 7.01 15.24
N LYS M 195 9.08 6.43 14.44
CA LYS M 195 10.50 6.70 14.60
C LYS M 195 10.82 8.16 14.30
N ALA M 196 10.26 8.71 13.23
CA ALA M 196 10.50 10.11 12.91
C ALA M 196 9.94 11.03 13.98
N ALA M 197 8.75 10.73 14.50
CA ALA M 197 8.18 11.56 15.55
C ALA M 197 9.05 11.51 16.80
N ALA M 198 9.53 10.31 17.16
CA ALA M 198 10.41 10.19 18.32
C ALA M 198 11.72 10.94 18.12
N GLU M 199 12.23 10.98 16.89
CA GLU M 199 13.48 11.68 16.62
C GLU M 199 13.33 13.17 16.88
N VAL M 200 12.27 13.77 16.33
CA VAL M 200 12.11 15.22 16.48
C VAL M 200 11.70 15.57 17.90
N VAL M 201 10.94 14.70 18.59
CA VAL M 201 10.61 14.98 19.98
C VAL M 201 11.87 14.97 20.84
N GLY M 202 12.72 13.96 20.64
CA GLY M 202 14.01 13.96 21.32
C GLY M 202 14.86 15.16 20.95
N GLY M 203 14.78 15.59 19.68
CA GLY M 203 15.61 16.69 19.23
C GLY M 203 15.22 18.04 19.83
N PHE M 204 13.92 18.25 20.04
CA PHE M 204 13.41 19.51 20.58
C PHE M 204 13.11 19.45 22.07
N ALA M 205 13.34 18.33 22.75
CA ALA M 205 12.89 18.16 24.12
C ALA M 205 13.54 19.16 25.07
N ALA M 206 14.85 19.33 24.96
CA ALA M 206 15.56 20.23 25.86
C ALA M 206 15.08 21.67 25.69
N LEU M 207 14.94 22.12 24.43
CA LEU M 207 14.44 23.46 24.16
C LEU M 207 13.05 23.68 24.75
N LEU M 208 12.19 22.65 24.69
CA LEU M 208 10.85 22.75 25.25
C LEU M 208 10.82 22.54 26.76
N ASP M 209 11.89 21.99 27.33
CA ASP M 209 12.02 21.88 28.77
C ASP M 209 12.40 23.25 29.34
N SER O 1 19.78 -15.77 -11.84
CA SER O 1 19.34 -16.81 -12.78
C SER O 1 18.06 -16.37 -13.49
N MET O 2 17.55 -17.19 -14.43
CA MET O 2 16.25 -16.87 -15.04
C MET O 2 15.13 -16.89 -14.01
N ALA O 3 15.35 -17.51 -12.85
CA ALA O 3 14.37 -17.40 -11.78
C ALA O 3 14.09 -15.94 -11.45
N ASP O 4 15.01 -15.04 -11.78
CA ASP O 4 14.89 -13.64 -11.43
C ASP O 4 14.31 -12.84 -12.59
N SER O 5 13.56 -11.81 -12.22
CA SER O 5 12.92 -10.89 -13.14
C SER O 5 13.53 -9.53 -12.89
N ALA O 6 14.10 -8.93 -13.94
CA ALA O 6 14.89 -7.74 -13.75
C ALA O 6 14.00 -6.56 -13.36
N GLY O 7 14.54 -5.68 -12.51
CA GLY O 7 13.90 -4.42 -12.21
C GLY O 7 14.00 -3.40 -13.32
N HIS O 8 14.84 -3.63 -14.32
CA HIS O 8 14.96 -2.76 -15.48
C HIS O 8 14.43 -3.48 -16.71
N LEU O 9 13.94 -2.68 -17.66
CA LEU O 9 13.36 -3.17 -18.90
C LEU O 9 14.23 -2.71 -20.06
N VAL O 10 14.43 -3.60 -21.03
CA VAL O 10 15.25 -3.30 -22.19
C VAL O 10 14.32 -3.04 -23.37
N TRP O 11 14.48 -1.88 -23.99
CA TRP O 11 13.66 -1.45 -25.12
C TRP O 11 14.52 -1.37 -26.37
N ILE O 12 14.08 -2.03 -27.45
CA ILE O 12 14.82 -1.97 -28.70
C ILE O 12 13.85 -1.74 -29.86
N ASP O 13 14.25 -0.88 -30.79
CA ASP O 13 13.58 -0.78 -32.07
C ASP O 13 14.62 -0.89 -33.17
N CYS O 14 14.27 -1.59 -34.25
CA CYS O 14 15.17 -1.83 -35.36
C CYS O 14 14.58 -1.29 -36.65
N GLU O 15 15.45 -0.93 -37.58
CA GLU O 15 15.04 -0.71 -38.96
C GLU O 15 15.75 -1.75 -39.82
N MET O 16 15.05 -2.23 -40.85
CA MET O 16 15.63 -3.24 -41.73
C MET O 16 15.39 -2.82 -43.19
N THR O 17 16.02 -3.55 -44.11
CA THR O 17 15.72 -3.34 -45.53
C THR O 17 14.38 -3.94 -45.92
N GLY O 18 13.73 -4.63 -44.99
CA GLY O 18 12.46 -5.30 -45.22
C GLY O 18 12.19 -6.26 -44.09
N LEU O 19 11.09 -6.99 -44.20
CA LEU O 19 10.65 -7.89 -43.13
C LEU O 19 11.08 -9.33 -43.34
N ASP O 20 11.81 -9.65 -44.40
CA ASP O 20 12.18 -11.02 -44.71
C ASP O 20 13.40 -11.44 -43.90
N LEU O 21 13.28 -12.54 -43.14
CA LEU O 21 14.38 -12.99 -42.29
C LEU O 21 15.49 -13.64 -43.11
N VAL O 22 15.18 -14.20 -44.28
CA VAL O 22 16.24 -14.80 -45.07
C VAL O 22 17.05 -13.72 -45.79
N GLU O 23 16.38 -12.70 -46.32
CA GLU O 23 16.99 -11.81 -47.30
C GLU O 23 17.39 -10.45 -46.73
N ASP O 24 16.57 -9.86 -45.87
CA ASP O 24 16.74 -8.46 -45.52
C ASP O 24 17.80 -8.26 -44.44
N LYS O 25 18.34 -7.04 -44.40
CA LYS O 25 19.45 -6.69 -43.54
C LYS O 25 19.02 -5.77 -42.42
N LEU O 26 19.67 -5.92 -41.27
CA LEU O 26 19.49 -5.05 -40.12
C LEU O 26 20.35 -3.80 -40.31
N ILE O 27 19.74 -2.62 -40.23
CA ILE O 27 20.50 -1.42 -40.61
C ILE O 27 20.47 -0.34 -39.54
N GLU O 28 19.58 -0.49 -38.55
CA GLU O 28 19.56 0.43 -37.41
C GLU O 28 19.07 -0.30 -36.17
N VAL O 29 19.70 -0.03 -35.04
CA VAL O 29 19.26 -0.54 -33.75
C VAL O 29 19.33 0.59 -32.74
N ALA O 30 18.22 0.87 -32.09
CA ALA O 30 18.18 1.80 -30.97
C ALA O 30 17.81 1.07 -29.70
N VAL O 31 18.45 1.45 -28.59
CA VAL O 31 18.29 0.77 -27.31
C VAL O 31 18.00 1.80 -26.25
N LEU O 32 17.01 1.51 -25.41
CA LEU O 32 16.64 2.37 -24.30
C LEU O 32 16.47 1.51 -23.06
N ILE O 33 16.81 2.04 -21.89
CA ILE O 33 16.59 1.32 -20.64
C ILE O 33 15.62 2.13 -19.78
N THR O 34 14.63 1.45 -19.21
CA THR O 34 13.76 2.08 -18.23
C THR O 34 13.79 1.27 -16.94
N ASP O 35 13.34 1.90 -15.87
CA ASP O 35 12.99 1.11 -14.69
C ASP O 35 11.59 0.54 -14.90
N SER O 36 11.06 -0.13 -13.88
CA SER O 36 9.74 -0.73 -13.97
C SER O 36 8.63 0.31 -14.03
N GLU O 37 8.90 1.55 -13.63
CA GLU O 37 7.92 2.62 -13.72
C GLU O 37 8.04 3.42 -15.00
N LEU O 38 8.80 2.92 -15.97
CA LEU O 38 8.94 3.51 -17.31
C LEU O 38 9.68 4.83 -17.29
N ASN O 39 10.47 5.09 -16.24
CA ASN O 39 11.42 6.19 -16.26
C ASN O 39 12.59 5.82 -17.13
N VAL O 40 12.87 6.63 -18.15
CA VAL O 40 14.00 6.38 -19.05
C VAL O 40 15.27 6.84 -18.37
N LEU O 41 16.25 5.94 -18.28
CA LEU O 41 17.40 6.15 -17.41
C LEU O 41 18.58 6.78 -18.12
N ASP O 42 18.56 6.86 -19.44
CA ASP O 42 19.69 7.32 -20.24
C ASP O 42 19.14 7.71 -21.60
N PRO O 43 19.75 8.70 -22.27
CA PRO O 43 19.18 9.18 -23.55
C PRO O 43 19.07 8.11 -24.63
N GLY O 44 19.77 6.99 -24.51
CA GLY O 44 19.61 5.91 -25.45
C GLY O 44 20.82 5.78 -26.38
N LEU O 45 20.90 4.62 -27.03
CA LEU O 45 21.94 4.30 -27.98
C LEU O 45 21.28 4.12 -29.34
N ASP O 46 21.86 4.70 -30.38
CA ASP O 46 21.33 4.57 -31.74
C ASP O 46 22.48 4.27 -32.68
N LEU O 47 22.46 3.08 -33.28
CA LEU O 47 23.55 2.57 -34.11
C LEU O 47 23.08 2.39 -35.53
N ILE O 48 23.86 2.89 -36.49
CA ILE O 48 23.57 2.72 -37.91
C ILE O 48 24.52 1.65 -38.45
N ILE O 49 23.95 0.53 -38.92
CA ILE O 49 24.72 -0.65 -39.31
C ILE O 49 24.87 -0.70 -40.82
N SER O 50 26.10 -0.93 -41.28
CA SER O 50 26.38 -0.86 -42.70
C SER O 50 25.77 -2.04 -43.44
N ALA O 51 25.27 -1.78 -44.65
CA ALA O 51 24.71 -2.79 -45.54
C ALA O 51 25.19 -2.53 -46.95
N ASP O 52 25.26 -3.59 -47.76
CA ASP O 52 25.73 -3.52 -49.14
C ASP O 52 24.99 -2.46 -49.95
N ASP O 53 25.60 -2.00 -51.03
CA ASP O 53 24.82 -1.22 -51.97
C ASP O 53 23.81 -2.10 -52.69
N ALA O 54 24.17 -3.37 -52.92
CA ALA O 54 23.23 -4.31 -53.50
C ALA O 54 22.06 -4.57 -52.57
N ALA O 55 22.33 -4.65 -51.26
CA ALA O 55 21.26 -4.82 -50.29
C ALA O 55 20.32 -3.62 -50.29
N LEU O 56 20.88 -2.40 -50.30
CA LEU O 56 20.05 -1.20 -50.29
C LEU O 56 19.26 -1.07 -51.59
N ASP O 57 19.92 -1.28 -52.74
CA ASP O 57 19.20 -1.17 -54.01
C ASP O 57 18.11 -2.22 -54.13
N GLY O 58 18.26 -3.35 -53.44
CA GLY O 58 17.24 -4.40 -53.47
C GLY O 58 15.99 -4.11 -52.67
N MET O 59 15.94 -2.97 -51.99
CA MET O 59 14.80 -2.60 -51.17
C MET O 59 13.57 -2.40 -52.04
N ASN O 60 12.40 -2.77 -51.53
CA ASN O 60 11.20 -2.54 -52.30
C ASN O 60 10.81 -1.07 -52.23
N GLU O 61 9.83 -0.68 -53.04
CA GLU O 61 9.52 0.73 -53.22
C GLU O 61 9.06 1.38 -51.92
N VAL O 62 8.32 0.66 -51.09
CA VAL O 62 7.82 1.25 -49.85
C VAL O 62 8.96 1.52 -48.88
N VAL O 63 9.78 0.50 -48.62
CA VAL O 63 10.89 0.67 -47.68
C VAL O 63 11.92 1.64 -48.24
N ARG O 64 12.20 1.55 -49.56
CA ARG O 64 13.12 2.49 -50.18
C ARG O 64 12.67 3.93 -49.97
N THR O 65 11.37 4.20 -50.15
CA THR O 65 10.86 5.54 -49.94
C THR O 65 11.03 5.99 -48.50
N MET O 66 10.67 5.14 -47.53
CA MET O 66 10.73 5.59 -46.15
C MET O 66 12.17 5.81 -45.70
N HIS O 67 13.08 4.93 -46.11
CA HIS O 67 14.46 5.07 -45.66
C HIS O 67 15.21 6.17 -46.40
N GLU O 68 14.77 6.54 -47.61
CA GLU O 68 15.34 7.71 -48.26
C GLU O 68 14.81 9.01 -47.64
N LYS O 69 13.52 9.05 -47.31
CA LYS O 69 12.93 10.26 -46.75
C LYS O 69 13.55 10.63 -45.42
N SER O 70 13.92 9.64 -44.60
CA SER O 70 14.48 9.90 -43.30
C SER O 70 15.98 10.18 -43.33
N GLY O 71 16.63 9.91 -44.46
CA GLY O 71 18.07 9.98 -44.53
C GLY O 71 18.78 8.73 -44.06
N LEU O 72 18.03 7.70 -43.64
CA LEU O 72 18.65 6.47 -43.15
C LEU O 72 19.52 5.82 -44.22
N THR O 73 19.00 5.70 -45.45
CA THR O 73 19.76 5.02 -46.49
C THR O 73 21.14 5.63 -46.65
N GLU O 74 21.22 6.96 -46.79
CA GLU O 74 22.52 7.58 -46.99
C GLU O 74 23.39 7.51 -45.74
N GLU O 75 22.80 7.37 -44.56
CA GLU O 75 23.60 7.12 -43.37
C GLU O 75 24.13 5.69 -43.35
N VAL O 76 23.29 4.71 -43.73
CA VAL O 76 23.74 3.33 -43.85
C VAL O 76 24.91 3.22 -44.82
N ARG O 77 24.80 3.91 -45.97
CA ARG O 77 25.86 3.89 -46.97
C ARG O 77 27.19 4.36 -46.39
N ALA O 78 27.17 5.48 -45.66
CA ALA O 78 28.38 6.01 -45.07
C ALA O 78 28.86 5.19 -43.88
N SER O 79 28.01 4.32 -43.34
CA SER O 79 28.36 3.60 -42.13
C SER O 79 29.40 2.53 -42.41
N THR O 80 30.29 2.32 -41.44
CA THR O 80 31.26 1.23 -41.46
C THR O 80 31.04 0.26 -40.32
N LEU O 81 29.94 0.39 -39.58
CA LEU O 81 29.69 -0.44 -38.41
C LEU O 81 29.07 -1.77 -38.84
N THR O 82 29.63 -2.87 -38.34
CA THR O 82 29.14 -4.19 -38.68
C THR O 82 28.17 -4.70 -37.61
N VAL O 83 27.52 -5.82 -37.94
CA VAL O 83 26.54 -6.41 -37.04
C VAL O 83 27.20 -6.83 -35.72
N ALA O 84 28.38 -7.46 -35.82
CA ALA O 84 29.06 -7.94 -34.62
C ALA O 84 29.54 -6.79 -33.75
N GLU O 85 30.09 -5.73 -34.37
CA GLU O 85 30.51 -4.56 -33.61
C GLU O 85 29.32 -3.92 -32.89
N ALA O 86 28.18 -3.78 -33.60
CA ALA O 86 27.00 -3.16 -33.00
C ALA O 86 26.46 -4.01 -31.87
N GLU O 87 26.51 -5.33 -32.01
CA GLU O 87 26.04 -6.21 -30.94
C GLU O 87 26.83 -5.99 -29.66
N GLN O 88 28.17 -5.95 -29.76
CA GLN O 88 28.99 -5.76 -28.57
C GLN O 88 28.74 -4.41 -27.91
N GLN O 89 28.46 -3.38 -28.71
CA GLN O 89 28.10 -2.09 -28.14
C GLN O 89 26.77 -2.14 -27.40
N VAL O 90 25.76 -2.79 -27.98
CA VAL O 90 24.46 -2.90 -27.33
C VAL O 90 24.57 -3.71 -26.05
N LEU O 91 25.32 -4.82 -26.08
CA LEU O 91 25.53 -5.63 -24.89
C LEU O 91 26.20 -4.82 -23.78
N ALA O 92 27.29 -4.12 -24.12
CA ALA O 92 27.98 -3.31 -23.13
C ALA O 92 27.06 -2.24 -22.55
N TYR O 93 26.23 -1.66 -23.40
CA TYR O 93 25.28 -0.65 -22.93
C TYR O 93 24.27 -1.26 -21.97
N ILE O 94 23.61 -2.35 -22.40
CA ILE O 94 22.60 -3.01 -21.58
C ILE O 94 23.17 -3.44 -20.23
N LYS O 95 24.38 -3.98 -20.24
CA LYS O 95 24.97 -4.53 -19.03
C LYS O 95 25.27 -3.47 -17.97
N ARG O 96 25.27 -2.18 -18.35
CA ARG O 96 25.39 -1.13 -17.36
C ARG O 96 24.23 -1.13 -16.37
N TRP O 97 23.05 -1.57 -16.81
CA TRP O 97 21.87 -1.67 -15.95
C TRP O 97 21.41 -3.10 -15.71
N VAL O 98 21.59 -3.99 -16.68
CA VAL O 98 21.19 -5.40 -16.53
C VAL O 98 22.40 -6.28 -16.85
N PRO O 99 23.35 -6.44 -15.94
CA PRO O 99 24.52 -7.28 -16.26
C PRO O 99 24.21 -8.77 -16.36
N GLU O 100 23.11 -9.24 -15.79
CA GLU O 100 22.84 -10.67 -15.71
C GLU O 100 21.94 -11.12 -16.86
N ARG O 101 22.35 -12.18 -17.55
CA ARG O 101 21.60 -12.67 -18.70
C ARG O 101 20.32 -13.39 -18.27
N ARG O 102 19.36 -13.41 -19.19
CA ARG O 102 18.10 -14.13 -19.06
C ARG O 102 17.18 -13.55 -17.99
N THR O 103 17.34 -12.27 -17.64
CA THR O 103 16.46 -11.67 -16.62
C THR O 103 15.62 -10.51 -17.10
N ALA O 104 16.06 -9.73 -18.10
CA ALA O 104 15.28 -8.54 -18.48
C ALA O 104 14.45 -8.80 -19.72
N PRO O 105 13.16 -8.52 -19.68
CA PRO O 105 12.32 -8.64 -20.88
C PRO O 105 12.70 -7.60 -21.92
N LEU O 106 12.61 -8.00 -23.18
CA LEU O 106 12.71 -7.05 -24.29
C LEU O 106 11.35 -6.42 -24.54
N CYS O 107 11.33 -5.11 -24.81
CA CYS O 107 10.08 -4.36 -24.90
C CYS O 107 10.04 -3.47 -26.13
N GLY O 108 8.84 -3.31 -26.68
CA GLY O 108 8.64 -2.46 -27.84
C GLY O 108 7.28 -2.73 -28.47
N ASN O 109 7.06 -2.12 -29.65
CA ASN O 109 5.84 -2.32 -30.42
C ASN O 109 6.07 -3.43 -31.42
N SER O 110 5.26 -4.48 -31.35
CA SER O 110 5.41 -5.66 -32.22
C SER O 110 6.85 -6.14 -32.18
N ILE O 111 7.37 -6.21 -30.94
CA ILE O 111 8.77 -6.46 -30.65
C ILE O 111 9.21 -7.83 -31.11
N GLY O 112 8.26 -8.74 -31.35
CA GLY O 112 8.61 -10.05 -31.90
C GLY O 112 9.33 -9.97 -33.24
N THR O 113 8.99 -8.97 -34.05
CA THR O 113 9.68 -8.84 -35.34
C THR O 113 11.14 -8.50 -35.13
N ASP O 114 11.42 -7.53 -34.24
CA ASP O 114 12.79 -7.20 -33.90
C ASP O 114 13.54 -8.39 -33.33
N ARG O 115 12.87 -9.14 -32.43
CA ARG O 115 13.53 -10.26 -31.77
C ARG O 115 13.97 -11.32 -32.79
N GLY O 116 13.16 -11.52 -33.83
CA GLY O 116 13.57 -12.47 -34.86
C GLY O 116 14.86 -12.08 -35.56
N PHE O 117 15.02 -10.78 -35.82
CA PHE O 117 16.24 -10.31 -36.46
C PHE O 117 17.41 -10.33 -35.49
N LEU O 118 17.15 -9.99 -34.22
CA LEU O 118 18.21 -10.04 -33.22
C LEU O 118 18.70 -11.47 -33.01
N ALA O 119 17.78 -12.44 -32.97
CA ALA O 119 18.18 -13.83 -32.82
C ALA O 119 18.98 -14.32 -34.01
N ARG O 120 18.73 -13.78 -35.19
CA ARG O 120 19.46 -14.23 -36.37
C ARG O 120 20.85 -13.63 -36.45
N ASP O 121 20.98 -12.34 -36.17
CA ASP O 121 22.22 -11.60 -36.38
C ASP O 121 23.03 -11.37 -35.12
N MET O 122 22.39 -11.35 -33.95
CA MET O 122 23.04 -11.03 -32.68
C MET O 122 22.67 -12.06 -31.63
N PRO O 123 23.14 -13.31 -31.79
CA PRO O 123 22.66 -14.38 -30.90
C PRO O 123 23.12 -14.23 -29.46
N GLU O 124 24.25 -13.55 -29.21
CA GLU O 124 24.65 -13.29 -27.83
C GLU O 124 23.69 -12.31 -27.15
N LEU O 125 23.32 -11.24 -27.85
CA LEU O 125 22.31 -10.32 -27.34
C LEU O 125 20.98 -11.03 -27.15
N ASP O 126 20.58 -11.84 -28.13
CA ASP O 126 19.36 -12.63 -28.00
C ASP O 126 19.39 -13.51 -26.76
N ASP O 127 20.54 -14.12 -26.48
CA ASP O 127 20.68 -14.96 -25.30
C ASP O 127 20.67 -14.13 -24.02
N HIS O 128 21.14 -12.88 -24.07
CA HIS O 128 21.18 -12.07 -22.86
C HIS O 128 19.80 -11.71 -22.36
N LEU O 129 18.83 -11.55 -23.25
CA LEU O 129 17.50 -11.13 -22.86
C LEU O 129 16.69 -12.30 -22.32
N HIS O 130 15.67 -11.98 -21.51
CA HIS O 130 14.66 -12.95 -21.16
C HIS O 130 13.97 -13.44 -22.43
N TYR O 131 13.38 -14.66 -22.37
CA TYR O 131 12.56 -15.08 -23.50
C TYR O 131 11.23 -14.35 -23.53
N ARG O 132 10.72 -13.91 -22.38
CA ARG O 132 9.48 -13.15 -22.34
C ARG O 132 9.73 -11.73 -22.81
N MET O 133 8.72 -11.16 -23.47
CA MET O 133 8.79 -9.78 -23.90
C MET O 133 7.51 -9.04 -23.57
N ILE O 134 7.63 -7.72 -23.49
CA ILE O 134 6.49 -6.85 -23.24
C ILE O 134 6.21 -6.12 -24.54
N ASP O 135 5.16 -6.56 -25.24
CA ASP O 135 4.77 -5.98 -26.53
C ASP O 135 3.71 -4.92 -26.25
N VAL O 136 4.09 -3.66 -26.38
CA VAL O 136 3.13 -2.56 -26.18
C VAL O 136 1.94 -2.69 -27.12
N SER O 137 2.14 -3.24 -28.32
CA SER O 137 1.02 -3.36 -29.25
C SER O 137 -0.01 -4.40 -28.79
N SER O 138 0.37 -5.32 -27.90
CA SER O 138 -0.63 -6.19 -27.30
C SER O 138 -1.60 -5.37 -26.45
N VAL O 139 -1.07 -4.46 -25.64
CA VAL O 139 -1.94 -3.58 -24.86
C VAL O 139 -2.74 -2.68 -25.79
N LYS O 140 -2.10 -2.19 -26.85
CA LYS O 140 -2.80 -1.40 -27.86
C LYS O 140 -4.04 -2.13 -28.39
N GLU O 141 -3.87 -3.41 -28.71
CA GLU O 141 -4.98 -4.16 -29.31
C GLU O 141 -6.07 -4.46 -28.29
N LEU O 142 -5.71 -4.59 -27.00
CA LEU O 142 -6.70 -4.73 -25.94
C LEU O 142 -7.45 -3.43 -25.73
N ALA O 143 -6.73 -2.30 -25.75
CA ALA O 143 -7.40 -1.00 -25.67
C ALA O 143 -8.37 -0.80 -26.83
N ARG O 144 -7.99 -1.19 -28.05
CA ARG O 144 -8.89 -1.04 -29.18
C ARG O 144 -10.24 -1.71 -28.93
N ARG O 145 -10.20 -2.86 -28.24
CA ARG O 145 -11.38 -3.68 -28.03
C ARG O 145 -12.12 -3.35 -26.74
N TRP O 146 -11.40 -3.02 -25.68
CA TRP O 146 -12.02 -2.83 -24.39
C TRP O 146 -12.20 -1.37 -24.02
N PHE O 147 -11.37 -0.49 -24.55
CA PHE O 147 -11.37 0.93 -24.19
C PHE O 147 -11.19 1.79 -25.43
N PRO O 148 -12.14 1.72 -26.38
CA PRO O 148 -11.96 2.43 -27.67
C PRO O 148 -11.57 3.90 -27.56
N ARG O 149 -12.16 4.64 -26.62
CA ARG O 149 -11.82 6.06 -26.52
C ARG O 149 -10.36 6.25 -26.16
N VAL O 150 -9.80 5.35 -25.33
CA VAL O 150 -8.37 5.41 -25.03
C VAL O 150 -7.57 5.10 -26.29
N TYR O 151 -7.95 4.07 -27.03
CA TYR O 151 -7.23 3.72 -28.26
C TYR O 151 -7.19 4.91 -29.22
N PHE O 152 -8.34 5.56 -29.44
CA PHE O 152 -8.35 6.67 -30.38
C PHE O 152 -7.66 7.91 -29.81
N GLY O 153 -7.50 8.01 -28.50
CA GLY O 153 -6.82 9.14 -27.91
C GLY O 153 -5.32 9.03 -27.79
N GLN O 154 -4.72 7.95 -28.29
CA GLN O 154 -3.28 7.71 -28.17
C GLN O 154 -2.49 8.94 -28.62
N PRO O 155 -1.36 9.23 -27.98
CA PRO O 155 -0.46 10.26 -28.51
C PRO O 155 -0.09 9.98 -29.97
N ALA O 156 -0.08 11.04 -30.77
CA ALA O 156 0.33 10.94 -32.17
C ALA O 156 1.81 10.59 -32.26
N LYS O 157 2.13 9.58 -33.08
CA LYS O 157 3.53 9.19 -33.26
C LYS O 157 4.14 9.91 -34.46
N GLY O 158 5.47 9.85 -34.53
CA GLY O 158 6.20 10.67 -35.49
C GLY O 158 6.17 10.15 -36.91
N LEU O 159 5.96 8.85 -37.10
CA LEU O 159 5.83 8.22 -38.43
C LEU O 159 7.12 8.31 -39.26
N ALA O 160 8.27 8.55 -38.63
CA ALA O 160 9.49 8.79 -39.38
C ALA O 160 10.29 7.51 -39.68
N HIS O 161 9.95 6.39 -39.05
CA HIS O 161 10.71 5.14 -39.18
C HIS O 161 12.19 5.35 -38.87
N ARG O 162 12.47 6.06 -37.78
CA ARG O 162 13.82 6.14 -37.24
C ARG O 162 13.81 5.59 -35.82
N ALA O 163 14.85 4.80 -35.50
CA ALA O 163 14.72 3.81 -34.43
C ALA O 163 14.69 4.45 -33.05
N LEU O 164 15.48 5.50 -32.83
CA LEU O 164 15.55 6.06 -31.48
C LEU O 164 14.26 6.77 -31.11
N ALA O 165 13.79 7.68 -31.96
CA ALA O 165 12.52 8.35 -31.71
C ALA O 165 11.39 7.34 -31.56
N ASP O 166 11.36 6.31 -32.42
CA ASP O 166 10.26 5.36 -32.34
C ASP O 166 10.28 4.54 -31.05
N ILE O 167 11.46 4.14 -30.57
CA ILE O 167 11.45 3.35 -29.34
C ILE O 167 11.05 4.22 -28.15
N ILE O 168 11.43 5.50 -28.17
CA ILE O 168 10.97 6.42 -27.13
C ILE O 168 9.45 6.56 -27.18
N GLU O 169 8.87 6.68 -28.38
CA GLU O 169 7.42 6.76 -28.47
C GLU O 169 6.73 5.45 -28.09
N SER O 170 7.44 4.33 -28.18
CA SER O 170 6.90 3.08 -27.65
C SER O 170 6.76 3.13 -26.13
N VAL O 171 7.82 3.56 -25.44
CA VAL O 171 7.70 3.77 -23.99
C VAL O 171 6.56 4.74 -23.69
N ARG O 172 6.48 5.83 -24.46
CA ARG O 172 5.47 6.83 -24.16
C ARG O 172 4.07 6.28 -24.34
N GLU O 173 3.87 5.42 -25.34
CA GLU O 173 2.58 4.76 -25.53
C GLU O 173 2.22 3.88 -24.33
N LEU O 174 3.18 3.11 -23.82
CA LEU O 174 2.86 2.29 -22.65
C LEU O 174 2.60 3.15 -21.42
N ALA O 175 3.33 4.27 -21.28
CA ALA O 175 3.07 5.17 -20.15
C ALA O 175 1.66 5.73 -20.23
N TYR O 176 1.17 5.97 -21.45
CA TYR O 176 -0.20 6.44 -21.64
C TYR O 176 -1.21 5.38 -21.19
N TYR O 177 -0.97 4.11 -21.57
CA TYR O 177 -1.86 3.05 -21.11
C TYR O 177 -1.80 2.88 -19.60
N ARG O 178 -0.60 3.02 -19.02
CA ARG O 178 -0.46 2.97 -17.57
C ARG O 178 -1.38 3.96 -16.88
N ARG O 179 -1.55 5.15 -17.47
CA ARG O 179 -2.36 6.22 -16.88
C ARG O 179 -3.86 6.08 -17.18
N THR O 180 -4.25 5.19 -18.11
CA THR O 180 -5.63 5.17 -18.61
C THR O 180 -6.34 3.84 -18.41
N VAL O 181 -5.73 2.71 -18.80
CA VAL O 181 -6.43 1.44 -18.84
C VAL O 181 -6.07 0.51 -17.69
N PHE O 182 -5.03 0.82 -16.91
CA PHE O 182 -4.60 0.01 -15.77
C PHE O 182 -5.01 0.69 -14.47
N VAL O 183 -5.39 -0.11 -13.48
CA VAL O 183 -5.71 0.42 -12.14
C VAL O 183 -4.45 0.99 -11.50
N ASP O 184 -4.61 1.77 -10.43
CA ASP O 184 -3.46 2.27 -9.69
C ASP O 184 -2.69 1.13 -9.02
N SER O 185 -1.35 1.20 -9.05
CA SER O 185 -0.58 0.29 -8.21
C SER O 185 -0.89 0.62 -6.74
N PRO O 186 -0.84 -0.36 -5.83
CA PRO O 186 -0.39 -1.75 -5.99
C PRO O 186 -1.45 -2.70 -6.53
N GLY O 187 -2.65 -2.19 -6.85
CA GLY O 187 -3.71 -3.01 -7.37
C GLY O 187 -4.49 -3.74 -6.30
N PRO O 188 -5.30 -4.72 -6.72
CA PRO O 188 -6.22 -5.40 -5.80
C PRO O 188 -5.51 -6.12 -4.66
N SER O 189 -6.25 -6.30 -3.59
CA SER O 189 -5.81 -7.10 -2.45
C SER O 189 -5.67 -8.57 -2.84
N SER O 190 -5.00 -9.34 -1.97
CA SER O 190 -4.90 -10.78 -2.19
C SER O 190 -6.28 -11.43 -2.20
N SER O 191 -7.17 -10.98 -1.30
CA SER O 191 -8.53 -11.53 -1.28
C SER O 191 -9.24 -11.26 -2.61
N GLN O 192 -9.15 -10.02 -3.11
CA GLN O 192 -9.81 -9.68 -4.36
C GLN O 192 -9.22 -10.46 -5.52
N ALA O 193 -7.89 -10.64 -5.55
CA ALA O 193 -7.29 -11.44 -6.63
C ALA O 193 -7.73 -12.89 -6.54
N LYS O 194 -7.76 -13.44 -5.32
CA LYS O 194 -8.20 -14.82 -5.14
C LYS O 194 -9.65 -14.98 -5.62
N LYS O 195 -10.50 -13.99 -5.32
CA LYS O 195 -11.88 -14.06 -5.78
C LYS O 195 -11.95 -14.02 -7.30
N ALA O 196 -11.19 -13.12 -7.92
CA ALA O 196 -11.20 -13.05 -9.38
C ALA O 196 -10.68 -14.33 -10.01
N ALA O 197 -9.64 -14.93 -9.41
CA ALA O 197 -9.13 -16.19 -9.94
C ALA O 197 -10.18 -17.29 -9.83
N ALA O 198 -10.87 -17.37 -8.69
CA ALA O 198 -11.89 -18.39 -8.52
C ALA O 198 -13.04 -18.19 -9.51
N GLU O 199 -13.38 -16.94 -9.83
CA GLU O 199 -14.46 -16.69 -10.76
C GLU O 199 -14.11 -17.13 -12.18
N VAL O 200 -12.88 -16.85 -12.63
CA VAL O 200 -12.55 -17.27 -14.00
C VAL O 200 -12.32 -18.78 -14.05
N VAL O 201 -11.86 -19.38 -12.96
CA VAL O 201 -11.72 -20.84 -12.96
C VAL O 201 -13.09 -21.50 -13.07
N GLY O 202 -14.07 -21.00 -12.32
CA GLY O 202 -15.42 -21.52 -12.46
C GLY O 202 -16.03 -21.23 -13.82
N GLY O 203 -15.69 -20.09 -14.43
CA GLY O 203 -16.22 -19.76 -15.74
C GLY O 203 -15.69 -20.65 -16.84
N PHE O 204 -14.41 -21.01 -16.77
CA PHE O 204 -13.76 -21.79 -17.81
C PHE O 204 -13.74 -23.29 -17.52
N ALA O 205 -14.33 -23.73 -16.40
CA ALA O 205 -14.12 -25.10 -15.95
C ALA O 205 -14.77 -26.12 -16.89
N ALA O 206 -15.99 -25.84 -17.38
CA ALA O 206 -16.64 -26.79 -18.27
C ALA O 206 -15.89 -26.94 -19.58
N LEU O 207 -15.33 -25.84 -20.08
CA LEU O 207 -14.56 -25.90 -21.32
C LEU O 207 -13.27 -26.68 -21.13
N LEU O 208 -12.66 -26.58 -19.95
CA LEU O 208 -11.42 -27.29 -19.65
C LEU O 208 -11.64 -28.73 -19.22
N ASP O 209 -12.84 -29.09 -18.78
CA ASP O 209 -13.07 -30.42 -18.23
C ASP O 209 -13.97 -31.25 -19.14
NA NA Q . -0.92 29.13 20.76
NA NA R . -1.31 29.87 17.01
NA NA S . -28.91 12.13 14.39
NA NA T . 1.92 -25.76 -24.25
NA NA U . 3.00 -22.29 -25.69
NA NA V . 13.87 -31.69 9.90
NA NA W . -19.33 -2.54 30.53
NA NA X . 27.00 -20.19 -5.84
NA NA Y . -4.28 35.47 -5.87
NA NA Z . 9.64 -1.16 -34.98
#